data_3TWP
#
_entry.id   3TWP
#
_cell.length_a   78.689
_cell.length_b   111.263
_cell.length_c   81.118
_cell.angle_alpha   90.00
_cell.angle_beta   90.06
_cell.angle_gamma   90.00
#
_symmetry.space_group_name_H-M   'P 1 21 1'
#
loop_
_entity.id
_entity.type
_entity.pdbx_description
1 polymer 'Anthranilate phosphoribosyltransferase'
2 non-polymer 1-O-pyrophosphono-5-O-phosphono-alpha-D-ribofuranose
3 non-polymer 'MAGNESIUM ION'
4 non-polymer '2-HYDROXYBENZOIC ACID'
5 non-polymer GLYCEROL
6 water water
#
_entity_poly.entity_id   1
_entity_poly.type   'polypeptide(L)'
_entity_poly.pdbx_seq_one_letter_code
;ALSAEGSSGGSRGGSPKAEAASVPSWPQILGRLTDNRDLARGQAAWAMDQIMTGNARPAQIAAFAVAMTMKAPTADEVGE
LAGVMLSHAHPLPADTVPDDAVDVVGTGGDGVNTVNLSTMAAIVVAAAGVPVVKHGNRAASSLSGGADTLEALGVRIDLG
PDLVARSLAEVGIGFCFAPRFHPSYRHAAAVRREIGVPTVFNLLGPLTNPARPRAGLIGCAFADLAEVMAGVFAARRSSV
LVVHGDDGLDELTTTTTSTIWRVAAGSVDKLTFDPAGFGFARAQLDQLAGGDAQANAAAVRAVLGGARGPVRDAVVLNAA
GAIVAHAGLSSRAEWLPAWEEGLRRASAAIDTGAAEQLLARWVRFGRQILEHHHHHH
;
_entity_poly.pdbx_strand_id   A,B,C,D
#
loop_
_chem_comp.id
_chem_comp.type
_chem_comp.name
_chem_comp.formula
GOL non-polymer GLYCEROL 'C3 H8 O3'
MG non-polymer 'MAGNESIUM ION' 'Mg 2'
PRP D-saccharide 1-O-pyrophosphono-5-O-phosphono-alpha-D-ribofuranose 'C5 H13 O14 P3'
SAL non-polymer '2-HYDROXYBENZOIC ACID' 'C7 H6 O3'
#
# COMPACT_ATOMS: atom_id res chain seq x y z
N PRO A 24 46.24 19.29 31.67
CA PRO A 24 46.11 19.72 33.07
C PRO A 24 47.47 19.77 33.75
N SER A 25 47.61 20.60 34.77
CA SER A 25 48.84 20.70 35.53
C SER A 25 48.56 21.13 36.97
N TRP A 26 49.54 20.92 37.84
CA TRP A 26 49.44 21.38 39.21
C TRP A 26 49.28 22.90 39.34
N PRO A 27 50.10 23.70 38.61
CA PRO A 27 49.88 25.13 38.67
C PRO A 27 48.47 25.56 38.24
N GLN A 28 47.94 24.93 37.19
CA GLN A 28 46.57 25.26 36.72
C GLN A 28 45.51 24.91 37.77
N ILE A 29 45.55 23.69 38.26
CA ILE A 29 44.57 23.20 39.25
C ILE A 29 44.69 23.92 40.60
N LEU A 30 45.91 24.01 41.12
CA LEU A 30 46.13 24.73 42.39
C LEU A 30 45.77 26.20 42.29
N GLY A 31 46.10 26.83 41.16
CA GLY A 31 45.69 28.23 40.92
C GLY A 31 44.19 28.43 40.93
N ARG A 32 43.47 27.49 40.31
CA ARG A 32 42.02 27.59 40.26
C ARG A 32 41.46 27.48 41.69
N LEU A 33 41.98 26.54 42.48
CA LEU A 33 41.51 26.37 43.86
C LEU A 33 41.86 27.57 44.74
N THR A 34 43.08 28.08 44.62
CA THR A 34 43.44 29.29 45.41
C THR A 34 42.66 30.53 44.94
N ASP A 35 42.15 30.54 43.71
CA ASP A 35 41.23 31.60 43.29
C ASP A 35 39.81 31.37 43.83
N ASN A 36 39.67 30.34 44.66
CA ASN A 36 38.37 29.92 45.22
C ASN A 36 37.35 29.52 44.16
N ARG A 37 37.83 28.88 43.10
CA ARG A 37 36.97 28.41 42.01
C ARG A 37 36.83 26.90 42.04
N ASP A 38 35.60 26.44 41.79
CA ASP A 38 35.38 25.02 41.58
C ASP A 38 36.21 24.51 40.41
N LEU A 39 36.65 23.27 40.49
CA LEU A 39 37.45 22.71 39.42
C LEU A 39 36.58 22.42 38.18
N ALA A 40 37.19 22.41 37.01
CA ALA A 40 36.49 21.91 35.81
C ALA A 40 36.34 20.40 35.90
N ARG A 41 35.31 19.85 35.23
CA ARG A 41 35.07 18.42 35.16
C ARG A 41 36.36 17.69 34.82
N GLY A 42 36.67 16.64 35.57
CA GLY A 42 37.85 15.82 35.29
C GLY A 42 39.15 16.28 35.95
N GLN A 43 39.19 17.53 36.42
CA GLN A 43 40.44 18.06 37.06
C GLN A 43 40.75 17.39 38.41
N ALA A 44 39.76 17.27 39.30
CA ALA A 44 40.00 16.54 40.56
C ALA A 44 40.45 15.10 40.30
N ALA A 45 39.84 14.44 39.29
CA ALA A 45 40.23 13.08 38.93
C ALA A 45 41.67 12.99 38.46
N TRP A 46 42.07 13.95 37.61
CA TRP A 46 43.46 13.99 37.11
C TRP A 46 44.42 14.08 38.30
N ALA A 47 44.11 15.00 39.21
CA ALA A 47 44.93 15.22 40.39
C ALA A 47 45.03 13.97 41.24
N MET A 48 43.89 13.33 41.49
CA MET A 48 43.89 12.17 42.38
C MET A 48 44.66 11.04 41.72
N ASP A 49 44.52 10.90 40.41
CA ASP A 49 45.25 9.87 39.70
C ASP A 49 46.78 10.11 39.72
N GLN A 50 47.20 11.37 39.56
CA GLN A 50 48.64 11.71 39.73
C GLN A 50 49.10 11.28 41.13
N ILE A 51 48.31 11.61 42.13
CA ILE A 51 48.61 11.27 43.51
C ILE A 51 48.70 9.74 43.71
N MET A 52 47.77 9.01 43.11
CA MET A 52 47.67 7.55 43.24
C MET A 52 48.72 6.78 42.44
N THR A 53 49.41 7.44 41.52
CA THR A 53 50.41 6.73 40.72
C THR A 53 51.86 7.08 41.10
N GLY A 54 52.06 7.73 42.25
CA GLY A 54 53.41 8.11 42.69
C GLY A 54 54.00 9.26 41.87
N ASN A 55 53.14 9.95 41.13
CA ASN A 55 53.57 11.03 40.24
C ASN A 55 53.45 12.45 40.81
N ALA A 56 52.91 12.58 42.02
CA ALA A 56 52.82 13.88 42.69
C ALA A 56 53.86 14.01 43.81
N ARG A 57 54.53 15.17 43.88
CA ARG A 57 55.43 15.50 44.99
C ARG A 57 54.62 15.65 46.29
N PRO A 58 55.21 15.30 47.45
CA PRO A 58 54.47 15.52 48.69
C PRO A 58 53.94 16.95 48.81
N ALA A 59 54.73 17.95 48.40
CA ALA A 59 54.29 19.35 48.49
C ALA A 59 53.04 19.62 47.63
N GLN A 60 53.00 19.00 46.44
CA GLN A 60 51.86 19.09 45.54
C GLN A 60 50.63 18.40 46.15
N ILE A 61 50.82 17.22 46.69
CA ILE A 61 49.71 16.49 47.36
C ILE A 61 49.12 17.35 48.49
N ALA A 62 49.99 17.88 49.35
CA ALA A 62 49.56 18.74 50.45
C ALA A 62 48.83 20.01 50.00
N ALA A 63 49.39 20.70 48.98
CA ALA A 63 48.78 21.91 48.51
C ALA A 63 47.38 21.58 47.99
N PHE A 64 47.28 20.45 47.30
CA PHE A 64 45.99 20.06 46.70
C PHE A 64 44.97 19.76 47.79
N ALA A 65 45.35 18.93 48.77
CA ALA A 65 44.44 18.60 49.88
C ALA A 65 43.98 19.85 50.63
N VAL A 66 44.92 20.71 51.01
CA VAL A 66 44.58 21.95 51.71
C VAL A 66 43.73 22.92 50.87
N ALA A 67 44.13 23.12 49.59
CA ALA A 67 43.46 24.09 48.72
C ALA A 67 42.03 23.65 48.48
N MET A 68 41.83 22.34 48.28
CA MET A 68 40.46 21.82 48.08
C MET A 68 39.60 22.02 49.30
N THR A 69 40.19 21.76 50.47
CA THR A 69 39.48 21.90 51.74
C THR A 69 39.04 23.34 51.98
N MET A 70 39.95 24.30 51.73
CA MET A 70 39.60 25.70 52.00
C MET A 70 38.68 26.35 50.98
N LYS A 71 38.72 25.88 49.75
CA LYS A 71 37.79 26.37 48.73
C LYS A 71 36.35 25.95 49.14
N ALA A 72 36.24 24.73 49.65
CA ALA A 72 35.01 24.04 50.01
C ALA A 72 34.75 23.06 48.87
N PRO A 73 35.02 21.76 49.10
CA PRO A 73 34.89 20.82 47.97
C PRO A 73 33.44 20.58 47.58
N THR A 74 33.18 20.34 46.30
CA THR A 74 31.82 20.06 45.86
C THR A 74 31.66 18.53 45.80
N ALA A 75 30.41 18.06 45.77
CA ALA A 75 30.14 16.63 45.63
C ALA A 75 30.74 16.07 44.34
N ASP A 76 30.67 16.84 43.26
CA ASP A 76 31.26 16.43 41.97
C ASP A 76 32.75 16.17 42.16
N GLU A 77 33.41 17.10 42.86
CA GLU A 77 34.87 17.00 43.06
C GLU A 77 35.26 15.80 43.95
N VAL A 78 34.58 15.70 45.08
CA VAL A 78 34.81 14.57 45.99
C VAL A 78 34.52 13.21 45.31
N GLY A 79 33.48 13.18 44.50
CA GLY A 79 33.12 11.97 43.72
C GLY A 79 34.20 11.57 42.72
N GLU A 80 34.85 12.56 42.12
CA GLU A 80 35.98 12.30 41.24
C GLU A 80 37.13 11.69 42.03
N LEU A 81 37.44 12.24 43.20
CA LEU A 81 38.53 11.71 44.02
C LEU A 81 38.29 10.26 44.41
N ALA A 82 37.07 10.00 44.89
CA ALA A 82 36.70 8.67 45.34
C ALA A 82 36.69 7.68 44.17
N GLY A 83 36.22 8.14 43.00
CA GLY A 83 36.16 7.29 41.80
C GLY A 83 37.57 6.85 41.40
N VAL A 84 38.52 7.77 41.46
CA VAL A 84 39.92 7.44 41.14
C VAL A 84 40.44 6.37 42.07
N MET A 85 40.21 6.56 43.37
CA MET A 85 40.61 5.57 44.34
C MET A 85 40.00 4.19 44.08
N LEU A 86 38.71 4.17 43.73
CA LEU A 86 38.05 2.89 43.44
C LEU A 86 38.60 2.27 42.17
N SER A 87 39.09 3.09 41.25
CA SER A 87 39.65 2.55 40.01
C SER A 87 40.91 1.78 40.33
N HIS A 88 41.66 2.29 41.31
CA HIS A 88 42.95 1.74 41.65
C HIS A 88 42.90 0.67 42.73
N ALA A 89 41.77 0.56 43.45
CA ALA A 89 41.62 -0.40 44.55
C ALA A 89 41.62 -1.87 44.06
N HIS A 90 42.07 -2.79 44.91
CA HIS A 90 41.85 -4.22 44.65
C HIS A 90 40.35 -4.46 44.77
N PRO A 91 39.71 -5.00 43.71
CA PRO A 91 38.27 -5.29 43.82
C PRO A 91 38.03 -6.66 44.46
N LEU A 92 36.80 -6.92 44.90
CA LEU A 92 36.42 -8.28 45.30
C LEU A 92 36.08 -9.09 44.03
N PRO A 93 36.23 -10.43 44.09
CA PRO A 93 35.90 -11.29 42.94
C PRO A 93 34.47 -11.07 42.47
N ALA A 94 34.24 -11.24 41.16
CA ALA A 94 32.90 -11.12 40.59
C ALA A 94 31.90 -11.99 41.33
N ASP A 95 30.68 -11.47 41.46
CA ASP A 95 29.56 -12.16 42.09
C ASP A 95 29.79 -12.63 43.54
N THR A 96 30.71 -11.98 44.28
CA THR A 96 30.90 -12.35 45.69
C THR A 96 30.27 -11.38 46.69
N VAL A 97 29.87 -10.20 46.24
CA VAL A 97 29.25 -9.25 47.17
C VAL A 97 27.74 -9.21 46.92
N PRO A 98 26.93 -9.62 47.92
CA PRO A 98 25.47 -9.52 47.77
C PRO A 98 25.04 -8.11 47.36
N ASP A 99 24.04 -8.04 46.49
CA ASP A 99 23.42 -6.81 46.03
C ASP A 99 23.04 -5.86 47.19
N ASP A 100 22.69 -6.43 48.34
CA ASP A 100 22.17 -5.60 49.44
C ASP A 100 23.15 -5.47 50.61
N ALA A 101 24.43 -5.72 50.34
CA ALA A 101 25.47 -5.54 51.37
C ALA A 101 25.51 -4.11 51.88
N VAL A 102 25.84 -3.97 53.15
CA VAL A 102 25.88 -2.67 53.81
C VAL A 102 27.24 -2.44 54.46
N ASP A 103 27.59 -1.17 54.61
CA ASP A 103 28.77 -0.77 55.32
C ASP A 103 28.32 0.05 56.53
N VAL A 104 29.17 0.08 57.56
CA VAL A 104 28.96 0.96 58.71
C VAL A 104 30.34 1.50 59.04
N VAL A 105 30.57 2.78 58.74
CA VAL A 105 31.93 3.34 58.86
C VAL A 105 31.84 4.86 58.85
N GLY A 106 32.77 5.51 59.54
CA GLY A 106 32.79 6.98 59.58
C GLY A 106 34.14 7.56 59.20
N THR A 107 34.18 8.88 59.10
CA THR A 107 35.41 9.59 58.80
C THR A 107 36.43 9.44 59.94
N GLY A 108 35.93 9.20 61.16
CA GLY A 108 36.74 9.36 62.36
C GLY A 108 37.03 10.85 62.56
N GLY A 109 37.96 11.15 63.48
CA GLY A 109 38.39 12.52 63.74
C GLY A 109 37.40 13.38 64.47
N ASP A 110 36.46 12.78 65.21
CA ASP A 110 35.54 13.62 65.99
C ASP A 110 36.19 14.15 67.28
N GLY A 111 37.36 13.67 67.59
CA GLY A 111 38.06 14.15 68.76
C GLY A 111 37.61 13.61 70.10
N VAL A 112 36.47 12.93 70.14
CA VAL A 112 35.90 12.38 71.36
C VAL A 112 36.33 10.94 71.54
N ASN A 113 37.07 10.58 72.53
CA ASN A 113 37.52 9.20 72.49
C ASN A 113 36.43 8.25 72.97
N THR A 114 35.66 7.67 72.05
CA THR A 114 34.63 6.67 72.34
C THR A 114 35.02 5.22 72.07
N VAL A 115 34.19 4.32 72.55
CA VAL A 115 34.22 2.94 72.18
C VAL A 115 33.97 2.90 70.67
N ASN A 116 34.30 1.80 70.03
CA ASN A 116 34.18 1.70 68.57
C ASN A 116 32.76 1.38 68.14
N LEU A 117 31.96 2.42 68.01
CA LEU A 117 30.52 2.22 67.79
C LEU A 117 30.16 1.56 66.44
N SER A 118 30.80 2.00 65.35
CA SER A 118 30.49 1.45 64.02
C SER A 118 30.82 -0.03 63.93
N THR A 119 31.94 -0.40 64.53
CA THR A 119 32.42 -1.79 64.51
C THR A 119 31.45 -2.72 65.28
N MET A 120 30.97 -2.23 66.42
CA MET A 120 30.02 -2.97 67.24
C MET A 120 28.71 -3.07 66.50
N ALA A 121 28.24 -1.94 65.98
CA ALA A 121 27.02 -1.92 65.18
C ALA A 121 27.11 -2.90 64.01
N ALA A 122 28.25 -2.93 63.32
CA ALA A 122 28.40 -3.79 62.13
C ALA A 122 28.25 -5.27 62.48
N ILE A 123 28.83 -5.68 63.61
CA ILE A 123 28.71 -7.08 64.06
C ILE A 123 27.23 -7.40 64.30
N VAL A 124 26.56 -6.53 65.04
CA VAL A 124 25.12 -6.71 65.32
C VAL A 124 24.25 -6.79 64.04
N VAL A 125 24.49 -5.89 63.10
CA VAL A 125 23.81 -5.88 61.79
C VAL A 125 24.01 -7.20 61.03
N ALA A 126 25.25 -7.69 60.97
CA ALA A 126 25.56 -8.96 60.31
C ALA A 126 24.79 -10.09 60.99
N ALA A 127 24.71 -10.03 62.31
CA ALA A 127 24.02 -11.07 63.08
C ALA A 127 22.52 -11.03 62.87
N ALA A 128 21.98 -9.86 62.54
CA ALA A 128 20.58 -9.76 62.15
C ALA A 128 20.30 -10.34 60.75
N GLY A 129 21.34 -10.71 60.01
CA GLY A 129 21.14 -11.29 58.67
C GLY A 129 21.38 -10.34 57.51
N VAL A 130 21.88 -9.14 57.79
CA VAL A 130 22.19 -8.21 56.70
C VAL A 130 23.65 -8.42 56.34
N PRO A 131 23.96 -8.70 55.05
CA PRO A 131 25.39 -8.88 54.77
C PRO A 131 26.14 -7.55 54.99
N VAL A 132 27.29 -7.64 55.65
CA VAL A 132 28.08 -6.45 55.97
C VAL A 132 29.47 -6.63 55.37
N VAL A 133 29.88 -5.69 54.54
CA VAL A 133 31.28 -5.64 54.14
C VAL A 133 31.79 -4.27 54.62
N LYS A 134 32.55 -4.34 55.70
CA LYS A 134 32.94 -3.17 56.40
C LYS A 134 34.31 -2.71 55.92
N HIS A 135 34.41 -1.42 55.64
CA HIS A 135 35.70 -0.79 55.36
C HIS A 135 36.21 -0.22 56.67
N GLY A 136 37.51 -0.23 56.86
CA GLY A 136 38.05 0.33 58.10
C GLY A 136 39.55 0.52 58.11
N ASN A 137 40.04 1.07 59.21
CA ASN A 137 41.43 1.40 59.33
C ASN A 137 41.79 1.49 60.80
N ARG A 138 43.09 1.58 61.06
CA ARG A 138 43.57 1.87 62.41
C ARG A 138 43.19 3.29 62.84
N ALA A 139 43.45 3.58 64.11
CA ALA A 139 43.27 4.92 64.67
C ALA A 139 44.12 5.91 63.88
N ALA A 140 43.61 7.12 63.73
CA ALA A 140 44.42 8.24 63.24
C ALA A 140 44.70 9.16 64.43
N SER A 141 43.63 9.66 65.06
CA SER A 141 43.75 10.55 66.23
C SER A 141 43.18 9.96 67.53
N SER A 142 42.34 8.92 67.43
CA SER A 142 41.79 8.24 68.62
C SER A 142 42.79 7.25 69.23
N LEU A 143 42.46 6.70 70.40
CA LEU A 143 43.28 5.67 71.05
C LEU A 143 43.23 4.29 70.38
N SER A 144 42.07 3.93 69.84
CA SER A 144 41.90 2.66 69.16
C SER A 144 40.85 2.80 68.06
N GLY A 145 41.23 2.47 66.83
CA GLY A 145 40.28 2.51 65.71
C GLY A 145 39.58 1.18 65.57
N GLY A 146 38.60 1.10 64.68
CA GLY A 146 37.90 -0.18 64.45
C GLY A 146 38.83 -1.34 64.13
N ALA A 147 39.83 -1.12 63.29
CA ALA A 147 40.78 -2.17 62.90
C ALA A 147 41.64 -2.64 64.06
N ASP A 148 42.04 -1.70 64.91
CA ASP A 148 42.82 -2.01 66.12
C ASP A 148 41.99 -2.90 67.07
N THR A 149 40.72 -2.55 67.25
CA THR A 149 39.83 -3.27 68.18
C THR A 149 39.51 -4.67 67.64
N LEU A 150 39.27 -4.77 66.33
CA LEU A 150 39.06 -6.07 65.70
C LEU A 150 40.27 -6.98 65.86
N GLU A 151 41.46 -6.43 65.62
CA GLU A 151 42.69 -7.18 65.78
C GLU A 151 42.81 -7.74 67.20
N ALA A 152 42.50 -6.92 68.20
CA ALA A 152 42.60 -7.31 69.61
C ALA A 152 41.60 -8.40 69.99
N LEU A 153 40.43 -8.38 69.33
CA LEU A 153 39.38 -9.41 69.48
C LEU A 153 39.75 -10.72 68.84
N GLY A 154 40.79 -10.71 68.02
CA GLY A 154 41.23 -11.91 67.33
C GLY A 154 40.72 -12.06 65.91
N VAL A 155 40.05 -11.02 65.41
CA VAL A 155 39.58 -10.97 64.02
C VAL A 155 40.74 -10.60 63.09
N ARG A 156 40.84 -11.31 61.99
CA ARG A 156 41.88 -11.01 61.01
C ARG A 156 41.52 -9.81 60.17
N ILE A 157 42.41 -8.80 60.21
CA ILE A 157 42.22 -7.56 59.45
C ILE A 157 43.17 -7.48 58.23
N ASP A 158 43.85 -8.57 57.93
CA ASP A 158 44.88 -8.58 56.91
C ASP A 158 44.40 -9.31 55.66
N LEU A 159 43.11 -9.58 55.56
CA LEU A 159 42.64 -10.50 54.53
C LEU A 159 42.52 -9.83 53.17
N GLY A 160 42.97 -10.52 52.13
CA GLY A 160 42.86 -10.04 50.75
C GLY A 160 41.46 -10.28 50.16
N PRO A 161 41.24 -9.83 48.92
CA PRO A 161 39.96 -9.93 48.25
C PRO A 161 39.23 -11.29 48.34
N ASP A 162 39.90 -12.36 47.95
CA ASP A 162 39.30 -13.68 47.98
C ASP A 162 38.84 -14.08 49.38
N LEU A 163 39.69 -13.88 50.36
CA LEU A 163 39.38 -14.30 51.72
C LEU A 163 38.31 -13.42 52.38
N VAL A 164 38.27 -12.14 52.00
CA VAL A 164 37.15 -11.28 52.41
C VAL A 164 35.84 -11.81 51.84
N ALA A 165 35.84 -12.15 50.56
CA ALA A 165 34.64 -12.70 49.92
C ALA A 165 34.19 -13.99 50.63
N ARG A 166 35.14 -14.84 51.00
CA ARG A 166 34.82 -16.06 51.75
C ARG A 166 34.28 -15.79 53.15
N SER A 167 34.90 -14.83 53.87
CA SER A 167 34.41 -14.39 55.18
C SER A 167 32.96 -13.97 55.07
N LEU A 168 32.67 -13.13 54.08
CA LEU A 168 31.31 -12.60 53.88
C LEU A 168 30.30 -13.73 53.66
N ALA A 169 30.68 -14.68 52.80
CA ALA A 169 29.81 -15.80 52.45
C ALA A 169 29.62 -16.73 53.66
N GLU A 170 30.70 -17.00 54.38
CA GLU A 170 30.69 -18.02 55.43
C GLU A 170 30.30 -17.54 56.82
N VAL A 171 30.61 -16.27 57.12
CA VAL A 171 30.37 -15.68 58.45
C VAL A 171 29.22 -14.64 58.38
N GLY A 172 29.06 -14.00 57.23
CA GLY A 172 28.02 -12.98 57.08
C GLY A 172 28.58 -11.56 57.15
N ILE A 173 29.89 -11.46 57.39
CA ILE A 173 30.61 -10.18 57.49
C ILE A 173 32.03 -10.37 56.95
N GLY A 174 32.53 -9.35 56.28
CA GLY A 174 33.93 -9.32 55.88
C GLY A 174 34.49 -7.95 56.20
N PHE A 175 35.78 -7.89 56.49
CA PHE A 175 36.44 -6.61 56.79
C PHE A 175 37.52 -6.30 55.76
N CYS A 176 37.36 -5.15 55.12
CA CYS A 176 38.30 -4.63 54.12
C CYS A 176 39.20 -3.61 54.80
N PHE A 177 40.43 -4.00 55.10
CA PHE A 177 41.42 -3.10 55.72
C PHE A 177 41.91 -2.10 54.67
N ALA A 178 41.65 -0.81 54.89
CA ALA A 178 41.96 0.22 53.89
C ALA A 178 43.36 0.09 53.27
N PRO A 179 44.42 -0.02 54.11
CA PRO A 179 45.76 -0.13 53.51
C PRO A 179 45.99 -1.39 52.64
N ARG A 180 45.27 -2.48 52.91
CA ARG A 180 45.41 -3.72 52.13
C ARG A 180 44.74 -3.61 50.74
N PHE A 181 43.63 -2.87 50.67
CA PHE A 181 42.88 -2.70 49.42
C PHE A 181 43.19 -1.47 48.60
N HIS A 182 43.83 -0.49 49.24
CA HIS A 182 44.18 0.78 48.58
C HIS A 182 45.69 1.08 48.67
N PRO A 183 46.54 0.14 48.20
CA PRO A 183 47.99 0.32 48.36
C PRO A 183 48.55 1.59 47.72
N SER A 184 47.99 2.01 46.59
CA SER A 184 48.45 3.21 45.91
C SER A 184 48.08 4.54 46.60
N TYR A 185 47.31 4.46 47.69
CA TYR A 185 46.97 5.62 48.48
C TYR A 185 48.11 5.97 49.46
N ARG A 186 49.15 5.13 49.49
CA ARG A 186 50.33 5.30 50.33
C ARG A 186 50.78 6.73 50.47
N HIS A 187 50.95 7.39 49.34
CA HIS A 187 51.58 8.72 49.33
C HIS A 187 50.67 9.75 49.94
N ALA A 188 49.39 9.65 49.59
CA ALA A 188 48.39 10.53 50.17
C ALA A 188 48.27 10.29 51.67
N ALA A 189 48.25 9.02 52.09
CA ALA A 189 48.18 8.72 53.53
C ALA A 189 49.34 9.38 54.31
N ALA A 190 50.53 9.24 53.77
CA ALA A 190 51.74 9.82 54.39
C ALA A 190 51.60 11.34 54.61
N VAL A 191 51.21 12.07 53.56
CA VAL A 191 50.92 13.49 53.64
C VAL A 191 49.81 13.84 54.65
N ARG A 192 48.75 13.04 54.68
CA ARG A 192 47.72 13.25 55.68
C ARG A 192 48.32 13.22 57.11
N ARG A 193 49.18 12.24 57.36
CA ARG A 193 49.85 12.11 58.66
C ARG A 193 50.74 13.31 58.95
N GLU A 194 51.53 13.69 57.97
CA GLU A 194 52.46 14.82 58.13
C GLU A 194 51.81 16.15 58.41
N ILE A 195 50.70 16.44 57.78
CA ILE A 195 50.13 17.72 58.00
C ILE A 195 49.20 17.76 59.19
N GLY A 196 48.64 16.63 59.53
CA GLY A 196 47.90 16.49 60.74
C GLY A 196 46.52 17.08 60.80
N VAL A 197 46.21 18.08 60.04
CA VAL A 197 44.92 18.71 60.01
C VAL A 197 43.96 17.90 59.13
N PRO A 198 42.70 17.87 59.47
CA PRO A 198 41.80 17.22 58.52
C PRO A 198 41.67 17.99 57.19
N THR A 199 41.59 17.23 56.10
CA THR A 199 41.32 17.77 54.77
C THR A 199 40.22 16.95 54.10
N VAL A 200 39.88 17.34 52.88
CA VAL A 200 39.02 16.55 52.03
C VAL A 200 39.43 15.07 52.01
N PHE A 201 40.73 14.75 52.15
CA PHE A 201 41.15 13.33 52.14
C PHE A 201 40.45 12.53 53.25
N ASN A 202 40.09 13.21 54.34
CA ASN A 202 39.45 12.55 55.49
C ASN A 202 38.05 12.05 55.17
N LEU A 203 37.48 12.52 54.06
CA LEU A 203 36.15 12.07 53.63
C LEU A 203 36.20 10.77 52.83
N LEU A 204 37.39 10.39 52.37
CA LEU A 204 37.50 9.42 51.29
C LEU A 204 37.30 7.98 51.76
N GLY A 205 37.75 7.66 52.97
CA GLY A 205 37.57 6.32 53.52
C GLY A 205 36.15 5.77 53.38
N PRO A 206 35.13 6.49 53.89
CA PRO A 206 33.80 5.94 53.82
C PRO A 206 33.27 5.84 52.39
N LEU A 207 33.91 6.56 51.46
CA LEU A 207 33.42 6.66 50.09
C LEU A 207 34.14 5.69 49.18
N THR A 208 35.12 4.97 49.71
CA THR A 208 35.95 4.11 48.89
C THR A 208 35.99 2.64 49.37
N ASN A 209 34.91 2.16 49.97
CA ASN A 209 34.84 0.72 50.25
C ASN A 209 35.04 -0.07 48.93
N PRO A 210 36.07 -0.94 48.88
CA PRO A 210 36.42 -1.58 47.61
C PRO A 210 35.38 -2.59 47.13
N ALA A 211 34.50 -3.04 48.03
CA ALA A 211 33.42 -3.96 47.68
C ALA A 211 32.24 -3.23 47.06
N ARG A 212 32.27 -1.88 47.13
CA ARG A 212 31.24 -1.00 46.60
C ARG A 212 29.82 -1.35 47.03
N PRO A 213 29.59 -1.52 48.34
CA PRO A 213 28.22 -1.82 48.77
C PRO A 213 27.30 -0.64 48.45
N ARG A 214 26.03 -0.94 48.21
CA ARG A 214 25.07 0.10 47.82
C ARG A 214 24.34 0.74 49.00
N ALA A 215 24.56 0.20 50.21
CA ALA A 215 23.95 0.80 51.39
C ALA A 215 24.97 1.03 52.47
N GLY A 216 24.68 1.98 53.35
CA GLY A 216 25.60 2.31 54.43
C GLY A 216 25.03 3.23 55.47
N LEU A 217 25.54 3.08 56.69
CA LEU A 217 25.41 4.08 57.75
C LEU A 217 26.76 4.72 57.83
N ILE A 218 26.84 5.99 57.42
CA ILE A 218 28.11 6.66 57.21
C ILE A 218 28.25 7.89 58.12
N GLY A 219 29.21 7.83 59.04
CA GLY A 219 29.39 8.90 60.02
C GLY A 219 30.33 9.97 59.47
N CYS A 220 30.00 11.23 59.73
CA CYS A 220 30.86 12.33 59.29
C CYS A 220 31.11 13.24 60.49
N ALA A 221 32.38 13.37 60.88
CA ALA A 221 32.77 14.21 62.03
C ALA A 221 32.60 15.71 61.74
N PHE A 222 32.61 16.06 60.45
CA PHE A 222 32.66 17.46 60.01
C PHE A 222 31.32 17.89 59.47
N ALA A 223 30.58 18.65 60.27
CA ALA A 223 29.16 18.95 60.00
C ALA A 223 28.91 19.66 58.68
N ASP A 224 29.86 20.48 58.26
CA ASP A 224 29.66 21.24 57.02
C ASP A 224 30.08 20.48 55.75
N LEU A 225 30.64 19.27 55.91
CA LEU A 225 31.00 18.40 54.77
C LEU A 225 30.13 17.16 54.64
N ALA A 226 29.24 16.95 55.60
CA ALA A 226 28.36 15.78 55.57
C ALA A 226 27.42 15.82 54.36
N GLU A 227 26.93 17.01 54.01
CA GLU A 227 26.06 17.15 52.85
C GLU A 227 26.79 16.81 51.53
N VAL A 228 28.07 17.17 51.46
CA VAL A 228 28.92 16.80 50.30
C VAL A 228 29.11 15.27 50.21
N MET A 229 29.40 14.64 51.34
CA MET A 229 29.46 13.17 51.37
C MET A 229 28.14 12.55 50.91
N ALA A 230 27.03 13.09 51.39
CA ALA A 230 25.73 12.62 50.98
C ALA A 230 25.53 12.82 49.47
N GLY A 231 26.04 13.93 48.92
CA GLY A 231 25.89 14.15 47.46
C GLY A 231 26.62 13.08 46.64
N VAL A 232 27.79 12.65 47.13
CA VAL A 232 28.56 11.62 46.42
C VAL A 232 27.80 10.28 46.40
N PHE A 233 27.21 9.92 47.53
CA PHE A 233 26.42 8.71 47.61
C PHE A 233 25.18 8.82 46.73
N ALA A 234 24.58 10.01 46.69
CA ALA A 234 23.36 10.23 45.88
C ALA A 234 23.67 10.04 44.38
N ALA A 235 24.84 10.50 43.96
CA ALA A 235 25.27 10.33 42.55
C ALA A 235 25.35 8.86 42.13
N ARG A 236 25.72 8.00 43.08
CA ARG A 236 25.80 6.55 42.89
C ARG A 236 24.49 5.85 43.13
N ARG A 237 23.47 6.60 43.54
CA ARG A 237 22.17 6.03 43.91
C ARG A 237 22.27 4.96 44.99
N SER A 238 23.16 5.18 45.95
CA SER A 238 23.22 4.36 47.16
C SER A 238 22.06 4.67 48.09
N SER A 239 21.70 3.71 48.93
CA SER A 239 20.79 4.01 50.03
C SER A 239 21.62 4.17 51.29
N VAL A 240 21.79 5.41 51.73
CA VAL A 240 22.74 5.74 52.78
C VAL A 240 22.18 6.77 53.76
N LEU A 241 22.49 6.59 55.04
CA LEU A 241 22.31 7.64 56.03
C LEU A 241 23.65 8.19 56.39
N VAL A 242 23.90 9.46 56.04
CA VAL A 242 25.09 10.14 56.51
C VAL A 242 24.71 10.85 57.81
N VAL A 243 25.45 10.56 58.87
CA VAL A 243 25.07 11.01 60.22
C VAL A 243 26.15 11.83 60.92
N HIS A 244 25.69 12.85 61.63
CA HIS A 244 26.53 13.69 62.47
C HIS A 244 25.72 13.96 63.76
N GLY A 245 26.20 13.44 64.88
CA GLY A 245 25.56 13.69 66.17
C GLY A 245 25.74 15.16 66.49
N ASP A 246 24.69 15.80 66.98
CA ASP A 246 24.77 17.23 67.29
C ASP A 246 25.72 17.55 68.44
N ASP A 247 26.34 16.50 68.98
CA ASP A 247 27.41 16.60 69.95
C ASP A 247 28.80 16.47 69.31
N GLY A 248 28.83 16.27 67.98
CA GLY A 248 30.10 16.16 67.27
C GLY A 248 30.56 14.74 66.90
N LEU A 249 29.79 13.72 67.32
CA LEU A 249 30.19 12.32 67.00
C LEU A 249 29.98 12.03 65.52
N ASP A 250 30.87 11.22 64.95
CA ASP A 250 30.64 10.68 63.60
C ASP A 250 29.84 9.36 63.66
N GLU A 251 28.74 9.39 64.43
CA GLU A 251 27.87 8.24 64.72
C GLU A 251 26.52 8.82 65.10
N LEU A 252 25.48 7.98 65.10
CA LEU A 252 24.20 8.39 65.68
C LEU A 252 24.43 8.41 67.19
N THR A 253 24.19 9.57 67.79
CA THR A 253 24.46 9.73 69.22
C THR A 253 23.23 9.45 70.09
N THR A 254 23.49 9.16 71.37
CA THR A 254 22.44 8.96 72.38
C THR A 254 22.48 10.11 73.39
N THR A 255 23.46 11.00 73.23
CA THR A 255 23.64 12.13 74.16
C THR A 255 22.83 13.34 73.84
N THR A 256 22.27 13.40 72.65
CA THR A 256 21.48 14.55 72.14
C THR A 256 20.95 14.14 70.75
N THR A 257 20.38 15.09 70.00
CA THR A 257 19.94 14.82 68.62
C THR A 257 21.12 14.55 67.67
N SER A 258 20.81 14.02 66.48
CA SER A 258 21.79 13.84 65.41
C SER A 258 21.25 14.47 64.14
N THR A 259 22.13 15.03 63.32
CA THR A 259 21.69 15.43 61.98
C THR A 259 21.92 14.27 61.03
N ILE A 260 20.92 13.98 60.21
CA ILE A 260 20.97 12.90 59.23
C ILE A 260 20.75 13.45 57.83
N TRP A 261 21.69 13.18 56.94
CA TRP A 261 21.45 13.47 55.54
C TRP A 261 21.03 12.16 54.91
N ARG A 262 19.74 12.05 54.64
CA ARG A 262 19.21 10.82 54.11
C ARG A 262 19.35 10.80 52.59
N VAL A 263 20.00 9.74 52.09
CA VAL A 263 20.18 9.52 50.66
C VAL A 263 19.31 8.36 50.22
N ALA A 264 18.38 8.65 49.32
CA ALA A 264 17.47 7.66 48.76
C ALA A 264 16.97 8.16 47.42
N ALA A 265 16.89 7.25 46.44
CA ALA A 265 16.42 7.57 45.08
C ALA A 265 17.22 8.69 44.39
N GLY A 266 18.51 8.82 44.72
CA GLY A 266 19.37 9.81 44.08
C GLY A 266 19.26 11.24 44.59
N SER A 267 18.54 11.45 45.70
CA SER A 267 18.41 12.78 46.31
C SER A 267 18.68 12.80 47.83
N VAL A 268 19.04 13.98 48.33
CA VAL A 268 19.46 14.15 49.72
C VAL A 268 18.39 14.93 50.49
N ASP A 269 18.11 14.47 51.69
CA ASP A 269 17.09 14.96 52.59
C ASP A 269 17.81 15.26 53.90
N LYS A 270 17.76 16.48 54.40
CA LYS A 270 18.32 16.77 55.73
C LYS A 270 17.23 16.74 56.83
N LEU A 271 17.47 15.96 57.87
CA LEU A 271 16.53 15.95 58.99
C LEU A 271 17.23 15.84 60.32
N THR A 272 16.51 16.20 61.39
CA THR A 272 17.00 16.10 62.75
C THR A 272 16.40 14.85 63.38
N PHE A 273 17.26 14.07 64.02
CA PHE A 273 16.88 12.78 64.54
C PHE A 273 17.05 12.78 66.06
N ASP A 274 16.03 12.30 66.74
CA ASP A 274 16.01 12.27 68.21
C ASP A 274 15.65 10.87 68.68
N PRO A 275 16.62 10.16 69.29
CA PRO A 275 16.41 8.78 69.72
C PRO A 275 15.40 8.66 70.88
N ALA A 276 15.25 9.72 71.66
CA ALA A 276 14.18 9.81 72.69
C ALA A 276 12.82 9.42 72.09
N GLY A 277 12.59 9.78 70.83
CA GLY A 277 11.38 9.39 70.12
C GLY A 277 11.15 7.88 69.97
N PHE A 278 12.17 7.09 70.31
CA PHE A 278 12.09 5.62 70.27
C PHE A 278 12.34 5.02 71.65
N GLY A 279 12.32 5.88 72.66
CA GLY A 279 12.42 5.46 74.06
C GLY A 279 13.82 5.49 74.63
N PHE A 280 14.80 6.00 73.88
CA PHE A 280 16.18 6.04 74.39
C PHE A 280 16.36 7.14 75.42
N ALA A 281 17.10 6.82 76.47
CA ALA A 281 17.42 7.77 77.54
C ALA A 281 18.70 8.55 77.21
N ARG A 282 18.69 9.85 77.51
CA ARG A 282 19.85 10.70 77.24
C ARG A 282 21.08 10.30 78.03
N ALA A 283 22.14 9.95 77.32
CA ALA A 283 23.40 9.61 77.96
C ALA A 283 24.34 10.80 77.99
N GLN A 284 25.40 10.70 78.78
CA GLN A 284 26.49 11.67 78.77
C GLN A 284 27.64 11.05 78.00
N LEU A 285 28.34 11.89 77.23
CA LEU A 285 29.48 11.45 76.42
C LEU A 285 30.47 10.62 77.21
N ASP A 286 30.65 11.00 78.48
CA ASP A 286 31.55 10.30 79.42
C ASP A 286 31.23 8.81 79.46
N GLN A 287 29.95 8.48 79.35
CA GLN A 287 29.49 7.10 79.41
C GLN A 287 29.86 6.27 78.16
N LEU A 288 30.25 6.94 77.08
CA LEU A 288 30.57 6.25 75.83
C LEU A 288 32.07 6.20 75.63
N ALA A 289 32.79 6.75 76.62
CA ALA A 289 34.25 6.83 76.60
C ALA A 289 34.93 5.49 76.37
N GLY A 290 35.98 5.50 75.57
CA GLY A 290 36.73 4.29 75.30
C GLY A 290 38.13 4.31 75.86
N GLY A 291 38.94 3.36 75.44
CA GLY A 291 40.31 3.23 75.92
C GLY A 291 41.19 2.74 74.79
N ASP A 292 42.21 1.96 75.12
CA ASP A 292 43.05 1.36 74.09
C ASP A 292 42.35 0.17 73.44
N ALA A 293 43.08 -0.55 72.59
CA ALA A 293 42.51 -1.69 71.87
C ALA A 293 41.96 -2.75 72.83
N GLN A 294 42.74 -3.06 73.87
CA GLN A 294 42.34 -4.08 74.85
C GLN A 294 41.07 -3.66 75.58
N ALA A 295 41.00 -2.41 76.02
CA ALA A 295 39.81 -1.87 76.67
C ALA A 295 38.56 -1.92 75.75
N ASN A 296 38.73 -1.42 74.53
CA ASN A 296 37.64 -1.36 73.57
C ASN A 296 37.13 -2.75 73.15
N ALA A 297 38.06 -3.70 73.01
CA ALA A 297 37.73 -5.11 72.81
C ALA A 297 36.85 -5.62 73.96
N ALA A 298 37.22 -5.31 75.20
CA ALA A 298 36.43 -5.69 76.36
C ALA A 298 35.02 -5.10 76.31
N ALA A 299 34.92 -3.85 75.87
CA ALA A 299 33.63 -3.21 75.73
C ALA A 299 32.76 -3.89 74.66
N VAL A 300 33.39 -4.38 73.58
CA VAL A 300 32.66 -5.17 72.56
C VAL A 300 32.09 -6.46 73.22
N ARG A 301 32.94 -7.23 73.87
CA ARG A 301 32.52 -8.46 74.56
C ARG A 301 31.40 -8.17 75.56
N ALA A 302 31.49 -7.06 76.27
CA ALA A 302 30.47 -6.72 77.25
C ALA A 302 29.10 -6.49 76.61
N VAL A 303 29.06 -5.69 75.54
CA VAL A 303 27.80 -5.43 74.81
C VAL A 303 27.24 -6.73 74.21
N LEU A 304 28.12 -7.51 73.58
CA LEU A 304 27.66 -8.72 72.91
C LEU A 304 27.20 -9.79 73.90
N GLY A 305 27.68 -9.70 75.15
CA GLY A 305 27.26 -10.59 76.23
C GLY A 305 25.98 -10.14 76.93
N GLY A 306 25.33 -9.12 76.40
CA GLY A 306 24.03 -8.68 76.90
C GLY A 306 24.03 -7.58 77.97
N ALA A 307 25.20 -7.02 78.27
CA ALA A 307 25.31 -5.95 79.25
C ALA A 307 24.42 -4.76 78.87
N ARG A 308 23.58 -4.34 79.81
CA ARG A 308 22.70 -3.18 79.63
C ARG A 308 23.43 -1.89 79.90
N GLY A 309 22.93 -0.81 79.34
CA GLY A 309 23.50 0.51 79.60
C GLY A 309 23.68 1.39 78.38
N PRO A 310 24.31 2.56 78.58
CA PRO A 310 24.54 3.52 77.50
C PRO A 310 25.20 2.95 76.24
N VAL A 311 26.27 2.18 76.40
CA VAL A 311 27.03 1.63 75.26
C VAL A 311 26.14 0.73 74.41
N ARG A 312 25.39 -0.17 75.06
CA ARG A 312 24.44 -1.03 74.34
C ARG A 312 23.46 -0.18 73.58
N ASP A 313 22.85 0.79 74.25
CA ASP A 313 21.89 1.69 73.60
C ASP A 313 22.48 2.32 72.34
N ALA A 314 23.70 2.85 72.45
CA ALA A 314 24.35 3.50 71.29
C ALA A 314 24.60 2.49 70.15
N VAL A 315 25.04 1.29 70.51
CA VAL A 315 25.24 0.20 69.54
C VAL A 315 23.93 -0.20 68.83
N VAL A 316 22.88 -0.47 69.61
CA VAL A 316 21.55 -0.79 69.04
C VAL A 316 21.02 0.31 68.10
N LEU A 317 21.16 1.58 68.49
CA LEU A 317 20.66 2.69 67.68
C LEU A 317 21.35 2.75 66.29
N ASN A 318 22.66 2.62 66.30
CA ASN A 318 23.46 2.64 65.07
C ASN A 318 23.27 1.38 64.24
N ALA A 319 23.20 0.21 64.89
CA ALA A 319 22.84 -1.00 64.16
C ALA A 319 21.50 -0.82 63.48
N ALA A 320 20.53 -0.23 64.19
CA ALA A 320 19.22 -0.02 63.58
C ALA A 320 19.30 0.95 62.40
N GLY A 321 20.12 2.00 62.54
CA GLY A 321 20.35 2.95 61.42
C GLY A 321 20.85 2.29 60.15
N ALA A 322 21.82 1.37 60.31
CA ALA A 322 22.32 0.59 59.16
C ALA A 322 21.22 -0.33 58.58
N ILE A 323 20.39 -0.89 59.46
CA ILE A 323 19.27 -1.69 58.96
C ILE A 323 18.24 -0.83 58.19
N VAL A 324 17.96 0.36 58.68
CA VAL A 324 17.10 1.31 57.93
C VAL A 324 17.71 1.63 56.53
N ALA A 325 19.01 1.91 56.49
CA ALA A 325 19.70 2.12 55.20
C ALA A 325 19.53 0.92 54.25
N HIS A 326 19.71 -0.28 54.79
CA HIS A 326 19.50 -1.51 54.00
C HIS A 326 18.03 -1.55 53.48
N ALA A 327 17.08 -1.20 54.33
CA ALA A 327 15.64 -1.23 53.95
C ALA A 327 15.37 -0.29 52.80
N GLY A 328 16.05 0.87 52.82
CA GLY A 328 15.95 1.89 51.76
C GLY A 328 16.35 1.43 50.36
N LEU A 329 17.02 0.28 50.25
CA LEU A 329 17.34 -0.28 48.95
C LEU A 329 16.04 -0.60 48.18
N SER A 330 14.93 -0.75 48.93
CA SER A 330 13.56 -0.81 48.38
C SER A 330 12.86 0.55 48.48
N SER A 331 12.26 0.99 47.37
CA SER A 331 11.58 2.29 47.32
C SER A 331 10.26 2.34 48.12
N ARG A 332 9.81 1.16 48.57
CA ARG A 332 8.61 1.02 49.40
C ARG A 332 8.88 1.16 50.93
N ALA A 333 10.14 1.40 51.29
CA ALA A 333 10.53 1.55 52.71
C ALA A 333 9.94 2.83 53.34
N GLU A 334 9.33 2.69 54.52
CA GLU A 334 8.76 3.83 55.26
C GLU A 334 9.56 4.11 56.54
N TRP A 335 9.83 5.39 56.81
CA TRP A 335 10.81 5.81 57.82
C TRP A 335 10.61 5.24 59.24
N LEU A 336 9.45 5.52 59.84
CA LEU A 336 9.16 5.06 61.20
C LEU A 336 9.05 3.53 61.35
N PRO A 337 8.24 2.85 60.51
CA PRO A 337 8.26 1.39 60.55
C PRO A 337 9.65 0.77 60.31
N ALA A 338 10.47 1.40 59.46
CA ALA A 338 11.84 0.93 59.23
C ALA A 338 12.69 1.01 60.49
N TRP A 339 12.59 2.14 61.21
CA TRP A 339 13.32 2.31 62.46
C TRP A 339 12.89 1.33 63.54
N GLU A 340 11.59 1.09 63.66
CA GLU A 340 11.09 0.15 64.66
C GLU A 340 11.56 -1.27 64.38
N GLU A 341 11.51 -1.66 63.10
CA GLU A 341 12.01 -2.96 62.69
C GLU A 341 13.53 -3.06 62.90
N GLY A 342 14.28 -2.02 62.52
CA GLY A 342 15.74 -1.96 62.77
C GLY A 342 16.10 -2.13 64.25
N LEU A 343 15.36 -1.45 65.11
CA LEU A 343 15.59 -1.50 66.55
C LEU A 343 15.25 -2.90 67.12
N ARG A 344 14.13 -3.44 66.68
CA ARG A 344 13.68 -4.78 67.06
C ARG A 344 14.75 -5.80 66.63
N ARG A 345 15.22 -5.69 65.39
CA ARG A 345 16.15 -6.69 64.86
C ARG A 345 17.53 -6.61 65.53
N ALA A 346 17.99 -5.39 65.78
CA ALA A 346 19.30 -5.18 66.40
C ALA A 346 19.30 -5.73 67.83
N SER A 347 18.27 -5.38 68.57
CA SER A 347 18.10 -5.87 69.94
C SER A 347 18.03 -7.38 70.02
N ALA A 348 17.21 -7.98 69.17
CA ALA A 348 17.11 -9.43 69.13
C ALA A 348 18.44 -10.13 68.79
N ALA A 349 19.20 -9.55 67.86
CA ALA A 349 20.48 -10.16 67.45
C ALA A 349 21.45 -10.23 68.61
N ILE A 350 21.42 -9.25 69.50
CA ILE A 350 22.23 -9.33 70.70
C ILE A 350 21.60 -10.31 71.72
N ASP A 351 20.31 -10.12 72.01
CA ASP A 351 19.62 -10.84 73.07
C ASP A 351 19.59 -12.37 72.88
N THR A 352 19.47 -12.82 71.64
CA THR A 352 19.47 -14.25 71.34
C THR A 352 20.88 -14.81 71.39
N GLY A 353 21.88 -13.93 71.53
CA GLY A 353 23.27 -14.36 71.47
C GLY A 353 23.83 -14.49 70.07
N ALA A 354 23.02 -14.25 69.05
CA ALA A 354 23.49 -14.36 67.64
C ALA A 354 24.73 -13.48 67.35
N ALA A 355 24.73 -12.25 67.87
CA ALA A 355 25.87 -11.32 67.69
C ALA A 355 27.14 -11.82 68.37
N GLU A 356 27.02 -12.30 69.62
CA GLU A 356 28.15 -12.92 70.31
C GLU A 356 28.69 -14.13 69.55
N GLN A 357 27.78 -15.01 69.13
CA GLN A 357 28.16 -16.19 68.35
C GLN A 357 28.81 -15.83 67.02
N LEU A 358 28.30 -14.78 66.36
CA LEU A 358 28.87 -14.34 65.07
C LEU A 358 30.33 -13.92 65.21
N LEU A 359 30.61 -13.13 66.24
CA LEU A 359 31.98 -12.74 66.53
C LEU A 359 32.85 -13.96 66.76
N ALA A 360 32.42 -14.88 67.64
CA ALA A 360 33.14 -16.14 67.82
C ALA A 360 33.36 -16.89 66.49
N ARG A 361 32.32 -16.96 65.66
CA ARG A 361 32.47 -17.62 64.37
C ARG A 361 33.44 -16.89 63.43
N TRP A 362 33.43 -15.56 63.50
CA TRP A 362 34.35 -14.74 62.70
C TRP A 362 35.80 -14.99 63.11
N VAL A 363 36.04 -15.04 64.43
CA VAL A 363 37.39 -15.33 64.95
C VAL A 363 37.87 -16.71 64.46
N ARG A 364 37.04 -17.73 64.63
CA ARG A 364 37.38 -19.07 64.18
C ARG A 364 37.67 -19.12 62.69
N PHE A 365 36.89 -18.39 61.91
CA PHE A 365 37.09 -18.40 60.46
C PHE A 365 38.53 -18.00 60.07
N GLY A 366 39.06 -16.95 60.70
CA GLY A 366 40.39 -16.47 60.36
C GLY A 366 41.51 -17.37 60.86
N ARG A 367 41.22 -18.11 61.91
CA ARG A 367 42.14 -19.09 62.45
C ARG A 367 42.22 -20.34 61.64
N GLN A 368 41.15 -20.65 60.95
CA GLN A 368 41.04 -21.85 60.15
C GLN A 368 41.51 -21.61 58.72
N ILE A 369 42.21 -20.49 58.55
CA ILE A 369 42.67 -19.91 57.28
C ILE A 369 41.61 -19.77 56.20
N PRO B 24 11.39 44.57 -12.53
CA PRO B 24 11.27 44.90 -11.10
C PRO B 24 12.64 44.98 -10.44
N SER B 25 12.76 45.82 -9.41
CA SER B 25 14.03 45.96 -8.67
C SER B 25 13.75 46.38 -7.22
N TRP B 26 14.74 46.21 -6.36
CA TRP B 26 14.62 46.64 -4.97
C TRP B 26 14.39 48.17 -4.85
N PRO B 27 15.15 49.00 -5.63
CA PRO B 27 14.89 50.44 -5.53
C PRO B 27 13.50 50.86 -5.95
N GLN B 28 12.96 50.21 -6.98
CA GLN B 28 11.62 50.51 -7.48
C GLN B 28 10.59 50.16 -6.41
N ILE B 29 10.66 48.94 -5.92
CA ILE B 29 9.71 48.42 -4.94
C ILE B 29 9.81 49.16 -3.60
N LEU B 30 11.00 49.26 -3.05
CA LEU B 30 11.18 49.98 -1.77
C LEU B 30 10.85 51.47 -1.88
N GLY B 31 11.20 52.08 -3.02
CA GLY B 31 10.84 53.50 -3.24
C GLY B 31 9.33 53.70 -3.21
N ARG B 32 8.63 52.77 -3.85
CA ARG B 32 7.19 52.82 -3.92
C ARG B 32 6.58 52.68 -2.52
N LEU B 33 7.10 51.73 -1.73
CA LEU B 33 6.69 51.56 -0.33
C LEU B 33 6.99 52.80 0.53
N THR B 34 8.23 53.32 0.44
CA THR B 34 8.59 54.52 1.21
C THR B 34 7.79 55.77 0.78
N ASP B 35 7.27 55.78 -0.44
CA ASP B 35 6.34 56.85 -0.87
C ASP B 35 4.92 56.60 -0.39
N ASN B 36 4.76 55.57 0.41
CA ASN B 36 3.47 55.23 0.99
C ASN B 36 2.43 54.80 -0.06
N ARG B 37 2.87 54.11 -1.09
CA ARG B 37 2.00 53.65 -2.14
C ARG B 37 1.90 52.13 -2.08
N ASP B 38 0.68 51.64 -2.30
CA ASP B 38 0.45 50.22 -2.53
C ASP B 38 1.28 49.75 -3.74
N LEU B 39 1.74 48.52 -3.70
CA LEU B 39 2.56 47.99 -4.80
C LEU B 39 1.72 47.68 -6.02
N ALA B 40 2.36 47.62 -7.19
CA ALA B 40 1.69 47.11 -8.41
C ALA B 40 1.52 45.62 -8.26
N ARG B 41 0.48 45.07 -8.89
CA ARG B 41 0.25 43.63 -8.91
C ARG B 41 1.53 42.88 -9.32
N GLY B 42 1.89 41.84 -8.56
CA GLY B 42 3.09 41.05 -8.86
C GLY B 42 4.38 41.50 -8.18
N GLN B 43 4.42 42.75 -7.72
CA GLN B 43 5.65 43.31 -7.10
C GLN B 43 5.98 42.65 -5.74
N ALA B 44 4.99 42.56 -4.85
CA ALA B 44 5.19 41.83 -3.59
C ALA B 44 5.65 40.41 -3.86
N ALA B 45 5.05 39.76 -4.87
CA ALA B 45 5.43 38.41 -5.25
C ALA B 45 6.87 38.31 -5.76
N TRP B 46 7.26 39.26 -6.61
CA TRP B 46 8.67 39.31 -7.06
C TRP B 46 9.60 39.41 -5.86
N ALA B 47 9.27 40.32 -4.94
CA ALA B 47 10.08 40.54 -3.74
C ALA B 47 10.22 39.27 -2.92
N MET B 48 9.09 38.63 -2.61
CA MET B 48 9.13 37.45 -1.75
C MET B 48 9.90 36.34 -2.48
N ASP B 49 9.75 36.27 -3.79
CA ASP B 49 10.48 35.21 -4.53
C ASP B 49 11.99 35.43 -4.46
N GLN B 50 12.42 36.68 -4.57
CA GLN B 50 13.86 37.00 -4.41
C GLN B 50 14.36 36.55 -3.05
N ILE B 51 13.58 36.87 -2.02
CA ILE B 51 13.88 36.50 -0.65
C ILE B 51 13.93 34.97 -0.47
N MET B 52 12.99 34.27 -1.10
CA MET B 52 12.87 32.81 -0.96
C MET B 52 13.93 32.04 -1.78
N THR B 53 14.60 32.71 -2.70
CA THR B 53 15.60 32.04 -3.51
C THR B 53 17.04 32.36 -3.11
N GLY B 54 17.22 32.98 -1.94
CA GLY B 54 18.55 33.35 -1.47
C GLY B 54 19.18 34.49 -2.24
N ASN B 55 18.37 35.19 -3.03
CA ASN B 55 18.86 36.29 -3.87
C ASN B 55 18.80 37.69 -3.26
N ALA B 56 18.25 37.80 -2.05
CA ALA B 56 18.09 39.12 -1.41
C ALA B 56 19.12 39.31 -0.29
N ARG B 57 19.75 40.49 -0.23
CA ARG B 57 20.64 40.81 0.90
C ARG B 57 19.82 40.93 2.18
N PRO B 58 20.39 40.54 3.33
CA PRO B 58 19.65 40.76 4.59
C PRO B 58 19.11 42.19 4.72
N ALA B 59 19.92 43.20 4.31
CA ALA B 59 19.47 44.61 4.32
C ALA B 59 18.22 44.85 3.48
N GLN B 60 18.17 44.22 2.31
CA GLN B 60 17.00 44.30 1.43
C GLN B 60 15.77 43.61 2.05
N ILE B 61 15.98 42.40 2.58
CA ILE B 61 14.87 41.69 3.24
C ILE B 61 14.27 42.60 4.33
N ALA B 62 15.14 43.15 5.20
CA ALA B 62 14.69 43.96 6.32
C ALA B 62 13.97 45.23 5.84
N ALA B 63 14.54 45.90 4.83
CA ALA B 63 13.94 47.13 4.35
C ALA B 63 12.52 46.83 3.85
N PHE B 64 12.40 45.72 3.13
CA PHE B 64 11.13 45.30 2.56
C PHE B 64 10.11 45.00 3.67
N ALA B 65 10.50 44.17 4.64
CA ALA B 65 9.57 43.79 5.72
C ALA B 65 9.08 45.03 6.48
N VAL B 66 10.02 45.91 6.86
CA VAL B 66 9.68 47.18 7.52
C VAL B 66 8.83 48.11 6.65
N ALA B 67 9.28 48.37 5.42
CA ALA B 67 8.57 49.30 4.58
C ALA B 67 7.15 48.84 4.31
N MET B 68 6.97 47.54 4.11
CA MET B 68 5.62 47.02 3.87
C MET B 68 4.74 47.22 5.11
N THR B 69 5.34 47.03 6.28
CA THR B 69 4.59 47.15 7.54
C THR B 69 4.13 48.58 7.78
N MET B 70 5.02 49.54 7.59
CA MET B 70 4.69 50.93 7.82
C MET B 70 3.81 51.58 6.76
N LYS B 71 3.87 51.08 5.53
CA LYS B 71 2.95 51.57 4.51
C LYS B 71 1.50 51.14 4.89
N ALA B 72 1.38 49.94 5.44
CA ALA B 72 0.13 49.27 5.80
C ALA B 72 -0.17 48.33 4.65
N PRO B 73 0.13 47.03 4.84
CA PRO B 73 -0.02 46.05 3.75
C PRO B 73 -1.47 45.82 3.39
N THR B 74 -1.71 45.55 2.11
CA THR B 74 -3.05 45.21 1.66
C THR B 74 -3.19 43.67 1.60
N ALA B 75 -4.42 43.18 1.61
CA ALA B 75 -4.69 41.74 1.44
C ALA B 75 -4.08 41.19 0.14
N ASP B 76 -4.17 41.97 -0.97
CA ASP B 76 -3.56 41.54 -2.26
C ASP B 76 -2.06 41.32 -2.05
N GLU B 77 -1.42 42.26 -1.38
CA GLU B 77 0.04 42.18 -1.16
C GLU B 77 0.41 41.02 -0.26
N VAL B 78 -0.27 40.91 0.88
CA VAL B 78 0.02 39.79 1.78
C VAL B 78 -0.26 38.43 1.11
N GLY B 79 -1.31 38.39 0.30
CA GLY B 79 -1.67 37.17 -0.44
C GLY B 79 -0.58 36.80 -1.42
N GLU B 80 0.05 37.80 -2.04
CA GLU B 80 1.20 37.53 -2.91
C GLU B 80 2.38 36.93 -2.15
N LEU B 81 2.72 37.48 -0.99
CA LEU B 81 3.82 36.92 -0.16
C LEU B 81 3.54 35.47 0.23
N ALA B 82 2.33 35.22 0.73
CA ALA B 82 1.96 33.88 1.16
C ALA B 82 1.95 32.90 -0.03
N GLY B 83 1.48 33.36 -1.19
CA GLY B 83 1.40 32.52 -2.39
C GLY B 83 2.78 32.08 -2.84
N VAL B 84 3.74 33.00 -2.78
CA VAL B 84 5.14 32.67 -3.12
C VAL B 84 5.67 31.64 -2.18
N MET B 85 5.45 31.84 -0.87
CA MET B 85 5.89 30.83 0.10
C MET B 85 5.28 29.46 -0.19
N LEU B 86 3.98 29.46 -0.52
CA LEU B 86 3.29 28.20 -0.74
C LEU B 86 3.82 27.53 -2.01
N SER B 87 4.23 28.34 -3.00
CA SER B 87 4.88 27.82 -4.21
C SER B 87 6.15 27.05 -3.88
N HIS B 88 6.91 27.55 -2.93
CA HIS B 88 8.21 26.99 -2.61
C HIS B 88 8.12 25.92 -1.53
N ALA B 89 6.97 25.81 -0.86
CA ALA B 89 6.86 24.83 0.22
C ALA B 89 6.77 23.40 -0.29
N HIS B 90 7.24 22.45 0.52
CA HIS B 90 6.98 21.02 0.29
C HIS B 90 5.48 20.78 0.42
N PRO B 91 4.82 20.24 -0.63
CA PRO B 91 3.38 19.97 -0.49
C PRO B 91 3.12 18.62 0.19
N LEU B 92 1.91 18.39 0.65
CA LEU B 92 1.52 17.03 1.07
C LEU B 92 1.20 16.23 -0.20
N PRO B 93 1.30 14.89 -0.15
CA PRO B 93 1.03 14.07 -1.34
C PRO B 93 -0.41 14.25 -1.80
N ALA B 94 -0.64 14.07 -3.11
CA ALA B 94 -1.98 14.22 -3.68
C ALA B 94 -3.02 13.39 -2.93
N ASP B 95 -4.21 13.97 -2.77
CA ASP B 95 -5.36 13.26 -2.17
C ASP B 95 -5.11 12.72 -0.76
N THR B 96 -4.29 13.42 0.04
CA THR B 96 -4.07 13.01 1.43
C THR B 96 -4.63 13.97 2.49
N VAL B 97 -5.07 15.14 2.06
CA VAL B 97 -5.68 16.09 2.98
C VAL B 97 -7.19 16.09 2.73
N PRO B 98 -8.01 15.69 3.74
CA PRO B 98 -9.47 15.77 3.56
C PRO B 98 -9.92 17.19 3.20
N ASP B 99 -10.97 17.27 2.37
CA ASP B 99 -11.57 18.51 1.89
C ASP B 99 -11.92 19.45 3.05
N ASP B 100 -12.25 18.88 4.21
CA ASP B 100 -12.75 19.64 5.33
C ASP B 100 -11.74 19.75 6.49
N ALA B 101 -10.45 19.60 6.20
CA ALA B 101 -9.42 19.69 7.24
C ALA B 101 -9.34 21.11 7.76
N VAL B 102 -9.02 21.27 9.04
CA VAL B 102 -8.94 22.58 9.67
C VAL B 102 -7.56 22.78 10.30
N ASP B 103 -7.19 24.05 10.48
CA ASP B 103 -5.96 24.44 11.15
C ASP B 103 -6.38 25.23 12.38
N VAL B 104 -5.53 25.24 13.40
CA VAL B 104 -5.75 26.12 14.57
C VAL B 104 -4.37 26.65 14.90
N VAL B 105 -4.12 27.89 14.57
CA VAL B 105 -2.77 28.46 14.72
C VAL B 105 -2.88 29.99 14.75
N GLY B 106 -1.91 30.64 15.40
CA GLY B 106 -1.91 32.11 15.49
C GLY B 106 -0.58 32.66 15.02
N THR B 107 -0.51 33.98 14.90
CA THR B 107 0.74 34.68 14.65
C THR B 107 1.76 34.54 15.80
N GLY B 108 1.24 34.29 17.00
CA GLY B 108 2.05 34.47 18.21
C GLY B 108 2.34 35.96 18.40
N GLY B 109 3.28 36.26 19.30
CA GLY B 109 3.71 37.64 19.48
C GLY B 109 2.78 38.49 20.32
N ASP B 110 1.85 37.87 21.04
CA ASP B 110 0.95 38.68 21.90
C ASP B 110 1.63 39.16 23.20
N GLY B 111 2.83 38.63 23.49
CA GLY B 111 3.62 39.03 24.65
C GLY B 111 3.06 38.69 26.03
N VAL B 112 2.04 37.82 26.06
CA VAL B 112 1.42 37.37 27.31
C VAL B 112 1.78 35.91 27.45
N ASN B 113 2.34 35.48 28.57
CA ASN B 113 2.72 34.08 28.60
C ASN B 113 1.49 33.32 29.04
N THR B 114 0.97 32.58 28.09
CA THR B 114 -0.17 31.70 28.33
C THR B 114 0.23 30.28 28.03
N VAL B 115 -0.59 29.35 28.52
CA VAL B 115 -0.56 27.96 28.09
C VAL B 115 -0.81 27.96 26.57
N ASN B 116 -0.56 26.84 25.91
CA ASN B 116 -0.63 26.76 24.45
C ASN B 116 -2.04 26.46 24.03
N LEU B 117 -2.87 27.51 23.96
CA LEU B 117 -4.30 27.35 23.68
C LEU B 117 -4.63 26.76 22.30
N SER B 118 -3.90 27.17 21.25
CA SER B 118 -4.19 26.62 19.92
C SER B 118 -3.89 25.14 19.86
N THR B 119 -2.78 24.75 20.48
CA THR B 119 -2.33 23.36 20.42
C THR B 119 -3.31 22.43 21.17
N MET B 120 -3.75 22.87 22.34
CA MET B 120 -4.76 22.13 23.10
C MET B 120 -6.07 22.07 22.36
N ALA B 121 -6.52 23.23 21.86
CA ALA B 121 -7.75 23.26 21.06
C ALA B 121 -7.67 22.27 19.90
N ALA B 122 -6.52 22.24 19.22
CA ALA B 122 -6.37 21.37 18.03
C ALA B 122 -6.52 19.86 18.36
N ILE B 123 -5.97 19.44 19.50
CA ILE B 123 -6.09 18.03 19.92
C ILE B 123 -7.58 17.71 20.16
N VAL B 124 -8.29 18.63 20.82
CA VAL B 124 -9.70 18.41 21.15
C VAL B 124 -10.58 18.35 19.87
N VAL B 125 -10.34 19.26 18.94
CA VAL B 125 -11.02 19.31 17.63
C VAL B 125 -10.79 17.99 16.87
N ALA B 126 -9.55 17.51 16.83
CA ALA B 126 -9.26 16.25 16.16
C ALA B 126 -10.02 15.12 16.85
N ALA B 127 -10.03 15.15 18.19
CA ALA B 127 -10.73 14.11 18.96
C ALA B 127 -12.25 14.12 18.74
N ALA B 128 -12.79 15.30 18.45
CA ALA B 128 -14.19 15.38 18.06
C ALA B 128 -14.48 14.84 16.65
N GLY B 129 -13.44 14.53 15.88
CA GLY B 129 -13.65 13.90 14.58
C GLY B 129 -13.46 14.81 13.38
N VAL B 130 -13.01 16.05 13.64
CA VAL B 130 -12.67 16.99 12.56
C VAL B 130 -11.19 16.81 12.23
N PRO B 131 -10.86 16.52 10.95
CA PRO B 131 -9.44 16.35 10.62
C PRO B 131 -8.68 17.66 10.85
N VAL B 132 -7.53 17.56 11.50
CA VAL B 132 -6.74 18.75 11.83
C VAL B 132 -5.38 18.61 11.19
N VAL B 133 -5.01 19.55 10.33
CA VAL B 133 -3.62 19.59 9.90
C VAL B 133 -3.06 20.93 10.35
N LYS B 134 -2.30 20.87 11.44
CA LYS B 134 -1.91 22.04 12.15
C LYS B 134 -0.54 22.49 11.68
N HIS B 135 -0.43 23.78 11.39
CA HIS B 135 0.86 24.40 11.10
C HIS B 135 1.40 24.97 12.42
N GLY B 136 2.71 24.94 12.62
CA GLY B 136 3.24 25.59 13.81
C GLY B 136 4.75 25.71 13.83
N ASN B 137 5.26 26.19 14.96
CA ASN B 137 6.66 26.51 15.09
C ASN B 137 6.97 26.60 16.58
N ARG B 138 8.26 26.63 16.88
CA ARG B 138 8.73 26.92 18.23
C ARG B 138 8.41 28.35 18.64
N ALA B 139 8.57 28.63 19.93
CA ALA B 139 8.45 30.00 20.45
C ALA B 139 9.33 30.99 19.68
N ALA B 140 8.85 32.22 19.54
CA ALA B 140 9.70 33.32 19.06
C ALA B 140 9.96 34.25 20.23
N SER B 141 8.89 34.67 20.92
CA SER B 141 9.05 35.56 22.06
C SER B 141 8.43 35.03 23.37
N SER B 142 7.63 33.96 23.29
CA SER B 142 7.05 33.33 24.49
C SER B 142 8.01 32.30 25.11
N LEU B 143 7.60 31.73 26.24
CA LEU B 143 8.41 30.73 26.95
C LEU B 143 8.36 29.34 26.31
N SER B 144 7.27 29.06 25.59
CA SER B 144 7.11 27.74 24.96
C SER B 144 6.05 27.86 23.88
N GLY B 145 6.44 27.59 22.65
CA GLY B 145 5.49 27.60 21.53
C GLY B 145 4.80 26.26 21.40
N GLY B 146 3.87 26.17 20.45
CA GLY B 146 3.10 24.94 20.25
C GLY B 146 4.03 23.78 19.92
N ALA B 147 4.98 24.00 19.04
CA ALA B 147 5.94 22.92 18.67
C ALA B 147 6.76 22.48 19.87
N ASP B 148 7.18 23.43 20.72
CA ASP B 148 7.97 23.08 21.91
C ASP B 148 7.16 22.21 22.87
N THR B 149 5.89 22.56 23.06
CA THR B 149 5.05 21.84 23.98
C THR B 149 4.69 20.44 23.44
N LEU B 150 4.48 20.33 22.14
CA LEU B 150 4.21 19.02 21.51
C LEU B 150 5.42 18.12 21.67
N GLU B 151 6.60 18.68 21.46
CA GLU B 151 7.85 17.94 21.67
C GLU B 151 7.96 17.46 23.12
N ALA B 152 7.64 18.32 24.07
CA ALA B 152 7.67 17.93 25.47
C ALA B 152 6.66 16.81 25.80
N LEU B 153 5.56 16.77 25.03
CA LEU B 153 4.52 15.74 25.21
C LEU B 153 4.91 14.42 24.56
N GLY B 154 5.98 14.43 23.77
CA GLY B 154 6.42 13.19 23.09
C GLY B 154 5.94 13.05 21.65
N VAL B 155 5.31 14.11 21.12
CA VAL B 155 4.84 14.10 19.73
C VAL B 155 5.98 14.43 18.80
N ARG B 156 6.09 13.70 17.70
CA ARG B 156 7.11 14.02 16.70
C ARG B 156 6.66 15.25 15.95
N ILE B 157 7.42 16.33 16.07
CA ILE B 157 7.01 17.57 15.42
C ILE B 157 7.56 17.77 14.02
N ASP B 158 8.62 17.05 13.64
CA ASP B 158 9.30 17.37 12.38
C ASP B 158 9.09 16.36 11.25
N LEU B 159 7.97 15.64 11.26
CA LEU B 159 7.71 14.71 10.19
C LEU B 159 7.58 15.38 8.82
N GLY B 160 8.03 14.67 7.79
CA GLY B 160 7.90 15.15 6.41
C GLY B 160 6.51 14.91 5.84
N PRO B 161 6.27 15.35 4.58
CA PRO B 161 4.95 15.30 3.94
C PRO B 161 4.25 13.93 4.03
N ASP B 162 4.95 12.84 3.67
CA ASP B 162 4.30 11.51 3.67
C ASP B 162 3.87 11.10 5.07
N LEU B 163 4.71 11.35 6.06
CA LEU B 163 4.40 10.95 7.42
C LEU B 163 3.33 11.83 8.09
N VAL B 164 3.27 13.10 7.72
CA VAL B 164 2.17 13.97 8.20
C VAL B 164 0.86 13.49 7.60
N ALA B 165 0.90 13.12 6.31
CA ALA B 165 -0.29 12.54 5.66
C ALA B 165 -0.73 11.28 6.40
N ARG B 166 0.21 10.39 6.72
CA ARG B 166 -0.10 9.17 7.47
C ARG B 166 -0.66 9.50 8.86
N SER B 167 -0.02 10.43 9.57
CA SER B 167 -0.50 10.85 10.90
C SER B 167 -1.96 11.30 10.77
N LEU B 168 -2.21 12.13 9.77
CA LEU B 168 -3.56 12.70 9.58
C LEU B 168 -4.58 11.56 9.36
N ALA B 169 -4.23 10.60 8.51
CA ALA B 169 -5.12 9.49 8.18
C ALA B 169 -5.34 8.58 9.38
N GLU B 170 -4.27 8.26 10.10
CA GLU B 170 -4.30 7.23 11.13
C GLU B 170 -4.69 7.73 12.51
N VAL B 171 -4.35 8.97 12.80
CA VAL B 171 -4.54 9.53 14.13
C VAL B 171 -5.67 10.56 14.12
N GLY B 172 -5.81 11.28 13.02
CA GLY B 172 -6.87 12.30 12.89
C GLY B 172 -6.28 13.70 12.96
N ILE B 173 -4.96 13.76 13.17
CA ILE B 173 -4.23 15.02 13.30
C ILE B 173 -2.82 14.83 12.77
N GLY B 174 -2.33 15.89 12.12
CA GLY B 174 -0.94 15.95 11.66
C GLY B 174 -0.41 17.33 12.00
N PHE B 175 0.90 17.41 12.23
CA PHE B 175 1.54 18.70 12.55
C PHE B 175 2.64 18.98 11.53
N CYS B 176 2.50 20.10 10.84
CA CYS B 176 3.47 20.59 9.86
C CYS B 176 4.37 21.63 10.55
N PHE B 177 5.64 21.27 10.79
CA PHE B 177 6.61 22.16 11.41
C PHE B 177 7.11 23.15 10.36
N ALA B 178 6.94 24.44 10.61
CA ALA B 178 7.24 25.46 9.62
C ALA B 178 8.64 25.31 9.00
N PRO B 179 9.69 25.14 9.84
CA PRO B 179 11.05 24.99 9.26
C PRO B 179 11.25 23.74 8.39
N ARG B 180 10.51 22.67 8.69
CA ARG B 180 10.55 21.44 7.88
C ARG B 180 9.91 21.63 6.49
N PHE B 181 8.84 22.42 6.42
CA PHE B 181 8.09 22.58 5.18
C PHE B 181 8.44 23.79 4.36
N HIS B 182 9.09 24.77 4.99
CA HIS B 182 9.45 26.05 4.35
C HIS B 182 10.95 26.34 4.45
N PRO B 183 11.80 25.38 4.02
CA PRO B 183 13.25 25.55 4.22
C PRO B 183 13.81 26.80 3.54
N SER B 184 13.22 27.23 2.43
CA SER B 184 13.70 28.41 1.70
C SER B 184 13.36 29.75 2.39
N TYR B 185 12.58 29.67 3.46
CA TYR B 185 12.25 30.83 4.29
C TYR B 185 13.36 31.16 5.29
N ARG B 186 14.36 30.27 5.35
CA ARG B 186 15.51 30.38 6.25
C ARG B 186 16.04 31.82 6.39
N HIS B 187 16.25 32.48 5.27
CA HIS B 187 16.90 33.80 5.29
C HIS B 187 15.97 34.88 5.85
N ALA B 188 14.70 34.82 5.46
CA ALA B 188 13.69 35.73 6.02
C ALA B 188 13.53 35.52 7.53
N ALA B 189 13.47 34.25 7.94
CA ALA B 189 13.37 33.95 9.37
C ALA B 189 14.53 34.54 10.17
N ALA B 190 15.74 34.43 9.63
CA ALA B 190 16.93 34.97 10.30
C ALA B 190 16.81 36.50 10.47
N VAL B 191 16.38 37.18 9.41
CA VAL B 191 16.16 38.64 9.46
C VAL B 191 15.07 39.03 10.47
N ARG B 192 13.98 38.25 10.49
CA ARG B 192 12.93 38.50 11.46
C ARG B 192 13.50 38.47 12.89
N ARG B 193 14.31 37.46 13.21
CA ARG B 193 14.94 37.37 14.54
C ARG B 193 15.88 38.54 14.80
N GLU B 194 16.69 38.90 13.81
CA GLU B 194 17.64 40.02 13.98
C GLU B 194 16.99 41.37 14.28
N ILE B 195 15.92 41.69 13.56
CA ILE B 195 15.26 42.97 13.79
C ILE B 195 14.33 42.99 15.01
N GLY B 196 13.75 41.83 15.36
CA GLY B 196 12.95 41.67 16.57
C GLY B 196 11.54 42.24 16.50
N VAL B 197 11.38 43.41 15.90
CA VAL B 197 10.09 44.08 15.78
C VAL B 197 9.15 43.23 14.89
N PRO B 198 7.86 43.11 15.28
CA PRO B 198 6.93 42.47 14.34
C PRO B 198 6.82 43.25 13.05
N THR B 199 6.74 42.50 11.94
CA THR B 199 6.43 43.04 10.62
C THR B 199 5.35 42.20 9.96
N VAL B 200 5.08 42.52 8.70
CA VAL B 200 4.18 41.72 7.89
C VAL B 200 4.59 40.23 7.85
N PHE B 201 5.89 39.92 7.99
CA PHE B 201 6.35 38.54 8.00
C PHE B 201 5.67 37.73 9.12
N ASN B 202 5.38 38.38 10.26
CA ASN B 202 4.71 37.73 11.40
C ASN B 202 3.31 37.21 11.07
N LEU B 203 2.77 37.66 9.94
CA LEU B 203 1.45 37.22 9.49
C LEU B 203 1.51 35.94 8.67
N LEU B 204 2.70 35.63 8.16
CA LEU B 204 2.84 34.63 7.10
C LEU B 204 2.65 33.18 7.55
N GLY B 205 3.09 32.84 8.75
CA GLY B 205 2.92 31.48 9.29
C GLY B 205 1.50 30.93 9.17
N PRO B 206 0.50 31.63 9.71
CA PRO B 206 -0.86 31.10 9.63
C PRO B 206 -1.42 31.06 8.21
N LEU B 207 -0.87 31.86 7.32
CA LEU B 207 -1.32 31.94 5.93
C LEU B 207 -0.61 30.94 5.02
N THR B 208 0.35 30.19 5.55
CA THR B 208 1.18 29.33 4.68
C THR B 208 1.24 27.85 5.13
N ASN B 209 0.19 27.37 5.77
CA ASN B 209 0.08 25.94 6.04
C ASN B 209 0.26 25.17 4.72
N PRO B 210 1.30 24.31 4.65
CA PRO B 210 1.63 23.64 3.37
C PRO B 210 0.57 22.64 2.89
N ALA B 211 -0.30 22.20 3.80
CA ALA B 211 -1.40 21.28 3.46
C ALA B 211 -2.59 22.03 2.90
N ARG B 212 -2.56 23.36 3.00
CA ARG B 212 -3.59 24.25 2.47
C ARG B 212 -5.01 23.84 2.90
N PRO B 213 -5.23 23.61 4.20
CA PRO B 213 -6.61 23.29 4.60
C PRO B 213 -7.51 24.50 4.36
N ARG B 214 -8.80 24.24 4.12
CA ARG B 214 -9.70 25.31 3.72
C ARG B 214 -10.46 25.93 4.88
N ALA B 215 -10.28 25.41 6.08
CA ALA B 215 -10.88 26.03 7.28
C ALA B 215 -9.84 26.27 8.35
N GLY B 216 -10.15 27.18 9.27
CA GLY B 216 -9.21 27.46 10.35
C GLY B 216 -9.74 28.41 11.40
N LEU B 217 -9.19 28.27 12.60
CA LEU B 217 -9.29 29.30 13.65
C LEU B 217 -7.91 29.92 13.74
N ILE B 218 -7.82 31.17 13.32
CA ILE B 218 -6.53 31.81 13.09
C ILE B 218 -6.38 33.00 14.00
N GLY B 219 -5.40 32.92 14.90
CA GLY B 219 -5.19 33.97 15.90
C GLY B 219 -4.28 35.06 15.36
N CYS B 220 -4.58 36.31 15.69
CA CYS B 220 -3.74 37.42 15.22
C CYS B 220 -3.50 38.36 16.40
N ALA B 221 -2.24 38.47 16.79
CA ALA B 221 -1.86 39.30 17.93
C ALA B 221 -1.98 40.80 17.61
N PHE B 222 -2.05 41.13 16.33
CA PHE B 222 -1.93 42.52 15.88
C PHE B 222 -3.26 43.05 15.40
N ALA B 223 -3.94 43.80 16.26
CA ALA B 223 -5.33 44.20 16.00
C ALA B 223 -5.53 44.85 14.63
N ASP B 224 -4.55 45.61 14.17
CA ASP B 224 -4.75 46.34 12.92
C ASP B 224 -4.31 45.57 11.65
N LEU B 225 -3.90 44.32 11.83
CA LEU B 225 -3.51 43.48 10.68
C LEU B 225 -4.46 42.29 10.55
N ALA B 226 -5.37 42.13 11.51
CA ALA B 226 -6.30 41.01 11.47
C ALA B 226 -7.22 41.04 10.25
N GLU B 227 -7.74 42.22 9.93
CA GLU B 227 -8.59 42.40 8.75
C GLU B 227 -7.86 41.97 7.44
N VAL B 228 -6.58 42.33 7.33
CA VAL B 228 -5.74 41.97 6.19
C VAL B 228 -5.57 40.44 6.12
N MET B 229 -5.31 39.81 7.26
CA MET B 229 -5.22 38.33 7.28
C MET B 229 -6.52 37.73 6.80
N ALA B 230 -7.65 38.24 7.29
CA ALA B 230 -8.95 37.73 6.89
C ALA B 230 -9.17 37.91 5.38
N GLY B 231 -8.70 39.03 4.82
CA GLY B 231 -8.87 39.27 3.37
C GLY B 231 -8.11 38.24 2.53
N VAL B 232 -6.94 37.83 3.02
CA VAL B 232 -6.18 36.79 2.33
C VAL B 232 -6.97 35.48 2.31
N PHE B 233 -7.53 35.12 3.45
CA PHE B 233 -8.36 33.90 3.47
C PHE B 233 -9.62 34.04 2.62
N ALA B 234 -10.21 35.24 2.60
CA ALA B 234 -11.39 35.49 1.77
C ALA B 234 -11.11 35.24 0.29
N ALA B 235 -9.94 35.71 -0.16
CA ALA B 235 -9.52 35.55 -1.54
C ALA B 235 -9.43 34.07 -1.96
N ARG B 236 -9.05 33.20 -1.01
CA ARG B 236 -8.96 31.74 -1.20
C ARG B 236 -10.27 31.03 -0.97
N ARG B 237 -11.28 31.78 -0.58
CA ARG B 237 -12.59 31.24 -0.22
C ARG B 237 -12.51 30.18 0.87
N SER B 238 -11.65 30.44 1.85
CA SER B 238 -11.62 29.65 3.07
C SER B 238 -12.76 29.97 4.02
N SER B 239 -13.04 29.04 4.93
CA SER B 239 -13.96 29.29 6.02
C SER B 239 -13.11 29.43 7.26
N VAL B 240 -12.87 30.67 7.70
CA VAL B 240 -11.93 30.95 8.75
C VAL B 240 -12.53 31.96 9.71
N LEU B 241 -12.22 31.81 10.98
CA LEU B 241 -12.44 32.89 11.94
C LEU B 241 -11.06 33.40 12.29
N VAL B 242 -10.79 34.66 11.92
CA VAL B 242 -9.59 35.32 12.40
C VAL B 242 -9.98 36.00 13.71
N VAL B 243 -9.21 35.74 14.75
CA VAL B 243 -9.57 36.17 16.11
C VAL B 243 -8.46 36.94 16.80
N HIS B 244 -8.88 37.95 17.54
CA HIS B 244 -7.99 38.75 18.37
C HIS B 244 -8.72 39.05 19.69
N GLY B 245 -8.19 38.52 20.78
CA GLY B 245 -8.73 38.79 22.12
C GLY B 245 -8.63 40.27 22.41
N ASP B 246 -9.68 40.85 23.00
CA ASP B 246 -9.64 42.29 23.29
C ASP B 246 -8.68 42.62 24.44
N ASP B 247 -8.16 41.59 25.09
CA ASP B 247 -7.05 41.69 26.01
C ASP B 247 -5.67 41.52 25.31
N GLY B 248 -5.67 41.35 23.99
CA GLY B 248 -4.42 41.24 23.22
C GLY B 248 -4.00 39.82 22.80
N LEU B 249 -4.69 38.79 23.30
CA LEU B 249 -4.32 37.40 23.00
C LEU B 249 -4.53 37.10 21.54
N ASP B 250 -3.65 36.28 20.94
CA ASP B 250 -3.95 35.82 19.58
C ASP B 250 -4.80 34.51 19.59
N GLU B 251 -5.86 34.55 20.41
CA GLU B 251 -6.78 33.41 20.63
C GLU B 251 -8.12 34.00 20.99
N LEU B 252 -9.17 33.19 21.01
CA LEU B 252 -10.43 33.60 21.66
C LEU B 252 -10.18 33.60 23.15
N THR B 253 -10.41 34.74 23.80
CA THR B 253 -10.08 34.84 25.20
C THR B 253 -11.31 34.57 26.08
N THR B 254 -11.08 34.35 27.37
CA THR B 254 -12.15 34.17 28.35
C THR B 254 -12.14 35.32 29.36
N THR B 255 -11.25 36.26 29.11
CA THR B 255 -10.91 37.34 30.02
C THR B 255 -11.82 38.53 29.79
N THR B 256 -12.40 38.59 28.57
CA THR B 256 -13.15 39.72 28.03
C THR B 256 -13.64 39.27 26.64
N THR B 257 -14.11 40.22 25.83
CA THR B 257 -14.61 39.96 24.48
C THR B 257 -13.44 39.71 23.53
N SER B 258 -13.71 39.11 22.37
CA SER B 258 -12.75 38.98 21.29
C SER B 258 -13.31 39.62 20.05
N THR B 259 -12.44 40.19 19.21
CA THR B 259 -12.87 40.59 17.89
C THR B 259 -12.66 39.42 16.93
N ILE B 260 -13.67 39.15 16.12
CA ILE B 260 -13.63 38.08 15.13
C ILE B 260 -13.90 38.65 13.73
N TRP B 261 -12.99 38.36 12.82
CA TRP B 261 -13.23 38.67 11.42
C TRP B 261 -13.65 37.35 10.81
N ARG B 262 -14.95 37.24 10.56
CA ARG B 262 -15.52 36.01 10.05
C ARG B 262 -15.43 35.97 8.52
N VAL B 263 -14.76 34.93 8.00
CA VAL B 263 -14.56 34.75 6.55
C VAL B 263 -15.44 33.59 6.09
N ALA B 264 -16.37 33.91 5.21
CA ALA B 264 -17.33 32.96 4.67
C ALA B 264 -17.80 33.49 3.32
N ALA B 265 -17.98 32.60 2.35
CA ALA B 265 -18.47 32.95 1.00
C ALA B 265 -17.60 34.02 0.31
N GLY B 266 -16.30 34.00 0.58
CA GLY B 266 -15.40 34.97 -0.04
C GLY B 266 -15.47 36.39 0.50
N SER B 267 -16.21 36.62 1.59
CA SER B 267 -16.25 37.95 2.18
C SER B 267 -15.99 37.94 3.69
N VAL B 268 -15.71 39.12 4.23
CA VAL B 268 -15.29 39.32 5.62
C VAL B 268 -16.32 40.14 6.40
N ASP B 269 -16.68 39.62 7.58
CA ASP B 269 -17.69 40.17 8.48
C ASP B 269 -16.99 40.45 9.83
N LYS B 270 -16.99 41.70 10.31
CA LYS B 270 -16.37 41.99 11.63
C LYS B 270 -17.38 41.85 12.76
N LEU B 271 -17.05 41.00 13.72
CA LEU B 271 -17.93 40.76 14.87
C LEU B 271 -17.19 40.91 16.17
N THR B 272 -17.93 41.15 17.25
CA THR B 272 -17.37 41.07 18.58
C THR B 272 -18.03 39.87 19.25
N PHE B 273 -17.24 39.11 20.01
CA PHE B 273 -17.73 37.86 20.55
C PHE B 273 -17.56 37.88 22.05
N ASP B 274 -18.60 37.46 22.78
CA ASP B 274 -18.55 37.48 24.23
C ASP B 274 -18.94 36.11 24.74
N PRO B 275 -17.97 35.36 25.33
CA PRO B 275 -18.20 34.02 25.85
C PRO B 275 -19.23 34.00 26.98
N ALA B 276 -19.45 35.16 27.62
CA ALA B 276 -20.48 35.24 28.66
C ALA B 276 -21.85 34.85 28.11
N GLY B 277 -22.07 35.10 26.82
CA GLY B 277 -23.31 34.71 26.13
C GLY B 277 -23.48 33.20 26.05
N PHE B 278 -22.40 32.45 26.31
CA PHE B 278 -22.47 30.97 26.27
C PHE B 278 -22.27 30.39 27.66
N GLY B 279 -22.36 31.25 28.67
CA GLY B 279 -22.28 30.82 30.05
C GLY B 279 -20.88 30.81 30.65
N PHE B 280 -19.88 31.26 29.91
CA PHE B 280 -18.51 31.29 30.44
C PHE B 280 -18.23 32.42 31.44
N ALA B 281 -17.71 32.06 32.61
CA ALA B 281 -17.28 33.03 33.61
C ALA B 281 -16.05 33.78 33.11
N ARG B 282 -15.92 35.05 33.52
CA ARG B 282 -14.73 35.84 33.23
C ARG B 282 -13.50 35.34 33.99
N ALA B 283 -12.44 35.06 33.26
CA ALA B 283 -11.19 34.67 33.85
C ALA B 283 -10.29 35.89 33.95
N GLN B 284 -9.28 35.81 34.80
CA GLN B 284 -8.22 36.81 34.80
C GLN B 284 -7.12 36.22 33.94
N LEU B 285 -6.33 37.09 33.34
CA LEU B 285 -5.28 36.66 32.43
C LEU B 285 -4.23 35.83 33.16
N ASP B 286 -3.93 36.16 34.42
CA ASP B 286 -2.96 35.35 35.18
C ASP B 286 -3.42 33.89 35.33
N GLN B 287 -4.73 33.66 35.20
CA GLN B 287 -5.26 32.30 35.27
C GLN B 287 -4.91 31.43 34.06
N LEU B 288 -4.52 32.07 32.96
CA LEU B 288 -4.18 31.37 31.72
C LEU B 288 -2.67 31.32 31.54
N ALA B 289 -1.95 31.77 32.58
CA ALA B 289 -0.50 31.89 32.54
C ALA B 289 0.13 30.52 32.36
N GLY B 290 1.18 30.50 31.55
CA GLY B 290 1.93 29.28 31.34
C GLY B 290 3.35 29.38 31.84
N GLY B 291 4.19 28.51 31.29
CA GLY B 291 5.56 28.39 31.75
C GLY B 291 6.41 27.80 30.66
N ASP B 292 7.42 27.02 31.05
CA ASP B 292 8.30 26.41 30.06
C ASP B 292 7.58 25.24 29.40
N ALA B 293 8.25 24.52 28.50
CA ALA B 293 7.56 23.48 27.75
C ALA B 293 7.06 22.37 28.66
N GLN B 294 7.83 22.08 29.73
CA GLN B 294 7.44 21.04 30.68
C GLN B 294 6.16 21.45 31.41
N ALA B 295 6.13 22.69 31.90
CA ALA B 295 4.94 23.25 32.57
C ALA B 295 3.74 23.21 31.64
N ASN B 296 3.93 23.68 30.41
CA ASN B 296 2.82 23.75 29.45
C ASN B 296 2.35 22.37 29.00
N ALA B 297 3.27 21.42 28.92
CA ALA B 297 2.91 20.04 28.65
C ALA B 297 2.08 19.49 29.82
N ALA B 298 2.48 19.79 31.06
CA ALA B 298 1.70 19.39 32.24
C ALA B 298 0.28 19.97 32.16
N ALA B 299 0.18 21.22 31.71
CA ALA B 299 -1.12 21.87 31.58
C ALA B 299 -2.00 21.14 30.55
N VAL B 300 -1.39 20.68 29.45
CA VAL B 300 -2.15 19.97 28.43
C VAL B 300 -2.72 18.69 29.07
N ARG B 301 -1.86 17.94 29.75
CA ARG B 301 -2.27 16.70 30.42
C ARG B 301 -3.38 16.97 31.43
N ALA B 302 -3.25 18.07 32.18
CA ALA B 302 -4.29 18.43 33.16
C ALA B 302 -5.67 18.62 32.50
N VAL B 303 -5.72 19.42 31.42
CA VAL B 303 -7.00 19.68 30.71
C VAL B 303 -7.58 18.38 30.11
N LEU B 304 -6.72 17.62 29.42
CA LEU B 304 -7.16 16.40 28.76
C LEU B 304 -7.63 15.33 29.75
N GLY B 305 -7.12 15.41 30.98
CA GLY B 305 -7.51 14.51 32.06
C GLY B 305 -8.77 14.97 32.78
N GLY B 306 -9.36 16.05 32.27
CA GLY B 306 -10.68 16.50 32.77
C GLY B 306 -10.65 17.53 33.89
N ALA B 307 -9.50 18.14 34.18
CA ALA B 307 -9.43 19.22 35.18
C ALA B 307 -10.33 20.39 34.78
N ARG B 308 -11.23 20.78 35.70
CA ARG B 308 -12.09 21.92 35.47
C ARG B 308 -11.36 23.19 35.85
N GLY B 309 -11.74 24.29 35.20
CA GLY B 309 -11.15 25.57 35.56
C GLY B 309 -10.98 26.45 34.35
N PRO B 310 -10.32 27.59 34.55
CA PRO B 310 -10.18 28.55 33.44
C PRO B 310 -9.45 28.01 32.20
N VAL B 311 -8.41 27.19 32.39
CA VAL B 311 -7.66 26.68 31.22
C VAL B 311 -8.56 25.81 30.36
N ARG B 312 -9.28 24.88 30.99
CA ARG B 312 -10.27 24.08 30.26
C ARG B 312 -11.26 24.95 29.49
N ASP B 313 -11.78 25.98 30.14
CA ASP B 313 -12.79 26.83 29.51
C ASP B 313 -12.24 27.44 28.25
N ALA B 314 -11.02 27.98 28.33
CA ALA B 314 -10.37 28.62 27.17
C ALA B 314 -10.10 27.62 26.07
N VAL B 315 -9.64 26.42 26.43
CA VAL B 315 -9.52 25.33 25.43
C VAL B 315 -10.87 24.97 24.73
N VAL B 316 -11.91 24.71 25.51
CA VAL B 316 -13.23 24.39 24.95
C VAL B 316 -13.74 25.48 24.00
N LEU B 317 -13.55 26.74 24.39
CA LEU B 317 -14.01 27.87 23.59
C LEU B 317 -13.31 27.92 22.24
N ASN B 318 -11.98 27.77 22.27
CA ASN B 318 -11.19 27.79 21.03
C ASN B 318 -11.42 26.53 20.19
N ALA B 319 -11.58 25.36 20.81
CA ALA B 319 -11.91 24.18 20.05
C ALA B 319 -13.28 24.40 19.40
N ALA B 320 -14.22 24.98 20.15
CA ALA B 320 -15.55 25.25 19.54
C ALA B 320 -15.43 26.22 18.35
N GLY B 321 -14.62 27.27 18.51
CA GLY B 321 -14.34 28.19 17.38
C GLY B 321 -13.86 27.50 16.10
N ALA B 322 -12.89 26.59 16.24
CA ALA B 322 -12.42 25.81 15.10
C ALA B 322 -13.55 24.94 14.50
N ILE B 323 -14.38 24.36 15.35
CA ILE B 323 -15.49 23.56 14.84
C ILE B 323 -16.51 24.44 14.11
N VAL B 324 -16.73 25.66 14.60
CA VAL B 324 -17.59 26.61 13.86
C VAL B 324 -17.02 26.93 12.46
N ALA B 325 -15.72 27.19 12.41
CA ALA B 325 -15.05 27.38 11.11
C ALA B 325 -15.27 26.18 10.19
N HIS B 326 -15.07 24.97 10.70
CA HIS B 326 -15.29 23.73 9.92
C HIS B 326 -16.74 23.68 9.37
N ALA B 327 -17.69 24.02 10.24
CA ALA B 327 -19.13 24.00 9.85
C ALA B 327 -19.38 25.00 8.74
N GLY B 328 -18.67 26.13 8.79
CA GLY B 328 -18.78 27.18 7.78
C GLY B 328 -18.40 26.77 6.38
N LEU B 329 -17.77 25.59 6.24
CA LEU B 329 -17.47 25.08 4.92
C LEU B 329 -18.76 24.75 4.17
N SER B 330 -19.87 24.63 4.93
CA SER B 330 -21.24 24.52 4.37
C SER B 330 -21.93 25.89 4.25
N ALA B 333 -24.90 26.58 7.19
CA ALA B 333 -24.44 26.73 8.57
C ALA B 333 -24.94 28.03 9.22
N GLU B 334 -25.42 27.93 10.47
CA GLU B 334 -25.95 29.08 11.24
C GLU B 334 -25.13 29.36 12.51
N TRP B 335 -24.86 30.64 12.80
CA TRP B 335 -23.90 31.07 13.84
C TRP B 335 -24.13 30.51 15.25
N LEU B 336 -25.31 30.76 15.83
CA LEU B 336 -25.59 30.29 17.20
C LEU B 336 -25.67 28.76 17.32
N PRO B 337 -26.45 28.09 16.45
CA PRO B 337 -26.43 26.61 16.49
C PRO B 337 -25.01 26.04 16.30
N ALA B 338 -24.22 26.64 15.42
CA ALA B 338 -22.83 26.20 15.18
C ALA B 338 -21.98 26.28 16.45
N TRP B 339 -22.05 27.41 17.16
CA TRP B 339 -21.34 27.56 18.43
C TRP B 339 -21.81 26.57 19.49
N GLU B 340 -23.13 26.42 19.60
CA GLU B 340 -23.68 25.45 20.55
C GLU B 340 -23.18 24.04 20.25
N GLU B 341 -23.23 23.65 18.99
CA GLU B 341 -22.73 22.35 18.60
C GLU B 341 -21.22 22.22 18.84
N GLY B 342 -20.42 23.24 18.46
CA GLY B 342 -18.97 23.20 18.72
C GLY B 342 -18.64 23.06 20.20
N LEU B 343 -19.38 23.77 21.04
CA LEU B 343 -19.15 23.72 22.48
C LEU B 343 -19.50 22.33 23.03
N ARG B 344 -20.59 21.77 22.53
CA ARG B 344 -21.04 20.46 23.00
C ARG B 344 -20.01 19.42 22.57
N ARG B 345 -19.59 19.52 21.31
CA ARG B 345 -18.68 18.51 20.76
C ARG B 345 -17.29 18.59 21.43
N ALA B 346 -16.83 19.80 21.69
CA ALA B 346 -15.52 19.99 22.31
C ALA B 346 -15.52 19.46 23.72
N SER B 347 -16.52 19.86 24.52
CA SER B 347 -16.65 19.34 25.88
C SER B 347 -16.75 17.81 25.92
N ALA B 348 -17.58 17.24 25.05
CA ALA B 348 -17.73 15.78 25.04
C ALA B 348 -16.41 15.08 24.68
N ALA B 349 -15.67 15.64 23.72
CA ALA B 349 -14.37 15.05 23.33
C ALA B 349 -13.38 14.95 24.50
N ILE B 350 -13.37 15.95 25.39
CA ILE B 350 -12.58 15.87 26.60
C ILE B 350 -13.19 14.90 27.62
N ASP B 351 -14.48 15.05 27.90
CA ASP B 351 -15.13 14.32 28.99
C ASP B 351 -15.15 12.80 28.78
N THR B 352 -15.28 12.37 27.54
CA THR B 352 -15.32 10.96 27.22
C THR B 352 -13.92 10.33 27.29
N GLY B 353 -12.91 11.19 27.38
CA GLY B 353 -11.53 10.74 27.29
C GLY B 353 -10.98 10.63 25.88
N ALA B 354 -11.81 10.85 24.85
CA ALA B 354 -11.33 10.81 23.46
C ALA B 354 -10.10 11.70 23.18
N ALA B 355 -10.06 12.90 23.77
CA ALA B 355 -8.94 13.84 23.53
C ALA B 355 -7.64 13.34 24.16
N GLU B 356 -7.73 12.90 25.43
CA GLU B 356 -6.60 12.24 26.11
C GLU B 356 -6.13 11.00 25.32
N GLN B 357 -7.06 10.14 24.90
CA GLN B 357 -6.68 8.96 24.10
C GLN B 357 -6.04 9.32 22.77
N LEU B 358 -6.58 10.33 22.08
CA LEU B 358 -6.00 10.79 20.81
C LEU B 358 -4.55 11.27 20.95
N LEU B 359 -4.27 12.02 21.99
CA LEU B 359 -2.88 12.40 22.27
C LEU B 359 -1.97 11.18 22.50
N ALA B 360 -2.38 10.26 23.36
CA ALA B 360 -1.62 8.98 23.51
C ALA B 360 -1.43 8.24 22.19
N ARG B 361 -2.47 8.18 21.37
CA ARG B 361 -2.34 7.54 20.06
C ARG B 361 -1.39 8.30 19.09
N TRP B 362 -1.39 9.62 19.20
CA TRP B 362 -0.51 10.46 18.40
C TRP B 362 0.94 10.22 18.82
N VAL B 363 1.17 10.15 20.13
CA VAL B 363 2.53 9.85 20.64
C VAL B 363 3.01 8.49 20.12
N ARG B 364 2.17 7.46 20.26
CA ARG B 364 2.52 6.13 19.75
C ARG B 364 2.76 6.10 18.25
N PHE B 365 1.94 6.79 17.48
CA PHE B 365 2.14 6.86 16.03
C PHE B 365 3.57 7.28 15.66
N GLY B 366 4.06 8.34 16.30
CA GLY B 366 5.39 8.87 15.98
C GLY B 366 6.49 7.92 16.39
N ARG B 367 6.24 7.14 17.44
CA ARG B 367 7.22 6.19 17.95
C ARG B 367 7.30 4.92 17.10
N GLN B 368 6.23 4.65 16.36
CA GLN B 368 6.09 3.39 15.60
C GLN B 368 6.32 3.52 14.09
N ILE B 369 6.87 4.64 13.63
CA ILE B 369 7.05 4.90 12.19
C ILE B 369 8.10 4.00 11.50
N PRO C 24 -5.56 -48.79 12.11
CA PRO C 24 -6.11 -48.74 10.75
C PRO C 24 -5.85 -50.03 9.99
N SER C 25 -6.68 -50.31 9.00
CA SER C 25 -6.55 -51.51 8.17
C SER C 25 -7.18 -51.28 6.80
N TRP C 26 -6.80 -52.12 5.84
CA TRP C 26 -7.35 -52.03 4.50
C TRP C 26 -8.86 -52.25 4.50
N PRO C 27 -9.35 -53.31 5.22
CA PRO C 27 -10.80 -53.48 5.27
C PRO C 27 -11.53 -52.29 5.84
N GLN C 28 -10.98 -51.66 6.87
CA GLN C 28 -11.59 -50.48 7.48
C GLN C 28 -11.67 -49.32 6.50
N ILE C 29 -10.54 -49.02 5.91
CA ILE C 29 -10.42 -47.88 4.99
C ILE C 29 -11.22 -48.09 3.70
N LEU C 30 -11.03 -49.23 3.04
CA LEU C 30 -11.75 -49.53 1.79
C LEU C 30 -13.27 -49.64 2.01
N GLY C 31 -13.67 -50.21 3.16
CA GLY C 31 -15.10 -50.28 3.50
C GLY C 31 -15.72 -48.91 3.64
N ARG C 32 -14.99 -48.01 4.31
CA ARG C 32 -15.43 -46.64 4.50
C ARG C 32 -15.61 -45.96 3.12
N LEU C 33 -14.64 -46.15 2.23
CA LEU C 33 -14.74 -45.62 0.86
C LEU C 33 -15.90 -46.21 0.07
N THR C 34 -16.08 -47.54 0.10
CA THR C 34 -17.20 -48.15 -0.63
C THR C 34 -18.56 -47.81 -0.02
N ASP C 35 -18.57 -47.38 1.25
CA ASP C 35 -19.82 -46.85 1.82
C ASP C 35 -20.04 -45.39 1.45
N ASN C 36 -19.19 -44.89 0.55
CA ASN C 36 -19.30 -43.52 0.04
C ASN C 36 -19.08 -42.46 1.16
N ARG C 37 -18.19 -42.77 2.09
CA ARG C 37 -17.91 -41.86 3.20
C ARG C 37 -16.50 -41.32 3.07
N ASP C 38 -16.36 -40.05 3.36
CA ASP C 38 -15.03 -39.44 3.54
C ASP C 38 -14.27 -40.17 4.64
N LEU C 39 -12.95 -40.23 4.46
CA LEU C 39 -12.11 -40.92 5.43
C LEU C 39 -11.93 -40.09 6.70
N ALA C 40 -11.57 -40.75 7.80
CA ALA C 40 -11.20 -40.05 9.05
C ALA C 40 -9.84 -39.43 8.82
N ARG C 41 -9.55 -38.34 9.53
CA ARG C 41 -8.23 -37.68 9.46
C ARG C 41 -7.14 -38.72 9.72
N GLY C 42 -6.11 -38.72 8.86
CA GLY C 42 -4.98 -39.66 8.97
C GLY C 42 -5.09 -40.98 8.20
N GLN C 43 -6.31 -41.37 7.81
CA GLN C 43 -6.51 -42.66 7.13
C GLN C 43 -5.93 -42.68 5.72
N ALA C 44 -6.21 -41.63 4.94
CA ALA C 44 -5.58 -41.51 3.61
C ALA C 44 -4.05 -41.55 3.75
N ALA C 45 -3.51 -40.88 4.79
CA ALA C 45 -2.05 -40.88 5.03
C ALA C 45 -1.51 -42.26 5.38
N TRP C 46 -2.24 -42.98 6.24
CA TRP C 46 -1.87 -44.36 6.57
C TRP C 46 -1.81 -45.21 5.31
N ALA C 47 -2.84 -45.11 4.48
CA ALA C 47 -2.90 -45.86 3.22
C ALA C 47 -1.71 -45.57 2.31
N MET C 48 -1.45 -44.29 2.08
CA MET C 48 -0.38 -43.91 1.17
C MET C 48 0.95 -44.37 1.75
N ASP C 49 1.10 -44.26 3.06
CA ASP C 49 2.36 -44.70 3.66
C ASP C 49 2.56 -46.20 3.47
N GLN C 50 1.49 -46.99 3.64
CA GLN C 50 1.60 -48.44 3.38
C GLN C 50 2.06 -48.71 1.94
N ILE C 51 1.47 -47.98 1.02
CA ILE C 51 1.78 -48.07 -0.41
C ILE C 51 3.22 -47.65 -0.73
N MET C 52 3.70 -46.61 -0.03
CA MET C 52 5.04 -46.07 -0.25
C MET C 52 6.15 -46.90 0.43
N THR C 53 5.76 -47.80 1.33
CA THR C 53 6.73 -48.61 2.05
C THR C 53 6.78 -50.06 1.52
N GLY C 54 6.13 -50.31 0.38
CA GLY C 54 6.15 -51.63 -0.23
C GLY C 54 5.33 -52.65 0.55
N ASN C 55 4.49 -52.16 1.48
CA ASN C 55 3.68 -53.02 2.32
C ASN C 55 2.27 -53.34 1.82
N ALA C 56 1.89 -52.74 0.70
CA ALA C 56 0.54 -52.94 0.14
C ALA C 56 0.57 -53.87 -1.06
N ARG C 57 -0.37 -54.83 -1.09
CA ARG C 57 -0.51 -55.70 -2.26
C ARG C 57 -1.02 -54.87 -3.45
N PRO C 58 -0.60 -55.23 -4.67
CA PRO C 58 -1.14 -54.52 -5.85
C PRO C 58 -2.69 -54.43 -5.83
N ALA C 59 -3.38 -55.50 -5.42
CA ALA C 59 -4.86 -55.46 -5.31
C ALA C 59 -5.35 -54.38 -4.36
N GLN C 60 -4.64 -54.22 -3.24
CA GLN C 60 -4.99 -53.20 -2.25
C GLN C 60 -4.75 -51.78 -2.78
N ILE C 61 -3.60 -51.59 -3.40
CA ILE C 61 -3.28 -50.31 -4.02
C ILE C 61 -4.39 -49.88 -5.01
N ALA C 62 -4.75 -50.79 -5.90
CA ALA C 62 -5.77 -50.54 -6.92
C ALA C 62 -7.15 -50.29 -6.30
N ALA C 63 -7.53 -51.11 -5.34
CA ALA C 63 -8.82 -50.92 -4.68
C ALA C 63 -8.89 -49.51 -4.08
N PHE C 64 -7.79 -49.14 -3.40
CA PHE C 64 -7.70 -47.83 -2.77
C PHE C 64 -7.82 -46.70 -3.81
N ALA C 65 -6.96 -46.73 -4.82
CA ALA C 65 -6.99 -45.67 -5.87
C ALA C 65 -8.39 -45.54 -6.49
N VAL C 66 -8.98 -46.66 -6.88
CA VAL C 66 -10.33 -46.66 -7.47
C VAL C 66 -11.41 -46.18 -6.49
N ALA C 67 -11.44 -46.76 -5.28
CA ALA C 67 -12.48 -46.41 -4.31
C ALA C 67 -12.40 -44.93 -3.93
N MET C 68 -11.18 -44.41 -3.77
CA MET C 68 -11.04 -42.98 -3.47
C MET C 68 -11.58 -42.12 -4.61
N THR C 69 -11.32 -42.55 -5.83
CA THR C 69 -11.77 -41.77 -7.01
C THR C 69 -13.30 -41.74 -7.13
N MET C 70 -13.92 -42.90 -6.93
CA MET C 70 -15.37 -42.98 -7.05
C MET C 70 -16.16 -42.40 -5.87
N LYS C 71 -15.56 -42.39 -4.68
CA LYS C 71 -16.19 -41.72 -3.55
C LYS C 71 -16.25 -40.21 -3.83
N ALA C 72 -15.19 -39.69 -4.44
CA ALA C 72 -14.99 -38.27 -4.74
C ALA C 72 -14.03 -37.76 -3.66
N PRO C 73 -12.74 -37.62 -4.00
CA PRO C 73 -11.76 -37.28 -2.97
C PRO C 73 -11.92 -35.86 -2.47
N THR C 74 -11.58 -35.66 -1.19
CA THR C 74 -11.59 -34.33 -0.61
C THR C 74 -10.17 -33.75 -0.69
N ALA C 75 -10.04 -32.43 -0.61
CA ALA C 75 -8.71 -31.78 -0.51
C ALA C 75 -7.93 -32.29 0.71
N ASP C 76 -8.61 -32.51 1.84
CA ASP C 76 -7.92 -33.05 3.05
C ASP C 76 -7.27 -34.39 2.68
N GLU C 77 -8.06 -35.26 2.04
CA GLU C 77 -7.57 -36.61 1.69
C GLU C 77 -6.42 -36.55 0.70
N VAL C 78 -6.61 -35.84 -0.40
CA VAL C 78 -5.52 -35.69 -1.39
C VAL C 78 -4.29 -35.03 -0.78
N GLY C 79 -4.51 -34.05 0.09
CA GLY C 79 -3.40 -33.41 0.80
C GLY C 79 -2.65 -34.42 1.65
N GLU C 80 -3.38 -35.35 2.29
CA GLU C 80 -2.70 -36.43 3.01
C GLU C 80 -1.83 -37.30 2.12
N LEU C 81 -2.34 -37.67 0.95
CA LEU C 81 -1.57 -38.54 0.04
C LEU C 81 -0.30 -37.85 -0.43
N ALA C 82 -0.44 -36.60 -0.84
CA ALA C 82 0.71 -35.82 -1.33
C ALA C 82 1.72 -35.58 -0.19
N GLY C 83 1.21 -35.37 1.02
CA GLY C 83 2.07 -35.16 2.19
C GLY C 83 2.96 -36.34 2.45
N VAL C 84 2.38 -37.54 2.36
CA VAL C 84 3.14 -38.78 2.56
C VAL C 84 4.20 -38.92 1.51
N MET C 85 3.83 -38.69 0.25
CA MET C 85 4.81 -38.77 -0.82
C MET C 85 5.96 -37.79 -0.60
N LEU C 86 5.61 -36.58 -0.18
CA LEU C 86 6.64 -35.57 0.05
C LEU C 86 7.53 -35.95 1.23
N SER C 87 6.98 -36.68 2.20
CA SER C 87 7.76 -37.19 3.34
C SER C 87 8.84 -38.14 2.87
N HIS C 88 8.48 -38.96 1.88
CA HIS C 88 9.35 -40.01 1.43
C HIS C 88 10.26 -39.56 0.29
N ALA C 89 10.05 -38.36 -0.24
CA ALA C 89 10.82 -37.92 -1.41
C ALA C 89 12.22 -37.44 -1.01
N HIS C 90 13.18 -37.58 -1.93
CA HIS C 90 14.49 -36.91 -1.77
C HIS C 90 14.28 -35.39 -1.79
N PRO C 91 14.66 -34.68 -0.72
CA PRO C 91 14.48 -33.22 -0.75
C PRO C 91 15.66 -32.55 -1.46
N LEU C 92 15.49 -31.29 -1.82
CA LEU C 92 16.64 -30.51 -2.26
C LEU C 92 17.44 -30.04 -1.04
N PRO C 93 18.75 -29.82 -1.19
CA PRO C 93 19.53 -29.42 -0.01
C PRO C 93 19.03 -28.08 0.57
N ALA C 94 19.29 -27.85 1.87
CA ALA C 94 18.78 -26.66 2.55
C ALA C 94 19.20 -25.37 1.86
N ASP C 95 18.28 -24.42 1.81
CA ASP C 95 18.54 -23.07 1.28
C ASP C 95 19.01 -23.05 -0.16
N THR C 96 18.50 -23.95 -1.00
CA THR C 96 18.87 -23.96 -2.42
C THR C 96 17.70 -23.62 -3.35
N VAL C 97 16.50 -23.55 -2.82
CA VAL C 97 15.34 -23.19 -3.64
C VAL C 97 14.91 -21.76 -3.26
N PRO C 98 14.97 -20.80 -4.21
CA PRO C 98 14.48 -19.44 -3.91
C PRO C 98 13.04 -19.49 -3.40
N ASP C 99 12.74 -18.60 -2.45
CA ASP C 99 11.42 -18.44 -1.86
C ASP C 99 10.32 -18.24 -2.91
N ASP C 100 10.69 -17.69 -4.06
CA ASP C 100 9.73 -17.37 -5.10
C ASP C 100 9.79 -18.32 -6.32
N ALA C 101 10.35 -19.52 -6.15
CA ALA C 101 10.43 -20.45 -7.29
C ALA C 101 9.02 -20.87 -7.71
N VAL C 102 8.85 -21.14 -9.00
CA VAL C 102 7.57 -21.55 -9.58
C VAL C 102 7.72 -22.89 -10.29
N ASP C 103 6.61 -23.62 -10.36
CA ASP C 103 6.52 -24.85 -11.13
C ASP C 103 5.53 -24.58 -12.27
N VAL C 104 5.68 -25.31 -13.38
CA VAL C 104 4.68 -25.29 -14.46
C VAL C 104 4.53 -26.75 -14.87
N VAL C 105 3.42 -27.37 -14.53
CA VAL C 105 3.28 -28.83 -14.72
C VAL C 105 1.81 -29.18 -14.67
N GLY C 106 1.42 -30.26 -15.34
CA GLY C 106 0.02 -30.67 -15.33
C GLY C 106 -0.11 -32.14 -14.96
N THR C 107 -1.34 -32.57 -14.79
CA THR C 107 -1.61 -33.98 -14.60
C THR C 107 -1.29 -34.83 -15.83
N GLY C 108 -1.26 -34.21 -17.00
CA GLY C 108 -1.38 -34.93 -18.27
C GLY C 108 -2.73 -35.65 -18.36
N GLY C 109 -2.86 -36.56 -19.32
CA GLY C 109 -4.10 -37.34 -19.44
C GLY C 109 -5.24 -36.64 -20.16
N ASP C 110 -4.98 -35.51 -20.80
CA ASP C 110 -6.07 -34.83 -21.53
C ASP C 110 -6.44 -35.57 -22.84
N GLY C 111 -5.57 -36.50 -23.26
CA GLY C 111 -5.81 -37.34 -24.43
C GLY C 111 -5.80 -36.59 -25.77
N VAL C 112 -5.25 -35.38 -25.77
CA VAL C 112 -5.15 -34.56 -26.98
C VAL C 112 -3.68 -34.45 -27.25
N ASN C 113 -3.22 -34.88 -28.42
CA ASN C 113 -1.80 -34.81 -28.66
C ASN C 113 -1.40 -33.39 -29.03
N THR C 114 -0.78 -32.72 -28.05
CA THR C 114 -0.31 -31.37 -28.27
C THR C 114 1.20 -31.32 -28.10
N VAL C 115 1.77 -30.23 -28.59
CA VAL C 115 3.14 -29.88 -28.26
C VAL C 115 3.23 -29.76 -26.72
N ASN C 116 4.44 -29.72 -26.19
CA ASN C 116 4.66 -29.70 -24.73
C ASN C 116 4.60 -28.29 -24.19
N LEU C 117 3.37 -27.82 -23.94
CA LEU C 117 3.13 -26.42 -23.59
C LEU C 117 3.73 -26.02 -22.24
N SER C 118 3.61 -26.89 -21.23
CA SER C 118 4.15 -26.54 -19.91
C SER C 118 5.67 -26.42 -19.98
N THR C 119 6.30 -27.36 -20.67
CA THR C 119 7.76 -27.39 -20.75
C THR C 119 8.29 -26.12 -21.48
N MET C 120 7.64 -25.75 -22.58
CA MET C 120 8.02 -24.55 -23.31
C MET C 120 7.78 -23.31 -22.47
N ALA C 121 6.59 -23.24 -21.86
CA ALA C 121 6.29 -22.17 -20.92
C ALA C 121 7.37 -22.03 -19.84
N ALA C 122 7.77 -23.15 -19.23
CA ALA C 122 8.74 -23.16 -18.13
C ALA C 122 10.09 -22.53 -18.56
N ILE C 123 10.53 -22.84 -19.78
CA ILE C 123 11.77 -22.26 -20.30
C ILE C 123 11.64 -20.72 -20.45
N VAL C 124 10.50 -20.28 -20.99
CA VAL C 124 10.29 -18.83 -21.20
C VAL C 124 10.23 -18.09 -19.87
N VAL C 125 9.55 -18.67 -18.89
CA VAL C 125 9.43 -18.10 -17.52
C VAL C 125 10.80 -17.98 -16.85
N ALA C 126 11.60 -19.04 -16.94
CA ALA C 126 12.96 -18.97 -16.39
C ALA C 126 13.75 -17.87 -17.09
N ALA C 127 13.59 -17.75 -18.41
CA ALA C 127 14.30 -16.74 -19.18
C ALA C 127 13.87 -15.33 -18.82
N ALA C 128 12.63 -15.16 -18.41
CA ALA C 128 12.18 -13.88 -17.88
C ALA C 128 12.75 -13.56 -16.50
N GLY C 129 13.41 -14.53 -15.86
CA GLY C 129 14.07 -14.25 -14.59
C GLY C 129 13.33 -14.74 -13.36
N VAL C 130 12.26 -15.51 -13.57
CA VAL C 130 11.57 -16.17 -12.47
C VAL C 130 12.20 -17.54 -12.30
N PRO C 131 12.68 -17.88 -11.08
CA PRO C 131 13.32 -19.18 -10.86
C PRO C 131 12.28 -20.28 -11.07
N VAL C 132 12.65 -21.32 -11.82
CA VAL C 132 11.71 -22.40 -12.12
C VAL C 132 12.28 -23.72 -11.67
N VAL C 133 11.56 -24.41 -10.80
CA VAL C 133 11.95 -25.77 -10.47
C VAL C 133 10.77 -26.66 -10.87
N LYS C 134 10.97 -27.30 -12.03
CA LYS C 134 9.90 -27.95 -12.71
C LYS C 134 9.89 -29.42 -12.33
N HIS C 135 8.72 -29.91 -11.94
CA HIS C 135 8.50 -31.35 -11.73
C HIS C 135 8.01 -31.96 -13.07
N GLY C 136 8.39 -33.18 -13.37
CA GLY C 136 7.85 -33.77 -14.59
C GLY C 136 8.12 -35.26 -14.70
N ASN C 137 7.68 -35.81 -15.83
CA ASN C 137 7.76 -37.23 -16.05
C ASN C 137 7.68 -37.46 -17.57
N ARG C 138 7.96 -38.68 -17.98
CA ARG C 138 7.77 -39.11 -19.35
C ARG C 138 6.27 -39.19 -19.66
N ALA C 139 5.92 -39.39 -20.92
CA ALA C 139 4.52 -39.62 -21.35
C ALA C 139 3.90 -40.80 -20.60
N ALA C 140 2.59 -40.72 -20.37
CA ALA C 140 1.80 -41.86 -19.90
C ALA C 140 0.85 -42.24 -21.04
N SER C 141 0.09 -41.26 -21.52
CA SER C 141 -0.98 -41.41 -22.54
C SER C 141 -0.54 -40.84 -23.88
N SER C 142 0.24 -39.76 -23.84
CA SER C 142 0.57 -38.98 -25.03
C SER C 142 1.77 -39.55 -25.78
N LEU C 143 2.11 -38.93 -26.91
CA LEU C 143 3.26 -39.36 -27.70
C LEU C 143 4.60 -38.94 -27.12
N SER C 144 4.62 -37.84 -26.38
CA SER C 144 5.88 -37.32 -25.83
C SER C 144 5.53 -36.45 -24.66
N GLY C 145 6.00 -36.85 -23.48
CA GLY C 145 5.83 -36.02 -22.28
C GLY C 145 6.91 -34.95 -22.19
N GLY C 146 6.82 -34.10 -21.18
CA GLY C 146 7.81 -33.04 -20.98
C GLY C 146 9.23 -33.59 -20.85
N ALA C 147 9.38 -34.66 -20.06
CA ALA C 147 10.70 -35.27 -19.82
C ALA C 147 11.29 -35.84 -21.11
N ASP C 148 10.45 -36.49 -21.90
CA ASP C 148 10.85 -37.04 -23.21
C ASP C 148 11.35 -35.95 -24.16
N THR C 149 10.64 -34.83 -24.21
CA THR C 149 11.02 -33.74 -25.09
C THR C 149 12.29 -33.02 -24.62
N LEU C 150 12.42 -32.82 -23.31
CA LEU C 150 13.66 -32.25 -22.76
C LEU C 150 14.84 -33.13 -23.11
N GLU C 151 14.65 -34.44 -22.97
CA GLU C 151 15.72 -35.40 -23.32
C GLU C 151 16.13 -35.27 -24.78
N ALA C 152 15.15 -35.15 -25.66
CA ALA C 152 15.40 -34.97 -27.09
C ALA C 152 16.11 -33.65 -27.39
N LEU C 153 15.91 -32.65 -26.52
CA LEU C 153 16.57 -31.36 -26.67
C LEU C 153 17.99 -31.39 -26.13
N GLY C 154 18.37 -32.47 -25.47
CA GLY C 154 19.73 -32.56 -24.91
C GLY C 154 19.87 -32.16 -23.45
N VAL C 155 18.73 -31.92 -22.79
CA VAL C 155 18.72 -31.58 -21.36
C VAL C 155 18.82 -32.84 -20.53
N ARG C 156 19.64 -32.82 -19.47
CA ARG C 156 19.70 -33.95 -18.55
C ARG C 156 18.47 -33.92 -17.69
N ILE C 157 17.67 -34.97 -17.76
CA ILE C 157 16.42 -34.96 -17.01
C ILE C 157 16.50 -35.66 -15.66
N ASP C 158 17.53 -36.47 -15.43
CA ASP C 158 17.50 -37.28 -14.21
C ASP C 158 18.52 -36.87 -13.14
N LEU C 159 18.85 -35.59 -13.09
CA LEU C 159 19.79 -35.13 -12.07
C LEU C 159 19.26 -35.29 -10.64
N GLY C 160 20.17 -35.57 -9.70
CA GLY C 160 19.79 -35.70 -8.30
C GLY C 160 19.68 -34.34 -7.62
N PRO C 161 19.27 -34.32 -6.33
CA PRO C 161 18.99 -33.09 -5.57
C PRO C 161 20.09 -32.02 -5.69
N ASP C 162 21.36 -32.38 -5.47
CA ASP C 162 22.43 -31.36 -5.46
C ASP C 162 22.57 -30.72 -6.83
N LEU C 163 22.46 -31.54 -7.88
CA LEU C 163 22.67 -31.05 -9.22
C LEU C 163 21.49 -30.24 -9.77
N VAL C 164 20.29 -30.58 -9.36
CA VAL C 164 19.11 -29.77 -9.67
C VAL C 164 19.25 -28.40 -8.99
N ALA C 165 19.71 -28.41 -7.72
CA ALA C 165 19.99 -27.17 -6.98
C ALA C 165 20.99 -26.30 -7.74
N ARG C 166 22.07 -26.92 -8.22
CA ARG C 166 23.09 -26.23 -9.02
C ARG C 166 22.48 -25.70 -10.34
N SER C 167 21.69 -26.52 -11.02
CA SER C 167 21.05 -26.10 -12.27
C SER C 167 20.21 -24.86 -11.99
N LEU C 168 19.42 -24.92 -10.92
CA LEU C 168 18.58 -23.78 -10.55
C LEU C 168 19.40 -22.50 -10.33
N ALA C 169 20.48 -22.58 -9.57
CA ALA C 169 21.34 -21.42 -9.28
C ALA C 169 22.02 -20.88 -10.54
N GLU C 170 22.54 -21.78 -11.37
CA GLU C 170 23.43 -21.42 -12.46
C GLU C 170 22.71 -21.10 -13.75
N VAL C 171 21.63 -21.81 -14.02
CA VAL C 171 20.89 -21.65 -15.27
C VAL C 171 19.58 -20.88 -15.07
N GLY C 172 18.99 -21.02 -13.90
CA GLY C 172 17.73 -20.33 -13.57
C GLY C 172 16.54 -21.28 -13.63
N ILE C 173 16.82 -22.54 -13.97
CA ILE C 173 15.81 -23.59 -14.09
C ILE C 173 16.44 -24.91 -13.69
N GLY C 174 15.63 -25.74 -13.04
CA GLY C 174 16.02 -27.11 -12.72
C GLY C 174 14.85 -28.03 -13.00
N PHE C 175 15.12 -29.29 -13.32
CA PHE C 175 14.04 -30.25 -13.62
C PHE C 175 14.15 -31.45 -12.69
N CYS C 176 13.08 -31.69 -11.93
CA CYS C 176 13.00 -32.82 -11.02
C CYS C 176 12.20 -33.91 -11.67
N PHE C 177 12.88 -34.99 -12.04
CA PHE C 177 12.25 -36.14 -12.69
C PHE C 177 11.56 -36.99 -11.62
N ALA C 178 10.27 -37.22 -11.78
CA ALA C 178 9.47 -37.84 -10.72
C ALA C 178 10.05 -39.19 -10.23
N PRO C 179 10.43 -40.08 -11.17
CA PRO C 179 11.04 -41.38 -10.79
C PRO C 179 12.38 -41.26 -10.02
N ARG C 180 13.17 -40.22 -10.33
CA ARG C 180 14.40 -39.94 -9.60
C ARG C 180 14.17 -39.48 -8.15
N PHE C 181 13.11 -38.71 -7.91
CA PHE C 181 12.87 -38.14 -6.60
C PHE C 181 11.88 -38.88 -5.75
N HIS C 182 11.05 -39.72 -6.38
CA HIS C 182 10.00 -40.47 -5.68
C HIS C 182 10.17 -41.99 -5.89
N PRO C 183 11.37 -42.52 -5.58
CA PRO C 183 11.62 -43.93 -5.88
C PRO C 183 10.62 -44.89 -5.21
N SER C 184 10.15 -44.53 -4.02
CA SER C 184 9.20 -45.38 -3.28
C SER C 184 7.77 -45.40 -3.82
N TYR C 185 7.51 -44.53 -4.80
CA TYR C 185 6.23 -44.53 -5.50
C TYR C 185 6.17 -45.61 -6.60
N ARG C 186 7.24 -46.37 -6.79
CA ARG C 186 7.30 -47.29 -7.93
C ARG C 186 6.16 -48.32 -7.99
N HIS C 187 5.73 -48.80 -6.83
CA HIS C 187 4.66 -49.81 -6.79
C HIS C 187 3.31 -49.21 -7.18
N ALA C 188 3.01 -48.04 -6.64
CA ALA C 188 1.83 -47.26 -7.05
C ALA C 188 1.84 -46.94 -8.55
N ALA C 189 2.99 -46.53 -9.06
CA ALA C 189 3.11 -46.20 -10.49
C ALA C 189 2.79 -47.39 -11.35
N ALA C 190 3.30 -48.55 -10.94
CA ALA C 190 3.10 -49.79 -11.67
C ALA C 190 1.59 -50.11 -11.74
N VAL C 191 0.91 -50.00 -10.60
CA VAL C 191 -0.54 -50.19 -10.53
C VAL C 191 -1.31 -49.20 -11.42
N ARG C 192 -0.92 -47.93 -11.40
CA ARG C 192 -1.54 -46.94 -12.26
C ARG C 192 -1.46 -47.39 -13.73
N ARG C 193 -0.27 -47.85 -14.16
CA ARG C 193 -0.10 -48.37 -15.53
C ARG C 193 -0.99 -49.58 -15.81
N GLU C 194 -1.03 -50.54 -14.88
CA GLU C 194 -1.84 -51.77 -15.06
C GLU C 194 -3.34 -51.50 -15.21
N ILE C 195 -3.87 -50.62 -14.41
CA ILE C 195 -5.30 -50.40 -14.47
C ILE C 195 -5.72 -49.40 -15.55
N GLY C 196 -4.79 -48.51 -15.90
CA GLY C 196 -4.92 -47.60 -16.97
C GLY C 196 -6.07 -46.64 -17.13
N VAL C 197 -6.88 -46.47 -16.13
CA VAL C 197 -7.96 -45.49 -16.05
C VAL C 197 -7.41 -44.43 -15.08
N PRO C 198 -7.70 -43.16 -15.31
CA PRO C 198 -7.29 -42.17 -14.32
C PRO C 198 -7.90 -42.43 -12.94
N THR C 199 -7.11 -42.21 -11.90
CA THR C 199 -7.62 -42.16 -10.54
C THR C 199 -7.07 -40.93 -9.81
N VAL C 200 -7.34 -40.85 -8.52
CA VAL C 200 -6.79 -39.80 -7.70
C VAL C 200 -5.24 -39.74 -7.79
N PHE C 201 -4.58 -40.88 -8.06
CA PHE C 201 -3.13 -40.90 -8.21
C PHE C 201 -2.67 -39.96 -9.34
N ASN C 202 -3.51 -39.78 -10.36
CA ASN C 202 -3.17 -38.89 -11.48
C ASN C 202 -3.01 -37.42 -11.04
N LEU C 203 -3.49 -37.10 -9.83
CA LEU C 203 -3.38 -35.75 -9.30
C LEU C 203 -2.04 -35.49 -8.62
N LEU C 204 -1.37 -36.57 -8.22
CA LEU C 204 -0.29 -36.48 -7.24
C LEU C 204 1.00 -35.86 -7.77
N GLY C 205 1.30 -36.08 -9.05
CA GLY C 205 2.50 -35.49 -9.67
C GLY C 205 2.64 -33.99 -9.45
N PRO C 206 1.66 -33.19 -9.88
CA PRO C 206 1.80 -31.75 -9.72
C PRO C 206 1.80 -31.29 -8.27
N LEU C 207 1.27 -32.14 -7.38
CA LEU C 207 1.19 -31.82 -5.94
C LEU C 207 2.41 -32.26 -5.16
N THR C 208 3.36 -32.92 -5.81
CA THR C 208 4.48 -33.51 -5.07
C THR C 208 5.86 -33.11 -5.61
N ASN C 209 5.96 -31.92 -6.18
CA ASN C 209 7.28 -31.37 -6.52
C ASN C 209 8.21 -31.41 -5.28
N PRO C 210 9.34 -32.17 -5.35
CA PRO C 210 10.20 -32.38 -4.18
C PRO C 210 10.90 -31.11 -3.68
N ALA C 211 10.99 -30.09 -4.52
CA ALA C 211 11.57 -28.79 -4.14
C ALA C 211 10.57 -27.91 -3.41
N ARG C 212 9.28 -28.30 -3.46
CA ARG C 212 8.19 -27.61 -2.76
C ARG C 212 8.10 -26.10 -3.10
N PRO C 213 8.14 -25.74 -4.40
CA PRO C 213 8.01 -24.32 -4.72
C PRO C 213 6.63 -23.83 -4.28
N ARG C 214 6.53 -22.57 -3.93
CA ARG C 214 5.29 -22.02 -3.37
C ARG C 214 4.38 -21.41 -4.42
N ALA C 215 4.82 -21.38 -5.69
CA ALA C 215 3.95 -20.89 -6.77
C ALA C 215 3.92 -21.87 -7.92
N GLY C 216 2.84 -21.81 -8.69
CA GLY C 216 2.77 -22.65 -9.88
C GLY C 216 1.64 -22.35 -10.82
N LEU C 217 1.82 -22.79 -12.07
CA LEU C 217 0.74 -22.90 -13.04
C LEU C 217 0.52 -24.40 -13.22
N ILE C 218 -0.64 -24.87 -12.77
CA ILE C 218 -0.84 -26.30 -12.60
C ILE C 218 -2.03 -26.76 -13.44
N GLY C 219 -1.75 -27.63 -14.41
CA GLY C 219 -2.78 -28.09 -15.32
C GLY C 219 -3.48 -29.32 -14.78
N CYS C 220 -4.80 -29.38 -15.01
CA CYS C 220 -5.59 -30.51 -14.55
C CYS C 220 -6.52 -30.92 -15.68
N ALA C 221 -6.31 -32.12 -16.20
CA ALA C 221 -7.12 -32.64 -17.30
C ALA C 221 -8.53 -32.99 -16.88
N PHE C 222 -8.76 -33.14 -15.57
CA PHE C 222 -10.04 -33.68 -15.09
C PHE C 222 -10.83 -32.57 -14.44
N ALA C 223 -11.82 -32.07 -15.17
CA ALA C 223 -12.58 -30.91 -14.73
C ALA C 223 -13.13 -31.02 -13.31
N ASP C 224 -13.58 -32.21 -12.91
CA ASP C 224 -14.15 -32.32 -11.55
C ASP C 224 -13.16 -32.62 -10.45
N LEU C 225 -11.86 -32.67 -10.77
CA LEU C 225 -10.85 -32.85 -9.73
C LEU C 225 -9.96 -31.59 -9.57
N ALA C 226 -10.17 -30.59 -10.43
CA ALA C 226 -9.35 -29.37 -10.39
C ALA C 226 -9.55 -28.58 -9.08
N GLU C 227 -10.80 -28.42 -8.67
CA GLU C 227 -11.10 -27.73 -7.41
C GLU C 227 -10.41 -28.42 -6.20
N VAL C 228 -10.39 -29.75 -6.19
CA VAL C 228 -9.69 -30.50 -5.15
C VAL C 228 -8.18 -30.23 -5.16
N MET C 229 -7.57 -30.26 -6.36
CA MET C 229 -6.14 -29.87 -6.44
C MET C 229 -5.91 -28.47 -5.90
N ALA C 230 -6.79 -27.53 -6.26
CA ALA C 230 -6.63 -26.18 -5.80
C ALA C 230 -6.71 -26.11 -4.27
N GLY C 231 -7.61 -26.91 -3.70
CA GLY C 231 -7.77 -26.93 -2.24
C GLY C 231 -6.50 -27.41 -1.54
N VAL C 232 -5.80 -28.38 -2.14
CA VAL C 232 -4.53 -28.84 -1.59
C VAL C 232 -3.50 -27.71 -1.56
N PHE C 233 -3.39 -26.98 -2.67
CA PHE C 233 -2.47 -25.84 -2.71
C PHE C 233 -2.89 -24.72 -1.74
N ALA C 234 -4.20 -24.50 -1.61
CA ALA C 234 -4.71 -23.48 -0.68
C ALA C 234 -4.27 -23.77 0.76
N ALA C 235 -4.35 -25.05 1.14
CA ALA C 235 -3.97 -25.49 2.48
C ALA C 235 -2.50 -25.20 2.79
N ARG C 236 -1.65 -25.26 1.76
CA ARG C 236 -0.22 -24.94 1.83
C ARG C 236 0.07 -23.46 1.67
N ARG C 237 -0.97 -22.67 1.43
CA ARG C 237 -0.85 -21.24 1.17
C ARG C 237 0.09 -20.94 0.00
N SER C 238 0.04 -21.80 -1.02
CA SER C 238 0.69 -21.53 -2.29
C SER C 238 -0.03 -20.45 -3.09
N SER C 239 0.69 -19.84 -4.02
CA SER C 239 0.08 -18.99 -5.00
C SER C 239 0.08 -19.76 -6.30
N VAL C 240 -1.08 -20.28 -6.68
CA VAL C 240 -1.16 -21.21 -7.79
C VAL C 240 -2.38 -20.86 -8.63
N LEU C 241 -2.26 -21.02 -9.95
CA LEU C 241 -3.47 -21.08 -10.79
C LEU C 241 -3.60 -22.53 -11.25
N VAL C 242 -4.67 -23.19 -10.82
CA VAL C 242 -5.02 -24.49 -11.37
C VAL C 242 -5.87 -24.25 -12.62
N VAL C 243 -5.47 -24.86 -13.73
CA VAL C 243 -6.12 -24.55 -15.01
C VAL C 243 -6.62 -25.77 -15.75
N HIS C 244 -7.79 -25.60 -16.36
CA HIS C 244 -8.38 -26.62 -17.22
C HIS C 244 -8.97 -25.92 -18.44
N GLY C 245 -8.40 -26.21 -19.61
CA GLY C 245 -8.92 -25.66 -20.88
C GLY C 245 -10.33 -26.16 -21.11
N ASP C 246 -11.23 -25.29 -21.57
CA ASP C 246 -12.61 -25.73 -21.76
C ASP C 246 -12.78 -26.65 -22.95
N ASP C 247 -11.69 -26.85 -23.69
CA ASP C 247 -11.56 -27.87 -24.70
C ASP C 247 -10.95 -29.20 -24.17
N GLY C 248 -10.63 -29.26 -22.88
CA GLY C 248 -10.12 -30.48 -22.25
C GLY C 248 -8.63 -30.45 -21.88
N LEU C 249 -7.90 -29.46 -22.39
CA LEU C 249 -6.44 -29.41 -22.18
C LEU C 249 -6.07 -29.20 -20.74
N ASP C 250 -4.97 -29.82 -20.30
CA ASP C 250 -4.48 -29.51 -18.96
C ASP C 250 -3.47 -28.33 -19.01
N GLU C 251 -3.90 -27.27 -19.71
CA GLU C 251 -3.09 -26.04 -19.91
C GLU C 251 -4.08 -24.90 -20.13
N LEU C 252 -3.61 -23.65 -20.13
CA LEU C 252 -4.47 -22.56 -20.60
C LEU C 252 -4.51 -22.70 -22.10
N THR C 253 -5.72 -22.80 -22.65
CA THR C 253 -5.85 -23.03 -24.08
C THR C 253 -6.02 -21.70 -24.86
N THR C 254 -5.82 -21.75 -26.18
CA THR C 254 -6.05 -20.62 -27.06
C THR C 254 -7.26 -20.89 -27.97
N THR C 255 -7.83 -22.07 -27.83
CA THR C 255 -8.93 -22.46 -28.69
C THR C 255 -10.30 -22.02 -28.20
N THR C 256 -10.36 -21.63 -26.96
CA THR C 256 -11.63 -21.34 -26.29
C THR C 256 -11.22 -20.84 -24.90
N THR C 257 -12.20 -20.71 -24.00
CA THR C 257 -11.97 -20.26 -22.62
C THR C 257 -11.30 -21.37 -21.81
N SER C 258 -10.74 -21.02 -20.65
CA SER C 258 -10.24 -21.98 -19.65
C SER C 258 -10.89 -21.66 -18.33
N THR C 259 -11.12 -22.70 -17.54
CA THR C 259 -11.47 -22.50 -16.15
C THR C 259 -10.19 -22.45 -15.31
N ILE C 260 -10.11 -21.47 -14.44
CA ILE C 260 -9.01 -21.28 -13.54
C ILE C 260 -9.52 -21.30 -12.10
N TRP C 261 -8.89 -22.12 -11.27
CA TRP C 261 -9.13 -22.05 -9.84
C TRP C 261 -7.94 -21.32 -9.28
N ARG C 262 -8.18 -20.06 -8.92
CA ARG C 262 -7.12 -19.20 -8.45
C ARG C 262 -6.93 -19.37 -6.95
N VAL C 263 -5.71 -19.72 -6.55
CA VAL C 263 -5.38 -19.97 -5.14
C VAL C 263 -4.51 -18.82 -4.67
N ALA C 264 -5.02 -18.05 -3.73
CA ALA C 264 -4.31 -16.91 -3.17
C ALA C 264 -4.79 -16.70 -1.74
N ALA C 265 -3.86 -16.37 -0.84
CA ALA C 265 -4.18 -16.13 0.58
C ALA C 265 -4.94 -17.30 1.24
N GLY C 266 -4.58 -18.52 0.87
CA GLY C 266 -5.22 -19.70 1.47
C GLY C 266 -6.65 -19.97 1.05
N SER C 267 -7.15 -19.24 0.05
CA SER C 267 -8.49 -19.51 -0.48
C SER C 267 -8.53 -19.68 -2.00
N VAL C 268 -9.64 -20.25 -2.48
CA VAL C 268 -9.84 -20.63 -3.87
C VAL C 268 -11.00 -19.85 -4.50
N ASP C 269 -10.74 -19.28 -5.68
CA ASP C 269 -11.66 -18.43 -6.44
C ASP C 269 -11.81 -19.08 -7.83
N LYS C 270 -13.04 -19.44 -8.24
CA LYS C 270 -13.24 -20.03 -9.57
C LYS C 270 -13.46 -18.94 -10.59
N LEU C 271 -12.65 -18.98 -11.63
CA LEU C 271 -12.78 -17.98 -12.71
C LEU C 271 -12.83 -18.66 -14.07
N THR C 272 -13.38 -17.97 -15.06
CA THR C 272 -13.26 -18.39 -16.44
C THR C 272 -12.36 -17.37 -17.11
N PHE C 273 -11.46 -17.84 -17.98
CA PHE C 273 -10.46 -16.95 -18.55
C PHE C 273 -10.58 -17.00 -20.06
N ASP C 274 -10.57 -15.83 -20.71
CA ASP C 274 -10.68 -15.78 -22.18
C ASP C 274 -9.51 -15.00 -22.73
N PRO C 275 -8.58 -15.69 -23.43
CA PRO C 275 -7.43 -14.99 -24.00
C PRO C 275 -7.82 -13.95 -25.09
N ALA C 276 -9.06 -14.00 -25.60
CA ALA C 276 -9.51 -12.97 -26.53
C ALA C 276 -9.50 -11.58 -25.88
N GLY C 277 -9.66 -11.54 -24.56
CA GLY C 277 -9.57 -10.30 -23.78
C GLY C 277 -8.17 -9.69 -23.81
N PHE C 278 -7.18 -10.50 -24.19
CA PHE C 278 -5.80 -9.98 -24.27
C PHE C 278 -5.30 -9.96 -25.71
N GLY C 279 -6.22 -10.07 -26.66
CA GLY C 279 -5.88 -9.91 -28.07
C GLY C 279 -5.54 -11.19 -28.82
N PHE C 280 -5.65 -12.33 -28.14
CA PHE C 280 -5.35 -13.62 -28.77
C PHE C 280 -6.43 -14.11 -29.73
N ALA C 281 -6.04 -14.37 -30.97
CA ALA C 281 -6.94 -15.01 -31.94
C ALA C 281 -7.29 -16.43 -31.50
N ARG C 282 -8.52 -16.86 -31.78
CA ARG C 282 -8.88 -18.26 -31.59
C ARG C 282 -8.00 -19.17 -32.47
N ALA C 283 -7.58 -20.29 -31.90
CA ALA C 283 -6.83 -21.30 -32.62
C ALA C 283 -7.70 -22.54 -32.70
N GLN C 284 -7.42 -23.41 -33.66
CA GLN C 284 -8.07 -24.73 -33.69
C GLN C 284 -7.11 -25.66 -32.99
N LEU C 285 -7.65 -26.68 -32.35
CA LEU C 285 -6.87 -27.60 -31.55
C LEU C 285 -5.84 -28.35 -32.39
N ASP C 286 -6.14 -28.64 -33.66
CA ASP C 286 -5.15 -29.31 -34.52
C ASP C 286 -3.92 -28.41 -34.79
N GLN C 287 -4.08 -27.10 -34.56
CA GLN C 287 -2.95 -26.18 -34.69
C GLN C 287 -1.91 -26.36 -33.59
N LEU C 288 -2.32 -27.01 -32.50
CA LEU C 288 -1.45 -27.20 -31.35
C LEU C 288 -0.91 -28.61 -31.32
N ALA C 289 -1.27 -29.40 -32.34
CA ALA C 289 -0.94 -30.83 -32.41
C ALA C 289 0.57 -31.03 -32.38
N GLY C 290 0.98 -32.09 -31.69
CA GLY C 290 2.39 -32.45 -31.67
C GLY C 290 2.60 -33.84 -32.22
N GLY C 291 3.76 -34.38 -31.90
CA GLY C 291 4.20 -35.67 -32.41
C GLY C 291 5.12 -36.35 -31.41
N ASP C 292 6.11 -37.06 -31.93
CA ASP C 292 7.03 -37.79 -31.06
C ASP C 292 8.00 -36.79 -30.46
N ALA C 293 8.94 -37.26 -29.64
CA ALA C 293 9.82 -36.34 -28.93
C ALA C 293 10.67 -35.50 -29.88
N GLN C 294 11.06 -36.07 -31.03
CA GLN C 294 11.82 -35.33 -32.03
C GLN C 294 11.02 -34.16 -32.60
N ALA C 295 9.78 -34.45 -33.02
CA ALA C 295 8.86 -33.44 -33.53
C ALA C 295 8.63 -32.33 -32.49
N ASN C 296 8.33 -32.74 -31.26
CA ASN C 296 8.04 -31.79 -30.18
C ASN C 296 9.28 -30.96 -29.77
N ALA C 297 10.45 -31.58 -29.83
CA ALA C 297 11.71 -30.86 -29.67
C ALA C 297 11.88 -29.82 -30.79
N ALA C 298 11.61 -30.20 -32.03
CA ALA C 298 11.67 -29.23 -33.14
C ALA C 298 10.70 -28.07 -32.88
N ALA C 299 9.52 -28.40 -32.37
CA ALA C 299 8.53 -27.38 -32.04
C ALA C 299 9.05 -26.41 -31.00
N VAL C 300 9.79 -26.91 -30.00
CA VAL C 300 10.36 -26.03 -28.97
C VAL C 300 11.36 -25.06 -29.65
N ARG C 301 12.25 -25.61 -30.47
CA ARG C 301 13.25 -24.78 -31.16
C ARG C 301 12.58 -23.73 -32.04
N ALA C 302 11.49 -24.11 -32.71
CA ALA C 302 10.78 -23.19 -33.58
C ALA C 302 10.25 -21.98 -32.79
N VAL C 303 9.58 -22.24 -31.66
CA VAL C 303 9.02 -21.16 -30.82
C VAL C 303 10.14 -20.29 -30.25
N LEU C 304 11.15 -20.94 -29.66
CA LEU C 304 12.24 -20.18 -29.05
C LEU C 304 13.05 -19.36 -30.06
N GLY C 305 12.99 -19.76 -31.34
CA GLY C 305 13.67 -19.03 -32.42
C GLY C 305 12.80 -17.94 -33.02
N GLY C 306 11.68 -17.67 -32.38
CA GLY C 306 10.83 -16.55 -32.77
C GLY C 306 9.74 -16.82 -33.81
N ALA C 307 9.45 -18.09 -34.13
CA ALA C 307 8.36 -18.42 -35.04
C ALA C 307 7.01 -17.92 -34.52
N ARG C 308 6.31 -17.11 -35.33
CA ARG C 308 4.97 -16.65 -34.98
C ARG C 308 3.93 -17.67 -35.34
N GLY C 309 2.82 -17.69 -34.61
CA GLY C 309 1.78 -18.65 -34.93
C GLY C 309 1.11 -19.14 -33.67
N PRO C 310 0.17 -20.09 -33.84
CA PRO C 310 -0.60 -20.57 -32.69
C PRO C 310 0.24 -21.18 -31.55
N VAL C 311 1.29 -21.94 -31.87
CA VAL C 311 2.09 -22.56 -30.81
C VAL C 311 2.71 -21.46 -29.94
N ARG C 312 3.33 -20.46 -30.56
CA ARG C 312 3.92 -19.36 -29.81
C ARG C 312 2.88 -18.70 -28.91
N ASP C 313 1.68 -18.47 -29.42
CA ASP C 313 0.66 -17.79 -28.65
C ASP C 313 0.33 -18.59 -27.39
N ALA C 314 0.16 -19.91 -27.54
CA ALA C 314 -0.18 -20.80 -26.40
C ALA C 314 0.94 -20.85 -25.41
N VAL C 315 2.19 -20.90 -25.89
CA VAL C 315 3.35 -20.76 -25.00
C VAL C 315 3.40 -19.43 -24.21
N VAL C 316 3.27 -18.29 -24.89
CA VAL C 316 3.28 -16.97 -24.22
C VAL C 316 2.16 -16.88 -23.19
N LEU C 317 0.97 -17.37 -23.55
CA LEU C 317 -0.16 -17.34 -22.61
C LEU C 317 0.11 -18.13 -21.35
N ASN C 318 0.62 -19.35 -21.50
CA ASN C 318 0.95 -20.18 -20.33
C ASN C 318 2.14 -19.65 -19.54
N ALA C 319 3.18 -19.16 -20.21
CA ALA C 319 4.28 -18.53 -19.47
C ALA C 319 3.73 -17.32 -18.67
N ALA C 320 2.85 -16.55 -19.28
CA ALA C 320 2.30 -15.37 -18.57
C ALA C 320 1.50 -15.83 -17.34
N GLY C 321 0.70 -16.90 -17.49
CA GLY C 321 0.00 -17.50 -16.34
C GLY C 321 0.92 -17.85 -15.19
N ALA C 322 2.05 -18.50 -15.49
CA ALA C 322 3.04 -18.80 -14.46
C ALA C 322 3.61 -17.54 -13.80
N ILE C 323 3.85 -16.49 -14.59
CA ILE C 323 4.34 -15.23 -14.03
C ILE C 323 3.28 -14.58 -13.15
N VAL C 324 2.01 -14.68 -13.55
CA VAL C 324 0.92 -14.19 -12.70
C VAL C 324 0.87 -14.92 -11.34
N ALA C 325 1.03 -16.25 -11.36
CA ALA C 325 1.13 -17.02 -10.11
C ALA C 325 2.29 -16.54 -9.24
N HIS C 326 3.47 -16.33 -9.84
CA HIS C 326 4.66 -15.78 -9.13
C HIS C 326 4.34 -14.43 -8.47
N ALA C 327 3.66 -13.57 -9.24
CA ALA C 327 3.27 -12.22 -8.76
C ALA C 327 2.35 -12.35 -7.54
N GLY C 328 1.47 -13.35 -7.58
CA GLY C 328 0.53 -13.62 -6.50
C GLY C 328 1.19 -13.95 -5.18
N LEU C 329 2.50 -14.20 -5.17
CA LEU C 329 3.17 -14.44 -3.91
C LEU C 329 3.21 -13.18 -3.06
N SER C 330 2.93 -12.03 -3.70
CA SER C 330 2.68 -10.74 -3.01
C SER C 330 1.18 -10.42 -2.93
N SER C 331 0.75 -9.95 -1.76
CA SER C 331 -0.68 -9.59 -1.60
C SER C 331 -1.07 -8.27 -2.30
N ARG C 332 -0.08 -7.64 -2.94
CA ARG C 332 -0.30 -6.41 -3.70
C ARG C 332 -0.69 -6.69 -5.17
N ALA C 333 -0.45 -7.92 -5.63
CA ALA C 333 -0.72 -8.32 -7.02
C ALA C 333 -2.17 -8.04 -7.46
N GLU C 334 -2.32 -7.35 -8.59
CA GLU C 334 -3.62 -7.06 -9.21
C GLU C 334 -3.77 -7.83 -10.53
N TRP C 335 -4.95 -8.42 -10.76
CA TRP C 335 -5.16 -9.46 -11.80
C TRP C 335 -4.87 -9.01 -13.24
N LEU C 336 -5.48 -7.92 -13.69
CA LEU C 336 -5.23 -7.43 -15.05
C LEU C 336 -3.80 -6.90 -15.29
N PRO C 337 -3.29 -6.00 -14.43
CA PRO C 337 -1.88 -5.60 -14.52
C PRO C 337 -0.89 -6.80 -14.49
N ALA C 338 -1.18 -7.80 -13.67
CA ALA C 338 -0.31 -8.97 -13.57
C ALA C 338 -0.26 -9.74 -14.89
N TRP C 339 -1.43 -9.93 -15.53
CA TRP C 339 -1.48 -10.59 -16.84
C TRP C 339 -0.77 -9.78 -17.92
N GLU C 340 -1.00 -8.47 -17.93
CA GLU C 340 -0.32 -7.59 -18.89
C GLU C 340 1.20 -7.68 -18.70
N GLU C 341 1.65 -7.59 -17.45
CA GLU C 341 3.08 -7.74 -17.19
C GLU C 341 3.59 -9.12 -17.58
N GLY C 342 2.84 -10.18 -17.24
CA GLY C 342 3.22 -11.56 -17.62
C GLY C 342 3.37 -11.74 -19.13
N LEU C 343 2.42 -11.19 -19.86
CA LEU C 343 2.41 -11.30 -21.31
C LEU C 343 3.57 -10.54 -21.92
N ARG C 344 3.84 -9.36 -21.38
CA ARG C 344 4.92 -8.50 -21.88
C ARG C 344 6.26 -9.19 -21.60
N ARG C 345 6.41 -9.72 -20.38
CA ARG C 345 7.67 -10.36 -19.99
C ARG C 345 7.95 -11.65 -20.75
N ALA C 346 6.91 -12.44 -20.94
CA ALA C 346 7.05 -13.71 -21.69
C ALA C 346 7.43 -13.45 -23.14
N SER C 347 6.72 -12.53 -23.79
CA SER C 347 7.03 -12.15 -25.19
C SER C 347 8.44 -11.63 -25.35
N ALA C 348 8.82 -10.72 -24.44
CA ALA C 348 10.19 -10.17 -24.50
C ALA C 348 11.27 -11.24 -24.30
N ALA C 349 11.05 -12.16 -23.35
CA ALA C 349 11.99 -13.28 -23.14
C ALA C 349 12.22 -14.12 -24.39
N ILE C 350 11.18 -14.32 -25.19
CA ILE C 350 11.37 -15.00 -26.47
C ILE C 350 12.08 -14.07 -27.50
N ASP C 351 11.54 -12.87 -27.67
CA ASP C 351 11.99 -11.95 -28.75
C ASP C 351 13.46 -11.50 -28.62
N THR C 352 13.94 -11.36 -27.40
CA THR C 352 15.32 -10.92 -27.19
C THR C 352 16.29 -12.07 -27.42
N GLY C 353 15.73 -13.27 -27.58
CA GLY C 353 16.55 -14.50 -27.68
C GLY C 353 16.95 -15.05 -26.33
N ALA C 354 16.55 -14.41 -25.22
CA ALA C 354 16.89 -14.93 -23.87
C ALA C 354 16.41 -16.39 -23.62
N ALA C 355 15.23 -16.73 -24.12
CA ALA C 355 14.68 -18.09 -23.91
C ALA C 355 15.49 -19.11 -24.71
N GLU C 356 15.78 -18.79 -25.97
CA GLU C 356 16.66 -19.64 -26.79
C GLU C 356 18.03 -19.82 -26.12
N GLN C 357 18.64 -18.72 -25.66
CA GLN C 357 19.94 -18.80 -24.99
C GLN C 357 19.90 -19.58 -23.70
N LEU C 358 18.83 -19.43 -22.90
CA LEU C 358 18.70 -20.19 -21.65
C LEU C 358 18.66 -21.70 -21.90
N LEU C 359 17.93 -22.12 -22.92
CA LEU C 359 17.92 -23.54 -23.30
C LEU C 359 19.31 -24.03 -23.69
N ALA C 360 20.02 -23.27 -24.51
CA ALA C 360 21.42 -23.61 -24.86
C ALA C 360 22.29 -23.71 -23.62
N ARG C 361 22.14 -22.76 -22.70
CA ARG C 361 22.89 -22.78 -21.45
C ARG C 361 22.52 -23.96 -20.54
N TRP C 362 21.24 -24.32 -20.56
CA TRP C 362 20.79 -25.46 -19.77
C TRP C 362 21.39 -26.77 -20.32
N VAL C 363 21.40 -26.90 -21.65
CA VAL C 363 22.04 -28.06 -22.31
C VAL C 363 23.54 -28.13 -21.97
N ARG C 364 24.24 -27.01 -22.09
CA ARG C 364 25.66 -26.95 -21.69
C ARG C 364 25.89 -27.31 -20.23
N PHE C 365 25.05 -26.80 -19.33
CA PHE C 365 25.20 -27.10 -17.91
C PHE C 365 25.25 -28.62 -17.65
N GLY C 366 24.33 -29.36 -18.27
CA GLY C 366 24.23 -30.81 -18.06
C GLY C 366 25.44 -31.56 -18.59
N ARG C 367 25.99 -31.05 -19.70
CA ARG C 367 27.15 -31.62 -20.37
C ARG C 367 28.46 -31.37 -19.62
N GLN C 368 28.47 -30.36 -18.75
CA GLN C 368 29.67 -29.92 -18.05
C GLN C 368 29.72 -30.30 -16.57
N ILE C 369 28.87 -31.22 -16.13
CA ILE C 369 28.80 -31.61 -14.71
C ILE C 369 30.03 -32.38 -14.21
N PRO D 24 -40.62 -23.30 -32.10
CA PRO D 24 -41.07 -23.29 -33.49
C PRO D 24 -40.77 -24.61 -34.20
N SER D 25 -41.60 -24.97 -35.16
CA SER D 25 -41.39 -26.16 -35.99
C SER D 25 -42.02 -25.93 -37.37
N TRP D 26 -41.64 -26.78 -38.33
CA TRP D 26 -42.23 -26.72 -39.65
C TRP D 26 -43.74 -26.99 -39.67
N PRO D 27 -44.20 -28.06 -38.97
CA PRO D 27 -45.65 -28.25 -38.94
C PRO D 27 -46.41 -27.05 -38.39
N GLN D 28 -45.89 -26.39 -37.36
CA GLN D 28 -46.57 -25.25 -36.73
C GLN D 28 -46.64 -24.04 -37.68
N ILE D 29 -45.49 -23.72 -38.25
CA ILE D 29 -45.37 -22.58 -39.16
C ILE D 29 -46.15 -22.82 -40.47
N LEU D 30 -45.92 -23.97 -41.11
CA LEU D 30 -46.68 -24.32 -42.34
C LEU D 30 -48.18 -24.42 -42.11
N GLY D 31 -48.60 -24.99 -40.97
CA GLY D 31 -50.04 -25.05 -40.63
C GLY D 31 -50.63 -23.65 -40.50
N ARG D 32 -49.90 -22.76 -39.83
CA ARG D 32 -50.35 -21.38 -39.69
C ARG D 32 -50.57 -20.72 -41.07
N LEU D 33 -49.59 -20.90 -41.96
CA LEU D 33 -49.67 -20.30 -43.29
C LEU D 33 -50.82 -20.87 -44.13
N THR D 34 -51.00 -22.19 -44.06
CA THR D 34 -52.11 -22.84 -44.80
C THR D 34 -53.48 -22.52 -44.19
N ASP D 35 -53.52 -22.12 -42.92
CA ASP D 35 -54.76 -21.59 -42.33
C ASP D 35 -54.98 -20.13 -42.75
N ASN D 36 -54.09 -19.64 -43.62
CA ASN D 36 -54.09 -18.25 -44.07
C ASN D 36 -53.87 -17.20 -43.00
N ARG D 37 -53.07 -17.54 -42.02
CA ARG D 37 -52.78 -16.62 -40.92
C ARG D 37 -51.39 -16.05 -41.03
N ASP D 38 -51.26 -14.78 -40.72
CA ASP D 38 -49.95 -14.18 -40.59
C ASP D 38 -49.13 -14.91 -39.52
N LEU D 39 -47.82 -14.95 -39.69
CA LEU D 39 -46.97 -15.63 -38.73
C LEU D 39 -46.81 -14.78 -37.47
N ALA D 40 -46.48 -15.43 -36.37
CA ALA D 40 -46.12 -14.70 -35.13
C ALA D 40 -44.73 -14.08 -35.31
N ARG D 41 -44.45 -12.97 -34.59
CA ARG D 41 -43.13 -12.37 -34.58
C ARG D 41 -42.05 -13.44 -34.41
N GLY D 42 -41.02 -13.38 -35.25
CA GLY D 42 -39.90 -14.32 -35.14
C GLY D 42 -40.05 -15.62 -35.93
N GLN D 43 -41.26 -15.99 -36.33
CA GLN D 43 -41.44 -17.30 -37.02
C GLN D 43 -40.82 -17.34 -38.43
N ALA D 44 -41.05 -16.30 -39.22
CA ALA D 44 -40.44 -16.20 -40.56
C ALA D 44 -38.92 -16.20 -40.42
N ALA D 45 -38.39 -15.49 -39.40
CA ALA D 45 -36.95 -15.50 -39.15
C ALA D 45 -36.43 -16.89 -38.80
N TRP D 46 -37.14 -17.60 -37.92
CA TRP D 46 -36.74 -18.96 -37.57
C TRP D 46 -36.63 -19.83 -38.82
N ALA D 47 -37.67 -19.74 -39.64
CA ALA D 47 -37.76 -20.50 -40.89
C ALA D 47 -36.63 -20.18 -41.82
N MET D 48 -36.38 -18.89 -42.03
CA MET D 48 -35.33 -18.51 -42.98
C MET D 48 -33.99 -18.99 -42.44
N ASP D 49 -33.80 -18.89 -41.13
CA ASP D 49 -32.53 -19.32 -40.56
C ASP D 49 -32.35 -20.84 -40.71
N GLN D 50 -33.42 -21.61 -40.50
CA GLN D 50 -33.33 -23.06 -40.79
C GLN D 50 -32.92 -23.29 -42.23
N ILE D 51 -33.52 -22.55 -43.15
CA ILE D 51 -33.22 -22.65 -44.57
C ILE D 51 -31.76 -22.28 -44.89
N MET D 52 -31.24 -21.25 -44.22
CA MET D 52 -29.91 -20.71 -44.50
C MET D 52 -28.80 -21.53 -43.84
N THR D 53 -29.15 -22.41 -42.90
CA THR D 53 -28.14 -23.22 -42.25
C THR D 53 -28.12 -24.68 -42.74
N GLY D 54 -28.83 -24.98 -43.83
CA GLY D 54 -28.83 -26.34 -44.40
C GLY D 54 -29.65 -27.32 -43.55
N ASN D 55 -30.47 -26.77 -42.67
CA ASN D 55 -31.29 -27.59 -41.77
C ASN D 55 -32.73 -27.84 -42.25
N ALA D 56 -33.07 -27.31 -43.42
CA ALA D 56 -34.40 -27.50 -43.98
C ALA D 56 -34.36 -28.46 -45.18
N ARG D 57 -35.26 -29.44 -45.21
CA ARG D 57 -35.44 -30.31 -46.37
C ARG D 57 -35.94 -29.49 -47.57
N PRO D 58 -35.52 -29.87 -48.79
CA PRO D 58 -36.08 -29.16 -49.95
C PRO D 58 -37.62 -29.06 -49.94
N ALA D 59 -38.30 -30.13 -49.48
CA ALA D 59 -39.77 -30.12 -49.45
C ALA D 59 -40.30 -29.07 -48.48
N GLN D 60 -39.61 -28.91 -47.35
CA GLN D 60 -39.94 -27.89 -46.34
C GLN D 60 -39.72 -26.47 -46.89
N ILE D 61 -38.57 -26.25 -47.49
CA ILE D 61 -38.27 -24.95 -48.13
C ILE D 61 -39.35 -24.55 -49.16
N ALA D 62 -39.65 -25.49 -50.06
CA ALA D 62 -40.69 -25.29 -51.06
C ALA D 62 -42.06 -25.03 -50.42
N ALA D 63 -42.44 -25.83 -49.41
CA ALA D 63 -43.74 -25.64 -48.82
C ALA D 63 -43.84 -24.22 -48.24
N PHE D 64 -42.77 -23.82 -47.56
CA PHE D 64 -42.71 -22.50 -46.91
C PHE D 64 -42.83 -21.35 -47.94
N ALA D 65 -42.00 -21.40 -48.98
CA ALA D 65 -42.01 -20.38 -50.02
C ALA D 65 -43.39 -20.26 -50.68
N VAL D 66 -43.99 -21.37 -51.06
CA VAL D 66 -45.31 -21.37 -51.67
C VAL D 66 -46.39 -20.90 -50.68
N ALA D 67 -46.38 -21.45 -49.45
CA ALA D 67 -47.41 -21.12 -48.46
C ALA D 67 -47.36 -19.64 -48.12
N MET D 68 -46.15 -19.12 -47.99
CA MET D 68 -46.00 -17.68 -47.70
C MET D 68 -46.57 -16.84 -48.83
N THR D 69 -46.29 -17.24 -50.06
CA THR D 69 -46.72 -16.47 -51.25
C THR D 69 -48.24 -16.47 -51.35
N MET D 70 -48.86 -17.63 -51.10
CA MET D 70 -50.31 -17.72 -51.27
C MET D 70 -51.11 -17.10 -50.14
N LYS D 71 -50.54 -17.09 -48.94
CA LYS D 71 -51.18 -16.38 -47.83
C LYS D 71 -51.18 -14.86 -48.13
N ALA D 72 -50.10 -14.39 -48.73
CA ALA D 72 -49.82 -12.99 -49.01
C ALA D 72 -48.88 -12.53 -47.91
N PRO D 73 -47.58 -12.36 -48.24
CA PRO D 73 -46.63 -12.03 -47.16
C PRO D 73 -46.81 -10.61 -46.68
N THR D 74 -46.52 -10.36 -45.40
CA THR D 74 -46.58 -9.00 -44.86
C THR D 74 -45.17 -8.42 -44.89
N ALA D 75 -45.08 -7.09 -44.80
CA ALA D 75 -43.79 -6.42 -44.71
C ALA D 75 -42.99 -6.90 -43.49
N ASP D 76 -43.66 -7.13 -42.36
CA ASP D 76 -42.98 -7.69 -41.18
C ASP D 76 -42.32 -9.03 -41.53
N GLU D 77 -43.08 -9.91 -42.21
CA GLU D 77 -42.56 -11.27 -42.53
C GLU D 77 -41.38 -11.21 -43.52
N VAL D 78 -41.57 -10.45 -44.58
CA VAL D 78 -40.52 -10.27 -45.58
C VAL D 78 -39.26 -9.63 -44.99
N GLY D 79 -39.46 -8.66 -44.10
CA GLY D 79 -38.34 -8.04 -43.35
C GLY D 79 -37.59 -9.06 -42.50
N GLU D 80 -38.31 -10.00 -41.90
CA GLU D 80 -37.65 -11.05 -41.15
C GLU D 80 -36.80 -11.92 -42.08
N LEU D 81 -37.34 -12.28 -43.24
CA LEU D 81 -36.58 -13.12 -44.17
C LEU D 81 -35.30 -12.45 -44.62
N ALA D 82 -35.43 -11.19 -45.04
CA ALA D 82 -34.30 -10.41 -45.54
C ALA D 82 -33.27 -10.20 -44.42
N GLY D 83 -33.74 -9.91 -43.20
CA GLY D 83 -32.83 -9.73 -42.04
C GLY D 83 -31.97 -10.95 -41.77
N VAL D 84 -32.58 -12.13 -41.85
CA VAL D 84 -31.83 -13.38 -41.66
C VAL D 84 -30.77 -13.52 -42.73
N MET D 85 -31.14 -13.28 -43.98
CA MET D 85 -30.21 -13.34 -45.07
C MET D 85 -29.05 -12.37 -44.85
N LEU D 86 -29.38 -11.13 -44.45
CA LEU D 86 -28.33 -10.15 -44.16
C LEU D 86 -27.44 -10.55 -42.99
N SER D 87 -27.97 -11.31 -42.02
CA SER D 87 -27.14 -11.77 -40.90
C SER D 87 -26.08 -12.72 -41.38
N HIS D 88 -26.46 -13.53 -42.35
CA HIS D 88 -25.61 -14.60 -42.86
C HIS D 88 -24.69 -14.15 -43.99
N ALA D 89 -24.96 -13.00 -44.61
CA ALA D 89 -24.18 -12.51 -45.75
C ALA D 89 -22.73 -12.13 -45.35
N HIS D 90 -21.80 -12.23 -46.29
CA HIS D 90 -20.48 -11.62 -46.10
C HIS D 90 -20.66 -10.09 -46.12
N PRO D 91 -20.27 -9.39 -45.03
CA PRO D 91 -20.39 -7.93 -45.04
C PRO D 91 -19.21 -7.27 -45.75
N LEU D 92 -19.35 -5.99 -46.08
CA LEU D 92 -18.20 -5.23 -46.56
C LEU D 92 -17.39 -4.74 -45.36
N PRO D 93 -16.07 -4.49 -45.53
CA PRO D 93 -15.24 -4.01 -44.41
C PRO D 93 -15.82 -2.75 -43.75
N ALA D 94 -15.56 -2.58 -42.44
CA ALA D 94 -16.03 -1.40 -41.71
C ALA D 94 -15.57 -0.12 -42.42
N ASP D 95 -16.44 0.89 -42.41
CA ASP D 95 -16.14 2.22 -42.98
C ASP D 95 -15.71 2.21 -44.44
N THR D 96 -16.31 1.34 -45.24
CA THR D 96 -15.96 1.21 -46.64
C THR D 96 -17.10 1.60 -47.60
N VAL D 97 -18.31 1.72 -47.06
CA VAL D 97 -19.48 2.07 -47.86
C VAL D 97 -19.93 3.47 -47.46
N PRO D 98 -19.89 4.44 -48.40
CA PRO D 98 -20.38 5.80 -48.12
C PRO D 98 -21.80 5.79 -47.60
N ASP D 99 -22.06 6.67 -46.63
CA ASP D 99 -23.39 6.91 -46.07
C ASP D 99 -24.49 6.97 -47.12
N ASP D 100 -24.16 7.56 -48.27
CA ASP D 100 -25.19 7.88 -49.26
C ASP D 100 -25.15 6.94 -50.46
N ALA D 101 -24.57 5.76 -50.30
CA ALA D 101 -24.51 4.80 -51.41
C ALA D 101 -25.92 4.39 -51.84
N VAL D 102 -26.08 4.13 -53.13
CA VAL D 102 -27.38 3.76 -53.69
C VAL D 102 -27.24 2.44 -54.42
N ASP D 103 -28.35 1.73 -54.49
CA ASP D 103 -28.49 0.52 -55.30
C ASP D 103 -29.47 0.80 -56.43
N VAL D 104 -29.34 0.06 -57.53
CA VAL D 104 -30.32 0.09 -58.61
C VAL D 104 -30.51 -1.37 -59.02
N VAL D 105 -31.63 -1.96 -58.62
CA VAL D 105 -31.80 -3.40 -58.77
C VAL D 105 -33.29 -3.75 -58.69
N GLY D 106 -33.70 -4.78 -59.43
CA GLY D 106 -35.09 -5.21 -59.40
C GLY D 106 -35.24 -6.69 -59.12
N THR D 107 -36.48 -7.12 -58.92
CA THR D 107 -36.76 -8.52 -58.70
C THR D 107 -36.44 -9.38 -59.94
N GLY D 108 -36.45 -8.77 -61.13
CA GLY D 108 -36.49 -9.53 -62.37
C GLY D 108 -37.86 -10.21 -62.49
N GLY D 109 -37.99 -11.11 -63.46
CA GLY D 109 -39.22 -11.88 -63.67
C GLY D 109 -40.37 -11.13 -64.30
N ASP D 110 -40.11 -10.01 -64.97
CA ASP D 110 -41.24 -9.32 -65.61
C ASP D 110 -41.71 -10.01 -66.89
N GLY D 111 -40.93 -10.98 -67.34
CA GLY D 111 -41.27 -11.82 -68.48
C GLY D 111 -41.09 -11.14 -69.82
N VAL D 112 -40.76 -9.84 -69.78
CA VAL D 112 -40.58 -8.98 -70.96
C VAL D 112 -39.10 -8.88 -71.25
N ASN D 113 -38.67 -9.39 -72.39
CA ASN D 113 -37.25 -9.36 -72.65
C ASN D 113 -36.74 -7.95 -73.00
N THR D 114 -36.00 -7.35 -72.06
CA THR D 114 -35.41 -6.04 -72.30
C THR D 114 -33.89 -6.02 -72.19
N VAL D 115 -33.34 -4.88 -72.61
CA VAL D 115 -31.97 -4.52 -72.32
C VAL D 115 -31.86 -4.37 -70.77
N ASN D 116 -30.64 -4.40 -70.27
CA ASN D 116 -30.38 -4.37 -68.82
C ASN D 116 -30.44 -2.96 -68.29
N LEU D 117 -31.67 -2.51 -68.03
CA LEU D 117 -31.91 -1.10 -67.71
C LEU D 117 -31.30 -0.67 -66.38
N SER D 118 -31.38 -1.53 -65.36
CA SER D 118 -30.86 -1.18 -64.03
C SER D 118 -29.35 -1.09 -64.07
N THR D 119 -28.72 -2.02 -64.78
CA THR D 119 -27.26 -2.07 -64.88
C THR D 119 -26.76 -0.81 -65.60
N MET D 120 -27.45 -0.43 -66.67
CA MET D 120 -27.09 0.75 -67.45
C MET D 120 -27.29 2.00 -66.62
N ALA D 121 -28.43 2.09 -65.96
CA ALA D 121 -28.74 3.20 -65.08
C ALA D 121 -27.68 3.34 -63.96
N ALA D 122 -27.31 2.22 -63.33
CA ALA D 122 -26.31 2.21 -62.26
C ALA D 122 -24.95 2.79 -62.71
N ILE D 123 -24.50 2.42 -63.92
CA ILE D 123 -23.25 2.99 -64.45
C ILE D 123 -23.37 4.52 -64.58
N VAL D 124 -24.46 4.99 -65.18
CA VAL D 124 -24.70 6.43 -65.34
C VAL D 124 -24.75 7.21 -64.00
N VAL D 125 -25.45 6.63 -63.01
CA VAL D 125 -25.55 7.21 -61.67
C VAL D 125 -24.17 7.35 -61.01
N ALA D 126 -23.37 6.28 -61.08
CA ALA D 126 -21.99 6.33 -60.58
C ALA D 126 -21.23 7.46 -61.27
N ALA D 127 -21.43 7.60 -62.58
CA ALA D 127 -20.71 8.61 -63.36
C ALA D 127 -21.12 10.03 -62.98
N ALA D 128 -22.36 10.20 -62.54
CA ALA D 128 -22.80 11.47 -62.03
C ALA D 128 -22.22 11.81 -60.64
N GLY D 129 -21.51 10.85 -60.03
CA GLY D 129 -20.88 11.13 -58.73
C GLY D 129 -21.62 10.56 -57.52
N VAL D 130 -22.68 9.81 -57.74
CA VAL D 130 -23.36 9.12 -56.64
C VAL D 130 -22.72 7.75 -56.46
N PRO D 131 -22.20 7.43 -55.25
CA PRO D 131 -21.60 6.09 -55.08
C PRO D 131 -22.67 5.02 -55.25
N VAL D 132 -22.35 3.99 -56.03
CA VAL D 132 -23.27 2.91 -56.31
C VAL D 132 -22.67 1.60 -55.84
N VAL D 133 -23.40 0.90 -54.99
CA VAL D 133 -23.02 -0.48 -54.70
C VAL D 133 -24.19 -1.34 -55.16
N LYS D 134 -24.00 -1.96 -56.31
CA LYS D 134 -25.06 -2.66 -56.97
C LYS D 134 -25.09 -4.13 -56.57
N HIS D 135 -26.28 -4.62 -56.21
CA HIS D 135 -26.48 -6.04 -55.97
C HIS D 135 -26.99 -6.62 -57.30
N GLY D 136 -26.58 -7.83 -57.63
CA GLY D 136 -27.06 -8.42 -58.87
C GLY D 136 -26.85 -9.90 -58.97
N ASN D 137 -27.36 -10.47 -60.06
CA ASN D 137 -27.28 -11.90 -60.26
C ASN D 137 -27.40 -12.19 -61.75
N ARG D 138 -27.12 -13.43 -62.13
CA ARG D 138 -27.37 -13.89 -63.49
C ARG D 138 -28.88 -13.90 -63.82
N ALA D 139 -29.19 -14.10 -65.10
CA ALA D 139 -30.56 -14.31 -65.55
C ALA D 139 -31.18 -15.45 -64.77
N ALA D 140 -32.47 -15.34 -64.51
CA ALA D 140 -33.27 -16.47 -64.02
C ALA D 140 -34.15 -16.97 -65.17
N SER D 141 -35.00 -16.09 -65.69
CA SER D 141 -35.88 -16.43 -66.81
C SER D 141 -35.68 -15.57 -68.09
N SER D 142 -34.99 -14.43 -67.97
CA SER D 142 -34.62 -13.62 -69.16
C SER D 142 -33.40 -14.20 -69.87
N LEU D 143 -33.03 -13.63 -71.03
CA LEU D 143 -31.88 -14.11 -71.82
C LEU D 143 -30.50 -13.68 -71.27
N SER D 144 -30.47 -12.52 -70.63
CA SER D 144 -29.24 -12.03 -70.01
C SER D 144 -29.58 -11.14 -68.82
N GLY D 145 -29.07 -11.52 -67.64
CA GLY D 145 -29.23 -10.71 -66.43
C GLY D 145 -28.14 -9.64 -66.36
N GLY D 146 -28.22 -8.77 -65.36
CA GLY D 146 -27.18 -7.74 -65.18
C GLY D 146 -25.78 -8.31 -64.99
N ALA D 147 -25.67 -9.40 -64.23
CA ALA D 147 -24.36 -10.05 -64.00
C ALA D 147 -23.76 -10.60 -65.29
N ASP D 148 -24.62 -11.21 -66.11
CA ASP D 148 -24.24 -11.74 -67.44
C ASP D 148 -23.73 -10.64 -68.36
N THR D 149 -24.44 -9.51 -68.40
CA THR D 149 -24.09 -8.38 -69.26
C THR D 149 -22.78 -7.71 -68.80
N LEU D 150 -22.63 -7.54 -67.48
CA LEU D 150 -21.38 -7.01 -66.93
C LEU D 150 -20.19 -7.89 -67.29
N GLU D 151 -20.36 -9.19 -67.12
CA GLU D 151 -19.27 -10.12 -67.35
C GLU D 151 -18.85 -10.04 -68.83
N ALA D 152 -19.83 -9.91 -69.72
CA ALA D 152 -19.57 -9.82 -71.17
C ALA D 152 -18.91 -8.49 -71.56
N LEU D 153 -19.17 -7.44 -70.78
CA LEU D 153 -18.52 -6.12 -70.91
C LEU D 153 -17.09 -6.14 -70.38
N GLY D 154 -16.75 -7.21 -69.68
CA GLY D 154 -15.42 -7.37 -69.11
C GLY D 154 -15.27 -6.89 -67.68
N VAL D 155 -16.39 -6.53 -67.04
CA VAL D 155 -16.40 -6.19 -65.61
C VAL D 155 -16.36 -7.48 -64.78
N ARG D 156 -15.50 -7.49 -63.76
CA ARG D 156 -15.40 -8.64 -62.86
C ARG D 156 -16.61 -8.72 -61.95
N ILE D 157 -17.28 -9.87 -61.97
CA ILE D 157 -18.48 -10.07 -61.15
C ILE D 157 -18.21 -11.01 -59.99
N ASP D 158 -16.97 -11.42 -59.80
CA ASP D 158 -16.64 -12.46 -58.85
C ASP D 158 -15.90 -11.91 -57.66
N LEU D 159 -16.01 -10.61 -57.40
CA LEU D 159 -15.15 -9.99 -56.40
C LEU D 159 -15.71 -10.15 -54.99
N GLY D 160 -14.81 -10.41 -54.04
CA GLY D 160 -15.17 -10.51 -52.61
C GLY D 160 -15.30 -9.15 -51.94
N PRO D 161 -15.69 -9.12 -50.66
CA PRO D 161 -15.94 -7.90 -49.90
C PRO D 161 -14.85 -6.83 -50.00
N ASP D 162 -13.58 -7.22 -49.77
CA ASP D 162 -12.43 -6.28 -49.86
C ASP D 162 -12.31 -5.62 -51.23
N LEU D 163 -12.40 -6.43 -52.29
CA LEU D 163 -12.22 -5.92 -53.63
C LEU D 163 -13.41 -5.10 -54.12
N VAL D 164 -14.62 -5.45 -53.68
CA VAL D 164 -15.79 -4.59 -53.96
C VAL D 164 -15.60 -3.22 -53.30
N ALA D 165 -15.12 -3.23 -52.05
CA ALA D 165 -14.85 -2.00 -51.32
C ALA D 165 -13.82 -1.11 -52.06
N ARG D 166 -12.76 -1.73 -52.57
CA ARG D 166 -11.77 -1.01 -53.37
C ARG D 166 -12.33 -0.49 -54.70
N SER D 167 -13.16 -1.29 -55.37
CA SER D 167 -13.86 -0.87 -56.59
C SER D 167 -14.67 0.38 -56.33
N LEU D 168 -15.45 0.36 -55.25
CA LEU D 168 -16.32 1.49 -54.90
C LEU D 168 -15.50 2.79 -54.69
N ALA D 169 -14.41 2.67 -53.94
CA ALA D 169 -13.56 3.82 -53.61
C ALA D 169 -12.82 4.34 -54.86
N GLU D 170 -12.35 3.42 -55.70
CA GLU D 170 -11.45 3.78 -56.80
C GLU D 170 -12.14 4.06 -58.12
N VAL D 171 -13.29 3.44 -58.34
CA VAL D 171 -14.06 3.61 -59.57
C VAL D 171 -15.36 4.39 -59.32
N GLY D 172 -15.93 4.27 -58.14
CA GLY D 172 -17.19 4.95 -57.80
C GLY D 172 -18.38 4.00 -57.84
N ILE D 173 -18.11 2.75 -58.21
CA ILE D 173 -19.13 1.68 -58.29
C ILE D 173 -18.52 0.35 -57.89
N GLY D 174 -19.30 -0.47 -57.20
CA GLY D 174 -18.90 -1.84 -56.93
C GLY D 174 -20.09 -2.76 -57.19
N PHE D 175 -19.81 -3.99 -57.59
CA PHE D 175 -20.86 -4.98 -57.88
C PHE D 175 -20.74 -6.15 -56.92
N CYS D 176 -21.82 -6.38 -56.16
CA CYS D 176 -21.93 -7.50 -55.24
C CYS D 176 -22.72 -8.61 -55.94
N PHE D 177 -22.03 -9.66 -56.37
CA PHE D 177 -22.66 -10.81 -57.04
C PHE D 177 -23.38 -11.64 -55.96
N ALA D 178 -24.70 -11.76 -56.07
CA ALA D 178 -25.49 -12.39 -55.01
C ALA D 178 -24.94 -13.75 -54.55
N PRO D 179 -24.61 -14.68 -55.49
CA PRO D 179 -24.03 -15.97 -55.05
C PRO D 179 -22.71 -15.89 -54.27
N ARG D 180 -21.89 -14.88 -54.54
CA ARG D 180 -20.62 -14.67 -53.84
C ARG D 180 -20.80 -14.16 -52.38
N PHE D 181 -21.82 -13.31 -52.16
CA PHE D 181 -22.08 -12.73 -50.84
C PHE D 181 -23.10 -13.45 -49.96
N HIS D 182 -23.91 -14.29 -50.60
CA HIS D 182 -24.93 -15.05 -49.87
C HIS D 182 -24.80 -16.57 -50.09
N PRO D 183 -23.62 -17.16 -49.77
CA PRO D 183 -23.41 -18.58 -50.09
C PRO D 183 -24.40 -19.52 -49.42
N SER D 184 -24.84 -19.17 -48.21
CA SER D 184 -25.80 -19.99 -47.49
C SER D 184 -27.24 -19.98 -48.07
N TYR D 185 -27.50 -19.12 -49.05
CA TYR D 185 -28.81 -19.09 -49.73
C TYR D 185 -28.91 -20.21 -50.79
N ARG D 186 -27.81 -20.93 -50.97
CA ARG D 186 -27.70 -22.03 -51.91
C ARG D 186 -28.92 -22.95 -51.98
N HIS D 187 -29.40 -23.38 -50.82
CA HIS D 187 -30.50 -24.34 -50.77
C HIS D 187 -31.81 -23.72 -51.21
N ALA D 188 -32.05 -22.49 -50.75
CA ALA D 188 -33.23 -21.75 -51.20
C ALA D 188 -33.17 -21.50 -52.72
N ALA D 189 -32.00 -21.13 -53.23
CA ALA D 189 -31.89 -20.85 -54.67
C ALA D 189 -32.22 -22.09 -55.53
N ALA D 190 -31.70 -23.23 -55.12
CA ALA D 190 -31.95 -24.49 -55.81
C ALA D 190 -33.46 -24.78 -55.86
N VAL D 191 -34.13 -24.66 -54.72
CA VAL D 191 -35.57 -24.84 -54.67
C VAL D 191 -36.30 -23.84 -55.57
N ARG D 192 -35.84 -22.58 -55.58
CA ARG D 192 -36.46 -21.58 -56.44
C ARG D 192 -36.40 -22.03 -57.90
N ARG D 193 -35.25 -22.55 -58.31
CA ARG D 193 -35.06 -23.06 -59.67
C ARG D 193 -35.99 -24.27 -59.96
N GLU D 194 -36.03 -25.20 -59.02
CA GLU D 194 -36.84 -26.43 -59.20
C GLU D 194 -38.32 -26.16 -59.35
N ILE D 195 -38.86 -25.20 -58.60
CA ILE D 195 -40.28 -24.97 -58.68
C ILE D 195 -40.68 -24.02 -59.82
N GLY D 196 -39.78 -23.10 -60.18
CA GLY D 196 -39.93 -22.27 -61.38
C GLY D 196 -41.09 -21.31 -61.42
N VAL D 197 -41.79 -21.19 -60.30
CA VAL D 197 -42.91 -20.26 -60.11
C VAL D 197 -42.33 -19.15 -59.20
N PRO D 198 -42.66 -17.87 -59.46
CA PRO D 198 -42.19 -16.88 -58.48
C PRO D 198 -42.84 -17.06 -57.12
N THR D 199 -42.06 -16.81 -56.07
CA THR D 199 -42.54 -16.84 -54.69
C THR D 199 -42.01 -15.60 -53.98
N VAL D 200 -42.34 -15.50 -52.70
CA VAL D 200 -41.79 -14.47 -51.86
C VAL D 200 -40.25 -14.39 -51.96
N PHE D 201 -39.57 -15.52 -52.21
CA PHE D 201 -38.11 -15.54 -52.35
C PHE D 201 -37.63 -14.59 -53.46
N ASN D 202 -38.49 -14.34 -54.45
CA ASN D 202 -38.17 -13.45 -55.58
C ASN D 202 -38.03 -11.99 -55.18
N LEU D 203 -38.61 -11.63 -54.03
CA LEU D 203 -38.48 -10.28 -53.47
C LEU D 203 -37.14 -10.04 -52.75
N LEU D 204 -36.41 -11.09 -52.45
CA LEU D 204 -35.36 -10.97 -51.42
C LEU D 204 -34.07 -10.34 -51.96
N GLY D 205 -33.75 -10.61 -53.22
CA GLY D 205 -32.57 -10.01 -53.86
C GLY D 205 -32.43 -8.51 -53.63
N PRO D 206 -33.44 -7.71 -54.05
CA PRO D 206 -33.30 -6.27 -53.88
C PRO D 206 -33.25 -5.84 -52.42
N LEU D 207 -33.72 -6.71 -51.52
CA LEU D 207 -33.82 -6.41 -50.09
C LEU D 207 -32.59 -6.84 -49.31
N THR D 208 -31.65 -7.52 -49.99
CA THR D 208 -30.51 -8.10 -49.28
C THR D 208 -29.13 -7.71 -49.84
N ASN D 209 -29.02 -6.50 -50.39
CA ASN D 209 -27.70 -6.01 -50.78
C ASN D 209 -26.77 -6.04 -49.54
N PRO D 210 -25.64 -6.77 -49.61
CA PRO D 210 -24.85 -6.98 -48.39
C PRO D 210 -24.11 -5.75 -47.88
N ALA D 211 -23.98 -4.73 -48.73
CA ALA D 211 -23.37 -3.46 -48.35
C ALA D 211 -24.38 -2.59 -47.63
N ARG D 212 -25.65 -3.03 -47.61
CA ARG D 212 -26.74 -2.32 -46.90
C ARG D 212 -26.85 -0.81 -47.24
N PRO D 213 -26.86 -0.46 -48.54
CA PRO D 213 -27.02 0.97 -48.88
C PRO D 213 -28.37 1.48 -48.37
N ARG D 214 -28.41 2.76 -48.01
CA ARG D 214 -29.63 3.36 -47.48
C ARG D 214 -30.57 3.96 -48.54
N ALA D 215 -30.14 3.94 -49.80
CA ALA D 215 -30.96 4.45 -50.88
C ALA D 215 -30.99 3.48 -52.04
N GLY D 216 -32.07 3.55 -52.81
CA GLY D 216 -32.15 2.70 -54.00
C GLY D 216 -33.31 2.99 -54.90
N LEU D 217 -33.14 2.62 -56.17
CA LEU D 217 -34.23 2.53 -57.13
C LEU D 217 -34.48 1.03 -57.32
N ILE D 218 -35.64 0.59 -56.84
CA ILE D 218 -35.91 -0.83 -56.69
C ILE D 218 -37.12 -1.28 -57.53
N GLY D 219 -36.86 -2.10 -58.53
CA GLY D 219 -37.91 -2.60 -59.44
C GLY D 219 -38.61 -3.83 -58.89
N CYS D 220 -39.93 -3.87 -59.06
CA CYS D 220 -40.73 -5.00 -58.60
C CYS D 220 -41.66 -5.39 -59.74
N ALA D 221 -41.44 -6.60 -60.26
CA ALA D 221 -42.22 -7.12 -61.38
C ALA D 221 -43.68 -7.44 -60.97
N PHE D 222 -43.89 -7.62 -59.67
CA PHE D 222 -45.17 -8.13 -59.15
C PHE D 222 -45.92 -7.00 -58.49
N ALA D 223 -46.92 -6.46 -59.19
CA ALA D 223 -47.60 -5.22 -58.80
C ALA D 223 -48.19 -5.29 -57.39
N ASP D 224 -48.67 -6.47 -56.99
CA ASP D 224 -49.29 -6.59 -55.67
C ASP D 224 -48.30 -6.88 -54.51
N LEU D 225 -47.01 -7.08 -54.83
CA LEU D 225 -45.99 -7.25 -53.80
C LEU D 225 -45.06 -6.04 -53.66
N ALA D 226 -45.26 -5.04 -54.52
CA ALA D 226 -44.43 -3.84 -54.47
C ALA D 226 -44.61 -3.06 -53.16
N GLU D 227 -45.86 -2.96 -52.69
CA GLU D 227 -46.14 -2.25 -51.46
C GLU D 227 -45.49 -2.95 -50.23
N VAL D 228 -45.42 -4.28 -50.27
CA VAL D 228 -44.73 -5.05 -49.23
C VAL D 228 -43.21 -4.80 -49.25
N MET D 229 -42.61 -4.82 -50.44
CA MET D 229 -41.20 -4.44 -50.56
C MET D 229 -40.94 -3.04 -50.00
N ALA D 230 -41.82 -2.10 -50.31
CA ALA D 230 -41.68 -0.72 -49.84
C ALA D 230 -41.80 -0.66 -48.31
N GLY D 231 -42.67 -1.47 -47.74
CA GLY D 231 -42.82 -1.49 -46.28
C GLY D 231 -41.52 -1.95 -45.62
N VAL D 232 -40.84 -2.94 -46.24
CA VAL D 232 -39.58 -3.44 -45.68
C VAL D 232 -38.52 -2.31 -45.67
N PHE D 233 -38.47 -1.55 -46.75
CA PHE D 233 -37.51 -0.46 -46.86
C PHE D 233 -37.86 0.65 -45.87
N ALA D 234 -39.15 0.88 -45.69
CA ALA D 234 -39.64 1.90 -44.74
C ALA D 234 -39.23 1.57 -43.32
N ALA D 235 -39.32 0.27 -42.96
CA ALA D 235 -38.92 -0.19 -41.62
C ALA D 235 -37.47 0.14 -41.30
N ARG D 236 -36.62 0.07 -42.34
CA ARG D 236 -35.20 0.41 -42.25
C ARG D 236 -34.91 1.89 -42.42
N ARG D 237 -35.95 2.68 -42.66
CA ARG D 237 -35.85 4.11 -42.98
C ARG D 237 -34.88 4.39 -44.13
N SER D 238 -34.90 3.53 -45.14
CA SER D 238 -34.17 3.81 -46.39
C SER D 238 -34.89 4.88 -47.18
N SER D 239 -34.17 5.57 -48.08
CA SER D 239 -34.83 6.42 -49.03
C SER D 239 -34.85 5.69 -50.36
N VAL D 240 -36.03 5.19 -50.75
CA VAL D 240 -36.15 4.26 -51.84
C VAL D 240 -37.38 4.59 -52.71
N LEU D 241 -37.22 4.38 -54.02
CA LEU D 241 -38.38 4.36 -54.90
C LEU D 241 -38.58 2.94 -55.37
N VAL D 242 -39.70 2.34 -54.96
CA VAL D 242 -40.05 1.03 -55.48
C VAL D 242 -40.95 1.25 -56.70
N VAL D 243 -40.56 0.67 -57.82
CA VAL D 243 -41.21 0.97 -59.12
C VAL D 243 -41.75 -0.24 -59.86
N HIS D 244 -42.91 -0.05 -60.48
CA HIS D 244 -43.52 -1.04 -61.35
C HIS D 244 -44.15 -0.28 -62.51
N GLY D 245 -43.58 -0.45 -63.71
CA GLY D 245 -44.14 0.17 -64.91
C GLY D 245 -45.53 -0.39 -65.15
N ASP D 246 -46.48 0.47 -65.52
CA ASP D 246 -47.86 -0.01 -65.73
C ASP D 246 -48.00 -0.94 -66.94
N ASP D 247 -46.86 -1.25 -67.56
CA ASP D 247 -46.74 -2.25 -68.63
C ASP D 247 -46.13 -3.56 -68.13
N GLY D 248 -45.86 -3.64 -66.82
CA GLY D 248 -45.32 -4.87 -66.21
C GLY D 248 -43.81 -4.90 -66.00
N LEU D 249 -43.11 -3.82 -66.38
CA LEU D 249 -41.65 -3.78 -66.23
C LEU D 249 -41.27 -3.59 -64.77
N ASP D 250 -40.22 -4.29 -64.34
CA ASP D 250 -39.62 -4.00 -63.03
C ASP D 250 -38.61 -2.83 -63.13
N GLU D 251 -39.02 -1.76 -63.80
CA GLU D 251 -38.19 -0.57 -64.06
C GLU D 251 -39.13 0.60 -64.25
N LEU D 252 -38.62 1.83 -64.19
CA LEU D 252 -39.41 2.98 -64.64
C LEU D 252 -39.48 2.85 -66.15
N THR D 253 -40.71 2.75 -66.66
CA THR D 253 -40.92 2.55 -68.09
C THR D 253 -41.08 3.87 -68.86
N THR D 254 -40.84 3.81 -70.18
CA THR D 254 -41.03 4.96 -71.06
C THR D 254 -42.27 4.73 -71.95
N THR D 255 -42.82 3.52 -71.83
CA THR D 255 -43.89 2.98 -72.68
C THR D 255 -45.27 3.49 -72.26
N THR D 256 -45.37 3.87 -70.99
CA THR D 256 -46.63 4.23 -70.34
C THR D 256 -46.28 4.76 -68.95
N THR D 257 -47.27 5.03 -68.11
CA THR D 257 -47.03 5.43 -66.73
C THR D 257 -46.36 4.30 -65.91
N SER D 258 -45.82 4.67 -64.75
CA SER D 258 -45.30 3.69 -63.78
C SER D 258 -45.95 3.96 -62.43
N THR D 259 -46.16 2.89 -61.65
CA THR D 259 -46.51 3.12 -60.25
C THR D 259 -45.23 3.15 -59.40
N ILE D 260 -45.16 4.14 -58.52
CA ILE D 260 -44.02 4.31 -57.61
C ILE D 260 -44.54 4.23 -56.17
N TRP D 261 -43.91 3.37 -55.37
CA TRP D 261 -44.15 3.45 -53.95
C TRP D 261 -42.97 4.20 -53.42
N ARG D 262 -43.23 5.44 -53.02
CA ARG D 262 -42.15 6.29 -52.53
C ARG D 262 -41.97 6.04 -51.05
N VAL D 263 -40.74 5.69 -50.68
CA VAL D 263 -40.34 5.43 -49.31
C VAL D 263 -39.42 6.56 -48.82
N ALA D 264 -39.91 7.29 -47.84
CA ALA D 264 -39.16 8.40 -47.27
C ALA D 264 -39.65 8.64 -45.86
N ALA D 265 -38.71 8.94 -44.96
CA ALA D 265 -39.02 9.18 -43.53
C ALA D 265 -39.85 8.06 -42.88
N GLY D 266 -39.61 6.82 -43.29
CA GLY D 266 -40.26 5.66 -42.64
C GLY D 266 -41.72 5.44 -43.01
N SER D 267 -42.18 6.08 -44.09
CA SER D 267 -43.56 5.88 -44.58
C SER D 267 -43.63 5.80 -46.12
N VAL D 268 -44.71 5.20 -46.61
CA VAL D 268 -44.87 4.90 -48.04
C VAL D 268 -46.01 5.72 -48.67
N ASP D 269 -45.72 6.41 -49.77
CA ASP D 269 -46.77 7.01 -50.64
C ASP D 269 -46.85 6.27 -51.95
N LYS D 270 -48.07 5.93 -52.37
CA LYS D 270 -48.25 5.38 -53.70
C LYS D 270 -48.59 6.52 -54.67
N LEU D 271 -47.91 6.53 -55.80
CA LEU D 271 -48.23 7.53 -56.81
C LEU D 271 -48.04 7.01 -58.22
N THR D 272 -48.68 7.68 -59.17
CA THR D 272 -48.55 7.35 -60.58
C THR D 272 -47.59 8.36 -61.21
N PHE D 273 -46.63 7.83 -61.97
CA PHE D 273 -45.56 8.63 -62.53
C PHE D 273 -45.68 8.61 -64.04
N ASP D 274 -45.65 9.78 -64.65
CA ASP D 274 -45.75 9.91 -66.11
C ASP D 274 -44.51 10.63 -66.65
N PRO D 275 -43.66 9.89 -67.39
CA PRO D 275 -42.44 10.51 -67.92
C PRO D 275 -42.71 11.57 -69.01
N ALA D 276 -43.91 11.55 -69.60
CA ALA D 276 -44.35 12.61 -70.52
C ALA D 276 -44.27 13.99 -69.88
N GLY D 277 -44.57 14.05 -68.58
CA GLY D 277 -44.45 15.28 -67.81
C GLY D 277 -43.06 15.90 -67.80
N PHE D 278 -42.06 15.13 -68.24
CA PHE D 278 -40.67 15.60 -68.32
C PHE D 278 -40.15 15.61 -69.78
N GLY D 279 -41.08 15.46 -70.72
CA GLY D 279 -40.78 15.58 -72.14
C GLY D 279 -40.40 14.30 -72.86
N PHE D 280 -40.58 13.15 -72.19
CA PHE D 280 -40.23 11.86 -72.79
C PHE D 280 -41.30 11.41 -73.77
N ALA D 281 -40.87 10.97 -74.94
CA ALA D 281 -41.77 10.42 -75.95
C ALA D 281 -42.19 9.00 -75.56
N ARG D 282 -43.47 8.66 -75.78
CA ARG D 282 -43.92 7.30 -75.49
C ARG D 282 -43.25 6.30 -76.42
N ALA D 283 -42.59 5.29 -75.84
CA ALA D 283 -41.93 4.26 -76.62
C ALA D 283 -42.79 3.01 -76.71
N GLN D 284 -42.41 2.10 -77.59
CA GLN D 284 -43.03 0.78 -77.63
C GLN D 284 -42.08 -0.19 -76.96
N LEU D 285 -42.65 -1.15 -76.24
CA LEU D 285 -41.87 -2.15 -75.53
C LEU D 285 -40.88 -2.85 -76.44
N ASP D 286 -41.21 -2.97 -77.70
CA ASP D 286 -40.29 -3.64 -78.56
C ASP D 286 -39.04 -2.84 -78.85
N GLN D 287 -39.12 -1.54 -78.73
CA GLN D 287 -37.94 -0.68 -78.84
C GLN D 287 -36.94 -0.86 -77.69
N LEU D 288 -37.36 -1.52 -76.61
CA LEU D 288 -36.50 -1.73 -75.44
C LEU D 288 -36.01 -3.16 -75.41
N ALA D 289 -36.45 -3.96 -76.40
CA ALA D 289 -36.08 -5.37 -76.52
C ALA D 289 -34.59 -5.66 -76.42
N GLY D 290 -34.24 -6.75 -75.73
CA GLY D 290 -32.84 -7.14 -75.61
C GLY D 290 -32.53 -8.48 -76.24
N GLY D 291 -31.34 -8.98 -75.96
CA GLY D 291 -30.87 -10.25 -76.49
C GLY D 291 -30.03 -11.00 -75.50
N ASP D 292 -29.06 -11.77 -76.00
CA ASP D 292 -28.13 -12.49 -75.13
C ASP D 292 -27.13 -11.52 -74.50
N ALA D 293 -26.14 -12.06 -73.79
CA ALA D 293 -25.17 -11.23 -73.08
C ALA D 293 -24.43 -10.29 -74.05
N GLN D 294 -23.97 -10.84 -75.18
CA GLN D 294 -23.21 -10.07 -76.18
C GLN D 294 -24.02 -8.93 -76.76
N ALA D 295 -25.28 -9.20 -77.13
CA ALA D 295 -26.17 -8.14 -77.64
C ALA D 295 -26.43 -7.02 -76.60
N ASN D 296 -26.78 -7.43 -75.39
CA ASN D 296 -27.07 -6.47 -74.31
C ASN D 296 -25.85 -5.61 -73.94
N ALA D 297 -24.66 -6.22 -73.97
CA ALA D 297 -23.40 -5.49 -73.80
C ALA D 297 -23.22 -4.45 -74.93
N ALA D 298 -23.56 -4.83 -76.16
CA ALA D 298 -23.51 -3.89 -77.30
C ALA D 298 -24.44 -2.70 -77.06
N ALA D 299 -25.62 -2.99 -76.54
CA ALA D 299 -26.59 -1.96 -76.20
C ALA D 299 -26.07 -1.02 -75.11
N VAL D 300 -25.30 -1.54 -74.15
CA VAL D 300 -24.68 -0.68 -73.10
C VAL D 300 -23.68 0.29 -73.78
N ARG D 301 -22.80 -0.25 -74.61
CA ARG D 301 -21.79 0.57 -75.29
C ARG D 301 -22.43 1.62 -76.18
N ALA D 302 -23.51 1.25 -76.85
CA ALA D 302 -24.21 2.18 -77.71
C ALA D 302 -24.75 3.36 -76.91
N VAL D 303 -25.43 3.07 -75.78
CA VAL D 303 -26.02 4.11 -74.96
C VAL D 303 -24.93 5.01 -74.38
N LEU D 304 -23.87 4.39 -73.86
CA LEU D 304 -22.76 5.13 -73.27
C LEU D 304 -21.97 5.97 -74.30
N GLY D 305 -22.01 5.55 -75.56
CA GLY D 305 -21.37 6.29 -76.66
C GLY D 305 -22.25 7.41 -77.22
N GLY D 306 -23.35 7.69 -76.56
CA GLY D 306 -24.21 8.82 -76.91
C GLY D 306 -25.34 8.55 -77.89
N ALA D 307 -25.57 7.28 -78.26
CA ALA D 307 -26.67 6.94 -79.17
C ALA D 307 -28.01 7.44 -78.63
N ARG D 308 -28.72 8.19 -79.47
CA ARG D 308 -30.04 8.73 -79.13
C ARG D 308 -31.15 7.73 -79.38
N GLY D 309 -32.25 7.86 -78.63
CA GLY D 309 -33.41 7.01 -78.86
C GLY D 309 -34.06 6.44 -77.62
N PRO D 310 -35.00 5.47 -77.81
CA PRO D 310 -35.77 4.89 -76.70
C PRO D 310 -34.93 4.29 -75.55
N VAL D 311 -33.90 3.51 -75.87
CA VAL D 311 -33.05 2.88 -74.85
C VAL D 311 -32.35 3.93 -74.00
N ARG D 312 -31.73 4.93 -74.64
CA ARG D 312 -31.12 6.03 -73.89
C ARG D 312 -32.16 6.68 -73.00
N ASP D 313 -33.32 6.96 -73.55
CA ASP D 313 -34.39 7.59 -72.79
C ASP D 313 -34.71 6.77 -71.52
N ALA D 314 -34.85 5.45 -71.67
CA ALA D 314 -35.20 4.60 -70.51
C ALA D 314 -34.06 4.58 -69.47
N VAL D 315 -32.82 4.49 -69.94
CA VAL D 315 -31.64 4.58 -69.05
C VAL D 315 -31.58 5.92 -68.28
N VAL D 316 -31.71 7.04 -68.99
CA VAL D 316 -31.73 8.36 -68.34
C VAL D 316 -32.85 8.49 -67.29
N LEU D 317 -34.04 8.03 -67.63
CA LEU D 317 -35.18 8.09 -66.72
C LEU D 317 -34.92 7.34 -65.40
N ASN D 318 -34.41 6.11 -65.54
CA ASN D 318 -34.09 5.27 -64.39
C ASN D 318 -32.90 5.79 -63.60
N ALA D 319 -31.86 6.25 -64.32
CA ALA D 319 -30.73 6.87 -63.61
C ALA D 319 -31.22 8.08 -62.79
N ALA D 320 -32.11 8.90 -63.36
CA ALA D 320 -32.64 10.02 -62.59
C ALA D 320 -33.47 9.55 -61.39
N GLY D 321 -34.21 8.47 -61.54
CA GLY D 321 -34.96 7.88 -60.40
C GLY D 321 -34.06 7.55 -59.23
N ALA D 322 -32.92 6.92 -59.54
CA ALA D 322 -31.93 6.59 -58.53
C ALA D 322 -31.31 7.85 -57.91
N ILE D 323 -31.06 8.87 -58.72
CA ILE D 323 -30.57 10.13 -58.17
C ILE D 323 -31.62 10.81 -57.26
N VAL D 324 -32.88 10.74 -57.64
CA VAL D 324 -33.96 11.23 -56.78
C VAL D 324 -33.99 10.49 -55.42
N ALA D 325 -33.91 9.15 -55.45
CA ALA D 325 -33.79 8.38 -54.20
C ALA D 325 -32.61 8.83 -53.33
N HIS D 326 -31.46 9.03 -53.97
CA HIS D 326 -30.29 9.52 -53.26
C HIS D 326 -30.59 10.88 -52.60
N ALA D 327 -31.25 11.78 -53.35
CA ALA D 327 -31.60 13.13 -52.86
C ALA D 327 -32.51 13.03 -51.64
N GLY D 328 -33.40 12.03 -51.64
CA GLY D 328 -34.31 11.77 -50.52
C GLY D 328 -33.64 11.45 -49.18
N LEU D 329 -32.34 11.13 -49.22
CA LEU D 329 -31.60 10.95 -47.96
C LEU D 329 -31.60 12.23 -47.13
N SER D 330 -31.84 13.37 -47.80
CA SER D 330 -32.15 14.67 -47.12
C SER D 330 -33.65 14.93 -47.06
N SER D 331 -34.14 15.28 -45.88
CA SER D 331 -35.58 15.59 -45.69
C SER D 331 -35.98 16.95 -46.31
N ARG D 332 -35.00 17.63 -46.90
CA ARG D 332 -35.20 18.91 -47.58
C ARG D 332 -35.42 18.79 -49.10
N ALA D 333 -35.28 17.57 -49.65
CA ALA D 333 -35.47 17.37 -51.09
C ALA D 333 -36.93 17.49 -51.50
N GLU D 334 -37.18 18.19 -52.62
CA GLU D 334 -38.53 18.39 -53.18
C GLU D 334 -38.67 17.63 -54.49
N TRP D 335 -39.85 17.04 -54.70
CA TRP D 335 -40.06 16.04 -55.78
C TRP D 335 -39.69 16.50 -57.21
N LEU D 336 -40.37 17.52 -57.71
CA LEU D 336 -40.12 17.99 -59.09
C LEU D 336 -38.70 18.56 -59.29
N PRO D 337 -38.23 19.47 -58.41
CA PRO D 337 -36.82 19.88 -58.49
C PRO D 337 -35.81 18.71 -58.50
N ALA D 338 -36.02 17.70 -57.64
CA ALA D 338 -35.14 16.53 -57.60
C ALA D 338 -35.13 15.75 -58.92
N TRP D 339 -36.30 15.58 -59.54
CA TRP D 339 -36.40 14.91 -60.83
C TRP D 339 -35.71 15.69 -61.95
N GLU D 340 -35.89 17.01 -61.97
CA GLU D 340 -35.25 17.85 -62.98
C GLU D 340 -33.72 17.78 -62.84
N GLU D 341 -33.25 17.82 -61.59
CA GLU D 341 -31.84 17.69 -61.28
C GLU D 341 -31.32 16.29 -61.66
N GLY D 342 -32.07 15.24 -61.32
CA GLY D 342 -31.71 13.85 -61.67
C GLY D 342 -31.55 13.65 -63.18
N LEU D 343 -32.49 14.21 -63.95
CA LEU D 343 -32.48 14.07 -65.41
C LEU D 343 -31.32 14.84 -66.05
N ARG D 344 -31.09 16.04 -65.56
CA ARG D 344 -29.98 16.88 -66.00
C ARG D 344 -28.65 16.17 -65.68
N ARG D 345 -28.47 15.69 -64.45
CA ARG D 345 -27.23 15.02 -64.08
C ARG D 345 -26.99 13.70 -64.84
N ALA D 346 -28.05 12.91 -65.05
CA ALA D 346 -27.94 11.66 -65.79
C ALA D 346 -27.56 11.92 -67.25
N SER D 347 -28.25 12.87 -67.86
CA SER D 347 -27.95 13.25 -69.26
C SER D 347 -26.53 13.72 -69.42
N ALA D 348 -26.10 14.60 -68.52
CA ALA D 348 -24.75 15.14 -68.58
C ALA D 348 -23.69 14.04 -68.41
N ALA D 349 -23.92 13.10 -67.50
CA ALA D 349 -22.95 12.02 -67.26
C ALA D 349 -22.73 11.19 -68.51
N ILE D 350 -23.76 11.02 -69.33
CA ILE D 350 -23.56 10.34 -70.60
C ILE D 350 -22.88 11.28 -71.62
N ASP D 351 -23.44 12.48 -71.76
CA ASP D 351 -23.06 13.42 -72.81
C ASP D 351 -21.59 13.86 -72.72
N THR D 352 -21.08 14.03 -71.51
CA THR D 352 -19.68 14.42 -71.31
C THR D 352 -18.75 13.24 -71.54
N GLY D 353 -19.33 12.05 -71.71
CA GLY D 353 -18.50 10.87 -71.81
C GLY D 353 -18.08 10.27 -70.48
N ALA D 354 -18.48 10.89 -69.36
CA ALA D 354 -18.12 10.37 -68.02
C ALA D 354 -18.56 8.91 -67.79
N ALA D 355 -19.77 8.59 -68.25
CA ALA D 355 -20.33 7.21 -68.11
C ALA D 355 -19.52 6.20 -68.92
N GLU D 356 -19.23 6.54 -70.18
CA GLU D 356 -18.36 5.69 -71.01
C GLU D 356 -17.00 5.49 -70.36
N GLN D 357 -16.42 6.59 -69.88
CA GLN D 357 -15.10 6.51 -69.26
C GLN D 357 -15.13 5.69 -67.98
N LEU D 358 -16.20 5.84 -67.19
CA LEU D 358 -16.30 5.07 -65.94
C LEU D 358 -16.31 3.56 -66.18
N LEU D 359 -17.10 3.13 -67.16
CA LEU D 359 -17.11 1.71 -67.54
C LEU D 359 -15.72 1.26 -67.94
N ALA D 360 -15.05 2.01 -68.82
CA ALA D 360 -13.65 1.69 -69.17
C ALA D 360 -12.79 1.61 -67.92
N ARG D 361 -12.94 2.54 -66.98
CA ARG D 361 -12.11 2.49 -65.77
C ARG D 361 -12.45 1.30 -64.87
N TRP D 362 -13.73 0.90 -64.86
CA TRP D 362 -14.20 -0.24 -64.08
C TRP D 362 -13.57 -1.53 -64.62
N VAL D 363 -13.57 -1.66 -65.95
CA VAL D 363 -12.97 -2.83 -66.60
C VAL D 363 -11.48 -2.91 -66.29
N ARG D 364 -10.77 -1.80 -66.46
CA ARG D 364 -9.34 -1.78 -66.11
C ARG D 364 -9.07 -2.13 -64.66
N PHE D 365 -9.90 -1.64 -63.74
CA PHE D 365 -9.68 -1.88 -62.32
C PHE D 365 -9.62 -3.38 -62.02
N GLY D 366 -10.55 -4.13 -62.63
CA GLY D 366 -10.63 -5.58 -62.42
C GLY D 366 -9.48 -6.32 -63.08
N ARG D 367 -8.98 -5.78 -64.18
CA ARG D 367 -7.84 -6.36 -64.88
C ARG D 367 -6.52 -6.16 -64.14
N GLN D 368 -6.45 -5.11 -63.33
CA GLN D 368 -5.22 -4.78 -62.58
C GLN D 368 -5.24 -5.27 -61.13
N ILE D 369 -5.98 -6.36 -60.87
CA ILE D 369 -6.06 -7.01 -59.54
C ILE D 369 -6.80 -6.16 -58.49
C1 PRP E . 36.87 5.28 61.62
C2 PRP E . 38.38 5.30 61.37
C3 PRP E . 38.94 4.85 62.73
C4 PRP E . 37.85 5.31 63.72
C5 PRP E . 38.42 6.43 64.57
O1 PRP E . 36.47 3.92 61.64
O2 PRP E . 38.76 4.36 60.36
O3 PRP E . 39.06 3.41 62.81
O4 PRP E . 36.79 5.88 62.93
O5 PRP E . 39.18 7.33 63.71
P PRP E . 40.08 8.48 64.39
O1P PRP E . 39.07 9.18 65.39
O2P PRP E . 41.27 7.78 65.17
O3P PRP E . 40.61 9.44 63.38
PA PRP E . 35.04 3.25 62.10
O1A PRP E . 33.82 4.19 61.97
O2A PRP E . 34.94 2.09 61.20
O3A PRP E . 35.38 2.76 63.57
PB PRP E . 34.51 2.86 64.90
O1B PRP E . 34.17 1.37 65.21
O2B PRP E . 35.70 3.22 65.91
O3B PRP E . 33.39 3.81 64.86
MG MG F . 32.54 4.95 63.38
MG MG G . 33.19 7.16 65.86
C1' SAL H . 45.42 4.08 54.24
O1' SAL H . 44.48 3.73 53.47
O2' SAL H . 45.30 4.72 55.32
C1 SAL H . 46.80 3.66 53.79
C2 SAL H . 47.88 3.83 54.66
C3 SAL H . 49.16 3.44 54.22
C4 SAL H . 49.31 2.89 52.95
C5 SAL H . 48.22 2.73 52.07
C6 SAL H . 46.95 3.11 52.50
O2 SAL H . 47.71 4.37 55.92
C1 PRP I . 2.09 30.29 17.46
C2 PRP I . 3.62 30.30 17.18
C3 PRP I . 4.20 29.83 18.52
C4 PRP I . 3.16 30.34 19.53
C5 PRP I . 3.74 31.53 20.30
O1 PRP I . 1.66 28.95 17.48
O2 PRP I . 4.02 29.39 16.14
O3 PRP I . 4.26 28.38 18.58
O4 PRP I . 1.99 30.82 18.77
O5 PRP I . 4.54 32.33 19.46
P PRP I . 5.34 33.55 20.19
O1P PRP I . 6.52 32.78 20.97
O2P PRP I . 5.95 34.49 19.11
O3P PRP I . 4.41 34.22 21.15
PA PRP I . 0.30 28.29 18.00
O1A PRP I . -0.98 29.22 17.70
O2A PRP I . 0.25 26.97 17.31
O3A PRP I . 0.61 27.97 19.52
PB PRP I . -0.27 27.97 20.81
O1B PRP I . -0.60 26.48 21.04
O2B PRP I . 0.81 28.41 21.83
O3B PRP I . -1.45 28.90 20.72
MG MG J . -2.08 30.06 19.26
MG MG K . -1.40 32.26 21.75
C1' SAL L . 10.92 29.26 10.15
O1' SAL L . 10.92 29.78 11.31
O2' SAL L . 9.93 28.97 9.42
C1 SAL L . 12.22 28.82 9.58
C2 SAL L . 13.33 29.00 10.38
C3 SAL L . 14.56 28.60 9.89
C4 SAL L . 14.65 28.03 8.61
C5 SAL L . 13.52 27.87 7.79
C6 SAL L . 12.28 28.27 8.28
O2 SAL L . 13.15 29.56 11.64
C1 GOL M . 9.63 38.95 15.67
O1 GOL M . 8.43 39.54 16.08
C2 GOL M . 10.04 37.88 16.68
O2 GOL M . 10.81 38.42 17.73
C3 GOL M . 10.87 36.82 15.97
O3 GOL M . 11.86 36.30 16.82
C1 PRP N . 2.71 -33.82 -17.75
C2 PRP N . 3.19 -35.30 -17.59
C3 PRP N . 3.68 -35.65 -19.01
C4 PRP N . 2.86 -34.74 -19.92
C5 PRP N . 1.81 -35.56 -20.70
O1 PRP N . 3.87 -32.99 -17.81
O2 PRP N . 4.30 -35.42 -16.70
O3 PRP N . 5.06 -35.29 -19.13
O4 PRP N . 2.14 -33.79 -19.04
O5 PRP N . 1.23 -36.59 -19.86
P PRP N . 0.32 -37.74 -20.60
O1P PRP N . -0.43 -38.62 -19.53
O2P PRP N . -0.73 -37.00 -21.44
O3P PRP N . 1.20 -38.60 -21.47
PA PRP N . 4.05 -31.49 -18.26
O1A PRP N . 2.79 -30.59 -17.79
O2A PRP N . 5.30 -31.05 -17.63
O3A PRP N . 4.28 -31.59 -19.81
PB PRP N . 3.95 -30.72 -21.08
O1B PRP N . 2.67 -29.82 -20.84
O2B PRP N . 5.22 -29.82 -21.31
O3B PRP N . 3.72 -31.73 -22.15
MG MG O . 1.56 -29.64 -19.23
MG MG P . -0.59 -30.77 -21.64
C1' SAL Q . 6.80 -42.46 -11.39
O1' SAL Q . 6.25 -42.54 -12.53
O2' SAL Q . 6.76 -41.51 -10.56
C1 SAL Q . 7.67 -43.58 -10.96
C2 SAL Q . 7.82 -44.63 -11.85
C3 SAL Q . 8.63 -45.68 -11.46
C4 SAL Q . 9.26 -45.64 -10.21
C5 SAL Q . 9.09 -44.57 -9.32
C6 SAL Q . 8.28 -43.52 -9.70
O2 SAL Q . 7.16 -44.58 -13.08
C1 GOL R . -3.29 -43.66 -16.07
O1 GOL R . -4.29 -42.75 -16.41
C2 GOL R . -2.25 -43.74 -17.19
O2 GOL R . -1.01 -44.13 -16.64
C3 GOL R . -2.69 -44.78 -18.22
O3 GOL R . -2.06 -44.54 -19.47
C1 PRP S . -32.48 -8.54 -61.89
C2 PRP S . -32.00 -10.01 -61.81
C3 PRP S . -31.52 -10.27 -63.24
C4 PRP S . -32.37 -9.33 -64.09
C5 PRP S . -33.27 -10.23 -64.92
O1 PRP S . -31.33 -7.70 -61.97
O2 PRP S . -30.93 -10.20 -60.88
O3 PRP S . -30.15 -9.88 -63.46
O4 PRP S . -33.18 -8.56 -63.14
O5 PRP S . -33.87 -11.25 -64.06
P PRP S . -34.87 -12.27 -64.80
O1P PRP S . -33.95 -13.23 -65.66
O2P PRP S . -35.51 -13.23 -63.68
O3P PRP S . -35.90 -11.47 -65.51
PA PRP S . -31.14 -6.11 -62.33
O1A PRP S . -32.42 -5.20 -62.10
O2A PRP S . -29.98 -5.80 -61.46
O3A PRP S . -30.65 -6.16 -63.82
PB PRP S . -31.14 -5.40 -65.13
O1B PRP S . -32.39 -4.46 -64.90
O2B PRP S . -29.87 -4.47 -65.41
O3B PRP S . -31.29 -6.43 -66.19
MG MG T . -33.60 -4.18 -63.31
MG MG U . -35.78 -5.28 -65.68
C1' SAL V . -28.21 -16.84 -55.38
O1' SAL V . -28.98 -16.85 -56.39
O2' SAL V . -28.06 -15.89 -54.57
C1 SAL V . -27.39 -18.07 -55.11
C2 SAL V . -27.32 -19.08 -56.08
C3 SAL V . -26.56 -20.21 -55.81
C4 SAL V . -25.88 -20.30 -54.59
C5 SAL V . -25.95 -19.29 -53.62
C6 SAL V . -26.72 -18.16 -53.88
O2 SAL V . -27.99 -18.95 -57.28
C1 GOL W . -38.11 -19.05 -62.78
O1 GOL W . -37.04 -19.38 -63.64
C2 GOL W . -37.60 -18.27 -61.56
O2 GOL W . -36.36 -18.78 -61.11
C3 GOL W . -38.61 -18.35 -60.43
O3 GOL W . -39.47 -17.25 -60.60
#